data_7E0L
#
_entry.id   7E0L
#
_cell.length_a   67.950
_cell.length_b   67.950
_cell.length_c   469.260
_cell.angle_alpha   90.000
_cell.angle_beta   90.000
_cell.angle_gamma   90.000
#
_symmetry.space_group_name_H-M   'P 43'
#
loop_
_entity.id
_entity.type
_entity.pdbx_description
1 polymer 'Hydroxylamine reductase'
2 non-polymer 'FE-S-O HYBRID CLUSTER'
3 non-polymer 'IRON/SULFUR CLUSTER'
4 non-polymer 'FE (III) ION'
5 water water
#
_entity_poly.entity_id   1
_entity_poly.type   'polypeptide(L)'
_entity_poly.pdbx_seq_one_letter_code
;MKYRCKVCDYIYDPEVGDPTSGIKPGTPFQELPEDWLCPVCNVGKDQFEPLRGEVRRVRPEDIDMFCYQCSQTVRGRACT
VKGVCGKEATVARLQDNLLFAIKGISAYLYHARELGYTDEVVDAFLERGFYSTLTNVNFDAEEFVSLALEAGEMNLRTMK
LLKKAHMDTYGEPEPAEVRVGALDGPAIIATGHSLKALEELLKQTEGSGVNVYTHSELLPAHGYPGLRKYPHLAGQLGGP
WFDQRETFSRYSAAVLGTSNCVLLPRDSYRDRMFTCGVARLPGVEHVDGYDFSPVIEKALELPPLKEEDSATLTTGFGLS
TILSLADKIKELVEEGKIRRFFLVGG(CSS)DSPLPQAKYYTEFVRKLPEDTVVLTLACGKYRFNSMDLGDIDGIPRLID
LGQCNDSIVAVELVEALSNLFSMDVNELPLSIVLSWMEQKAAAILWSLLSLNLRGMYIGPILPGWANDDIINVLVDKYEL
TPIGDPEEDIKKMMEVDKLAAALEHHHHHH
;
_entity_poly.pdbx_strand_id   A,B,K,M
#
# COMPACT_ATOMS: atom_id res chain seq x y z
N MET A 1 4.87 46.28 -9.46
CA MET A 1 4.48 44.93 -9.09
C MET A 1 3.17 44.52 -9.74
N LYS A 2 3.04 43.22 -9.99
CA LYS A 2 1.75 42.67 -10.38
C LYS A 2 0.91 42.36 -9.14
N TYR A 3 -0.41 42.37 -9.33
CA TYR A 3 -1.34 42.27 -8.22
C TYR A 3 -2.33 41.15 -8.49
N ARG A 4 -2.63 40.38 -7.45
CA ARG A 4 -3.53 39.23 -7.51
C ARG A 4 -4.81 39.50 -6.75
N CYS A 5 -5.94 39.18 -7.38
CA CYS A 5 -7.23 39.21 -6.71
C CYS A 5 -7.31 38.08 -5.69
N LYS A 6 -7.65 38.40 -4.44
CA LYS A 6 -7.83 37.35 -3.45
C LYS A 6 -9.08 36.51 -3.73
N VAL A 7 -10.05 37.06 -4.43
CA VAL A 7 -11.32 36.37 -4.64
C VAL A 7 -11.26 35.43 -5.85
N CYS A 8 -10.75 35.92 -6.99
CA CYS A 8 -10.80 35.14 -8.23
C CYS A 8 -9.44 34.98 -8.90
N ASP A 9 -8.35 35.45 -8.27
CA ASP A 9 -6.99 35.24 -8.77
C ASP A 9 -6.79 35.82 -10.16
N TYR A 10 -7.58 36.83 -10.54
CA TYR A 10 -7.30 37.60 -11.74
C TYR A 10 -6.06 38.47 -11.48
N ILE A 11 -5.05 38.34 -12.32
CA ILE A 11 -3.80 39.06 -12.15
C ILE A 11 -3.87 40.38 -12.91
N TYR A 12 -3.77 41.50 -12.18
CA TYR A 12 -3.58 42.79 -12.81
C TYR A 12 -2.10 42.98 -13.14
N ASP A 13 -1.80 43.15 -14.42
CA ASP A 13 -0.44 43.29 -14.90
C ASP A 13 -0.21 44.71 -15.38
N PRO A 14 0.67 45.49 -14.75
CA PRO A 14 0.87 46.88 -15.18
C PRO A 14 1.41 47.03 -16.59
N GLU A 15 1.84 45.94 -17.23
CA GLU A 15 2.29 46.03 -18.61
C GLU A 15 1.13 46.08 -19.60
N VAL A 16 0.04 45.39 -19.27
CA VAL A 16 -1.14 45.34 -20.12
C VAL A 16 -2.13 46.43 -19.74
N GLY A 17 -2.29 46.66 -18.44
CA GLY A 17 -3.36 47.52 -17.97
C GLY A 17 -4.67 46.76 -17.94
N ASP A 18 -5.76 47.47 -18.22
CA ASP A 18 -7.08 46.85 -18.29
C ASP A 18 -7.85 47.52 -19.42
N PRO A 19 -7.73 46.99 -20.64
CA PRO A 19 -8.39 47.64 -21.79
C PRO A 19 -9.89 47.68 -21.66
N THR A 20 -10.51 46.70 -20.99
CA THR A 20 -11.96 46.62 -20.94
C THR A 20 -12.58 47.73 -20.11
N SER A 21 -11.85 48.31 -19.16
CA SER A 21 -12.41 49.33 -18.29
C SER A 21 -11.95 50.76 -18.61
N GLY A 22 -10.84 50.94 -19.30
CA GLY A 22 -10.37 52.28 -19.57
C GLY A 22 -8.91 52.53 -19.18
N ILE A 23 -8.29 51.52 -18.57
CA ILE A 23 -6.92 51.63 -18.07
C ILE A 23 -5.94 51.36 -19.21
N LYS A 24 -5.37 52.44 -19.76
CA LYS A 24 -4.41 52.31 -20.85
C LYS A 24 -3.21 51.47 -20.44
N PRO A 25 -2.60 50.75 -21.39
CA PRO A 25 -1.48 49.86 -21.06
C PRO A 25 -0.29 50.63 -20.51
N GLY A 26 0.08 50.33 -19.27
CA GLY A 26 1.25 50.94 -18.66
C GLY A 26 1.01 51.51 -17.28
N THR A 27 -0.23 51.46 -16.81
CA THR A 27 -0.61 52.13 -15.56
C THR A 27 -0.21 51.29 -14.36
N PRO A 28 0.51 51.85 -13.39
CA PRO A 28 0.77 51.11 -12.16
C PRO A 28 -0.51 50.87 -11.37
N PHE A 29 -0.46 49.90 -10.46
CA PHE A 29 -1.64 49.54 -9.71
C PHE A 29 -2.11 50.67 -8.81
N GLN A 30 -1.17 51.39 -8.19
CA GLN A 30 -1.58 52.43 -7.25
C GLN A 30 -1.95 53.72 -7.97
N GLU A 31 -1.81 53.77 -9.29
CA GLU A 31 -2.29 54.89 -10.10
C GLU A 31 -3.59 54.56 -10.81
N LEU A 32 -4.40 53.63 -10.22
CA LEU A 32 -5.71 53.16 -10.60
C LEU A 32 -6.79 53.95 -9.86
N PRO A 33 -7.97 54.11 -10.47
CA PRO A 33 -9.05 54.84 -9.79
C PRO A 33 -9.47 54.12 -8.52
N GLU A 34 -10.07 54.89 -7.61
CA GLU A 34 -10.58 54.29 -6.38
C GLU A 34 -11.69 53.31 -6.68
N ASP A 35 -12.55 53.63 -7.64
CA ASP A 35 -13.69 52.79 -7.99
C ASP A 35 -13.36 51.78 -9.07
N TRP A 36 -12.09 51.40 -9.22
CA TRP A 36 -11.74 50.32 -10.14
C TRP A 36 -12.01 48.99 -9.46
N LEU A 37 -12.68 48.09 -10.17
CA LEU A 37 -13.03 46.78 -9.64
C LEU A 37 -12.46 45.70 -10.56
N CYS A 38 -12.38 44.47 -10.03
CA CYS A 38 -11.87 43.36 -10.81
C CYS A 38 -12.77 43.10 -12.02
N PRO A 39 -12.21 42.99 -13.23
CA PRO A 39 -13.05 42.76 -14.41
C PRO A 39 -13.67 41.38 -14.50
N VAL A 40 -13.42 40.48 -13.54
CA VAL A 40 -13.93 39.12 -13.58
C VAL A 40 -15.03 38.91 -12.54
N CYS A 41 -14.76 39.27 -11.29
CA CYS A 41 -15.73 39.10 -10.23
C CYS A 41 -16.18 40.42 -9.63
N ASN A 42 -15.68 41.55 -10.13
CA ASN A 42 -16.20 42.87 -9.76
C ASN A 42 -16.03 43.16 -8.27
N VAL A 43 -14.91 42.73 -7.70
CA VAL A 43 -14.54 43.10 -6.35
C VAL A 43 -13.50 44.20 -6.47
N GLY A 44 -13.51 45.12 -5.52
CA GLY A 44 -12.75 46.34 -5.64
C GLY A 44 -11.25 46.16 -5.54
N LYS A 45 -10.56 47.30 -5.62
CA LYS A 45 -9.12 47.38 -5.37
C LYS A 45 -8.76 46.89 -3.98
N ASP A 46 -9.73 46.94 -3.05
CA ASP A 46 -9.47 46.58 -1.66
C ASP A 46 -8.98 45.14 -1.54
N GLN A 47 -9.60 44.21 -2.26
CA GLN A 47 -9.26 42.80 -2.17
C GLN A 47 -8.17 42.40 -3.15
N PHE A 48 -7.12 43.21 -3.31
CA PHE A 48 -6.03 42.92 -4.22
C PHE A 48 -4.70 43.00 -3.47
N GLU A 49 -3.92 41.92 -3.52
CA GLU A 49 -2.63 41.89 -2.85
C GLU A 49 -1.51 41.81 -3.88
N PRO A 50 -0.34 42.39 -3.63
CA PRO A 50 0.77 42.30 -4.60
C PRO A 50 1.20 40.86 -4.83
N LEU A 51 1.26 40.46 -6.11
CA LEU A 51 1.56 39.10 -6.52
C LEU A 51 2.83 38.58 -5.85
N ARG A 52 2.75 38.37 -4.55
CA ARG A 52 3.83 37.80 -3.76
C ARG A 52 3.55 36.33 -3.54
N GLY A 53 4.58 35.51 -3.65
CA GLY A 53 4.40 34.06 -3.56
C GLY A 53 3.62 33.54 -4.75
N GLU A 54 4.17 33.72 -5.95
CA GLU A 54 3.52 33.30 -7.18
C GLU A 54 3.47 31.78 -7.27
N VAL A 55 4.05 31.11 -6.28
CA VAL A 55 4.09 29.66 -6.26
C VAL A 55 2.68 29.09 -6.24
N ARG A 56 2.41 28.13 -7.13
CA ARG A 56 1.18 27.37 -7.14
C ARG A 56 1.54 25.90 -7.29
N ARG A 57 0.84 25.05 -6.53
CA ARG A 57 1.17 23.63 -6.49
C ARG A 57 -0.05 22.79 -6.85
N VAL A 58 -0.36 21.79 -6.02
CA VAL A 58 -1.48 20.88 -6.27
C VAL A 58 -2.77 21.59 -5.87
N ARG A 59 -3.61 21.89 -6.86
CA ARG A 59 -4.92 22.50 -6.64
C ARG A 59 -6.04 21.50 -6.36
N PRO A 60 -6.10 20.33 -7.00
CA PRO A 60 -7.17 19.37 -6.68
C PRO A 60 -7.24 19.11 -5.19
N GLU A 61 -8.49 18.97 -4.70
CA GLU A 61 -8.92 18.79 -3.31
C GLU A 61 -8.26 19.76 -2.33
N ASP A 62 -7.27 20.51 -2.78
CA ASP A 62 -6.66 21.53 -1.93
C ASP A 62 -7.27 22.89 -2.27
N ILE A 63 -8.59 22.90 -2.20
CA ILE A 63 -9.41 24.11 -2.36
C ILE A 63 -9.54 24.80 -1.03
N ASP A 64 -9.17 26.08 -0.96
CA ASP A 64 -9.17 26.80 0.30
C ASP A 64 -10.55 26.80 0.95
N MET A 65 -11.60 26.90 0.13
CA MET A 65 -12.99 26.91 0.60
C MET A 65 -13.87 26.69 -0.61
N PHE A 66 -15.17 26.54 -0.35
CA PHE A 66 -16.13 26.33 -1.43
C PHE A 66 -17.48 26.92 -1.04
N CYS A 67 -18.11 27.61 -1.98
CA CYS A 67 -19.41 28.23 -1.77
C CYS A 67 -19.94 28.76 -3.09
N TYR A 68 -21.14 28.30 -3.49
CA TYR A 68 -21.74 28.73 -4.74
C TYR A 68 -23.24 28.98 -4.57
N GLN A 69 -23.65 29.46 -3.39
CA GLN A 69 -25.06 29.63 -3.07
C GLN A 69 -25.68 30.92 -3.61
N CYS A 70 -24.88 31.87 -4.08
CA CYS A 70 -25.43 33.16 -4.51
C CYS A 70 -24.92 33.52 -5.90
N SER A 71 -25.61 34.49 -6.52
CA SER A 71 -25.28 34.91 -7.88
C SER A 71 -23.97 35.67 -7.98
N GLN A 72 -23.49 36.25 -6.88
CA GLN A 72 -22.23 36.98 -6.90
C GLN A 72 -21.04 36.06 -7.10
N THR A 73 -21.25 34.75 -6.98
CA THR A 73 -20.20 33.75 -6.99
C THR A 73 -19.28 33.92 -8.20
N VAL A 74 -17.99 33.67 -7.97
CA VAL A 74 -16.96 33.87 -8.98
C VAL A 74 -17.28 33.05 -10.22
N ARG A 75 -17.22 33.69 -11.39
CA ARG A 75 -17.45 33.04 -12.69
C ARG A 75 -18.79 32.34 -12.76
N GLY A 76 -19.70 32.61 -11.82
CA GLY A 76 -20.97 31.91 -11.81
C GLY A 76 -20.83 30.42 -11.58
N ARG A 77 -19.73 29.99 -10.96
CA ARG A 77 -19.44 28.57 -10.76
C ARG A 77 -19.21 28.24 -9.29
N ALA A 78 -18.23 28.87 -8.64
CA ALA A 78 -17.94 28.60 -7.24
C ALA A 78 -16.93 29.61 -6.73
N CYS A 79 -17.17 30.14 -5.52
CA CYS A 79 -16.15 30.86 -4.79
C CYS A 79 -15.25 29.86 -4.08
N THR A 80 -13.94 29.98 -4.31
CA THR A 80 -13.01 28.95 -3.86
C THR A 80 -11.80 29.47 -3.09
N VAL A 81 -11.66 30.78 -2.93
CA VAL A 81 -10.55 31.31 -2.15
C VAL A 81 -11.10 32.32 -1.14
N LYS A 82 -11.86 33.28 -1.65
CA LYS A 82 -12.56 34.27 -0.84
C LYS A 82 -13.87 34.60 -1.53
N GLY A 83 -14.88 34.94 -0.75
CA GLY A 83 -16.17 35.27 -1.31
C GLY A 83 -16.19 36.66 -1.92
N VAL A 84 -16.82 36.76 -3.09
CA VAL A 84 -17.14 38.06 -3.67
C VAL A 84 -17.91 38.91 -2.67
N CYS A 85 -18.74 38.26 -1.85
CA CYS A 85 -19.50 38.92 -0.80
C CYS A 85 -18.63 39.36 0.38
N GLY A 86 -17.41 38.83 0.49
CA GLY A 86 -16.52 39.21 1.56
C GLY A 86 -16.27 38.14 2.61
N LYS A 87 -16.91 36.97 2.51
CA LYS A 87 -16.73 35.93 3.52
C LYS A 87 -15.42 35.20 3.30
N GLU A 88 -14.66 35.00 4.37
CA GLU A 88 -13.38 34.31 4.30
C GLU A 88 -13.57 32.80 4.39
N ALA A 89 -12.47 32.08 4.19
CA ALA A 89 -12.51 30.62 4.16
C ALA A 89 -12.87 30.05 5.51
N THR A 90 -12.28 30.60 6.58
CA THR A 90 -12.58 30.11 7.93
C THR A 90 -14.07 30.27 8.25
N VAL A 91 -14.67 31.39 7.86
CA VAL A 91 -16.07 31.62 8.16
C VAL A 91 -16.95 30.67 7.34
N ALA A 92 -16.59 30.43 6.08
CA ALA A 92 -17.34 29.48 5.28
C ALA A 92 -17.29 28.08 5.87
N ARG A 93 -16.11 27.67 6.33
CA ARG A 93 -15.97 26.36 6.94
C ARG A 93 -16.73 26.27 8.26
N LEU A 94 -16.77 27.37 9.03
CA LEU A 94 -17.56 27.37 10.26
C LEU A 94 -19.05 27.29 9.97
N GLN A 95 -19.50 27.96 8.90
CA GLN A 95 -20.90 27.86 8.49
C GLN A 95 -21.24 26.43 8.08
N ASP A 96 -20.36 25.79 7.31
CA ASP A 96 -20.63 24.40 6.93
C ASP A 96 -20.63 23.48 8.15
N ASN A 97 -19.75 23.75 9.12
CA ASN A 97 -19.73 23.01 10.37
C ASN A 97 -21.07 23.10 11.09
N LEU A 98 -21.56 24.33 11.29
CA LEU A 98 -22.86 24.51 11.93
C LEU A 98 -23.96 23.81 11.14
N LEU A 99 -23.88 23.86 9.81
CA LEU A 99 -24.87 23.18 8.98
C LEU A 99 -24.87 21.68 9.25
N PHE A 100 -23.69 21.07 9.35
CA PHE A 100 -23.63 19.62 9.61
C PHE A 100 -24.18 19.28 10.99
N ALA A 101 -23.84 20.10 12.00
CA ALA A 101 -24.36 19.85 13.33
C ALA A 101 -25.88 19.90 13.33
N ILE A 102 -26.46 20.92 12.69
CA ILE A 102 -27.91 21.03 12.65
C ILE A 102 -28.52 19.93 11.80
N LYS A 103 -27.79 19.43 10.80
CA LYS A 103 -28.28 18.28 10.04
C LYS A 103 -28.46 17.07 10.95
N GLY A 104 -27.46 16.78 11.78
CA GLY A 104 -27.62 15.70 12.74
C GLY A 104 -28.77 15.94 13.70
N ILE A 105 -28.89 17.17 14.19
CA ILE A 105 -30.01 17.51 15.07
C ILE A 105 -31.35 17.26 14.37
N SER A 106 -31.44 17.63 13.10
CA SER A 106 -32.68 17.45 12.34
C SER A 106 -33.01 15.98 12.17
N ALA A 107 -31.98 15.15 11.98
CA ALA A 107 -32.20 13.71 11.90
C ALA A 107 -32.84 13.18 13.18
N TYR A 108 -32.22 13.51 14.33
CA TYR A 108 -32.81 13.07 15.59
C TYR A 108 -34.19 13.67 15.82
N LEU A 109 -34.42 14.90 15.35
CA LEU A 109 -35.74 15.52 15.48
C LEU A 109 -36.79 14.76 14.68
N TYR A 110 -36.46 14.39 13.44
CA TYR A 110 -37.38 13.60 12.64
C TYR A 110 -37.73 12.29 13.33
N HIS A 111 -36.71 11.61 13.87
CA HIS A 111 -36.99 10.33 14.53
C HIS A 111 -37.84 10.52 15.77
N ALA A 112 -37.62 11.62 16.51
CA ALA A 112 -38.47 11.91 17.67
C ALA A 112 -39.90 12.21 17.24
N ARG A 113 -40.05 12.99 16.16
CA ARG A 113 -41.37 13.37 15.67
C ARG A 113 -42.15 12.16 15.17
N GLU A 114 -41.45 11.14 14.65
CA GLU A 114 -42.09 9.87 14.31
C GLU A 114 -42.90 9.31 15.48
N LEU A 115 -42.50 9.64 16.70
CA LEU A 115 -43.17 9.15 17.91
C LEU A 115 -44.08 10.19 18.51
N GLY A 116 -44.36 11.27 17.78
CA GLY A 116 -45.17 12.35 18.30
C GLY A 116 -44.47 13.24 19.30
N TYR A 117 -43.14 13.27 19.30
CA TYR A 117 -42.37 14.05 20.26
C TYR A 117 -41.67 15.20 19.53
N THR A 118 -41.94 16.43 19.97
CA THR A 118 -41.47 17.64 19.33
C THR A 118 -41.01 18.63 20.39
N ASP A 119 -40.06 19.47 20.02
CA ASP A 119 -39.57 20.52 20.88
C ASP A 119 -39.49 21.81 20.06
N GLU A 120 -40.20 22.84 20.53
CA GLU A 120 -40.33 24.07 19.77
C GLU A 120 -39.03 24.87 19.75
N VAL A 121 -38.33 24.91 20.89
CA VAL A 121 -37.13 25.72 20.98
C VAL A 121 -36.04 25.19 20.04
N VAL A 122 -36.01 23.88 19.82
CA VAL A 122 -35.00 23.32 18.94
C VAL A 122 -35.27 23.71 17.50
N ASP A 123 -36.53 23.70 17.08
CA ASP A 123 -36.87 24.13 15.71
C ASP A 123 -36.59 25.61 15.51
N ALA A 124 -36.88 26.41 16.54
CA ALA A 124 -36.50 27.83 16.50
C ALA A 124 -35.00 27.98 16.31
N PHE A 125 -34.21 27.18 17.02
CA PHE A 125 -32.76 27.25 16.85
C PHE A 125 -32.33 26.78 15.46
N LEU A 126 -32.99 25.76 14.92
CA LEU A 126 -32.71 25.34 13.55
C LEU A 126 -32.86 26.52 12.59
N GLU A 127 -34.04 27.14 12.58
CA GLU A 127 -34.26 28.30 11.74
C GLU A 127 -33.18 29.34 11.95
N ARG A 128 -32.88 29.63 13.22
CA ARG A 128 -31.89 30.67 13.54
C ARG A 128 -30.53 30.34 12.94
N GLY A 129 -30.11 29.08 13.05
CA GLY A 129 -28.82 28.68 12.52
C GLY A 129 -28.76 28.77 11.01
N PHE A 130 -29.79 28.28 10.32
CA PHE A 130 -29.78 28.34 8.86
C PHE A 130 -29.75 29.78 8.39
N TYR A 131 -30.47 30.67 9.09
CA TYR A 131 -30.44 32.10 8.77
C TYR A 131 -29.06 32.67 9.06
N SER A 132 -28.38 32.16 10.09
CA SER A 132 -27.04 32.66 10.35
C SER A 132 -26.08 32.33 9.23
N THR A 133 -26.33 31.25 8.48
CA THR A 133 -25.46 30.88 7.38
C THR A 133 -26.02 31.28 6.02
N LEU A 134 -26.90 32.28 5.95
CA LEU A 134 -27.35 32.78 4.67
C LEU A 134 -26.22 33.65 4.09
N THR A 135 -26.50 34.38 3.01
CA THR A 135 -25.42 35.02 2.26
C THR A 135 -24.79 36.17 3.05
N ASN A 136 -25.56 37.20 3.35
CA ASN A 136 -24.94 38.37 3.98
C ASN A 136 -25.56 38.67 5.33
N VAL A 137 -25.40 37.73 6.27
CA VAL A 137 -25.98 37.83 7.61
C VAL A 137 -24.89 37.88 8.67
N ASN A 138 -23.97 36.91 8.64
CA ASN A 138 -22.98 36.73 9.69
C ASN A 138 -21.61 36.55 9.04
N PHE A 139 -20.65 37.38 9.47
CA PHE A 139 -19.25 37.22 9.06
C PHE A 139 -18.34 37.10 10.27
N ASP A 140 -18.91 36.93 11.46
CA ASP A 140 -18.15 36.86 12.70
C ASP A 140 -17.87 35.40 13.05
N ALA A 141 -16.59 35.03 13.04
CA ALA A 141 -16.22 33.64 13.28
C ALA A 141 -16.45 33.22 14.72
N GLU A 142 -16.12 34.10 15.67
CA GLU A 142 -16.33 33.79 17.08
C GLU A 142 -17.80 33.48 17.35
N GLU A 143 -18.70 34.21 16.71
CA GLU A 143 -20.13 33.94 16.87
C GLU A 143 -20.51 32.58 16.30
N PHE A 144 -19.85 32.14 15.24
CA PHE A 144 -20.12 30.80 14.72
C PHE A 144 -19.54 29.72 15.62
N VAL A 145 -18.45 30.01 16.34
CA VAL A 145 -18.00 29.08 17.37
C VAL A 145 -19.06 28.98 18.47
N SER A 146 -19.56 30.14 18.92
CA SER A 146 -20.63 30.17 19.90
C SER A 146 -21.85 29.37 19.42
N LEU A 147 -22.18 29.50 18.14
CA LEU A 147 -23.35 28.79 17.61
C LEU A 147 -23.09 27.31 17.48
N ALA A 148 -21.85 26.90 17.21
CA ALA A 148 -21.55 25.48 17.23
C ALA A 148 -21.73 24.92 18.63
N LEU A 149 -21.30 25.66 19.66
CA LEU A 149 -21.51 25.19 21.02
C LEU A 149 -23.00 25.17 21.38
N GLU A 150 -23.74 26.19 20.95
CA GLU A 150 -25.18 26.22 21.19
C GLU A 150 -25.86 25.06 20.47
N ALA A 151 -25.38 24.72 19.27
CA ALA A 151 -25.91 23.56 18.57
C ALA A 151 -25.61 22.27 19.32
N GLY A 152 -24.43 22.19 19.94
CA GLY A 152 -24.16 21.05 20.81
C GLY A 152 -25.17 20.95 21.94
N GLU A 153 -25.47 22.08 22.58
CA GLU A 153 -26.44 22.06 23.67
C GLU A 153 -27.84 21.67 23.18
N MET A 154 -28.27 22.24 22.05
CA MET A 154 -29.56 21.89 21.49
C MET A 154 -29.61 20.42 21.07
N ASN A 155 -28.47 19.87 20.64
CA ASN A 155 -28.41 18.45 20.29
C ASN A 155 -28.52 17.58 21.53
N LEU A 156 -27.89 18.00 22.63
CA LEU A 156 -28.09 17.35 23.92
C LEU A 156 -29.58 17.30 24.27
N ARG A 157 -30.25 18.45 24.15
CA ARG A 157 -31.68 18.52 24.45
C ARG A 157 -32.47 17.60 23.53
N THR A 158 -32.11 17.57 22.25
CA THR A 158 -32.83 16.74 21.28
C THR A 158 -32.63 15.26 21.59
N MET A 159 -31.41 14.85 21.93
CA MET A 159 -31.16 13.45 22.27
C MET A 159 -31.90 13.06 23.54
N LYS A 160 -31.99 13.97 24.50
CA LYS A 160 -32.78 13.68 25.71
C LYS A 160 -34.25 13.48 25.38
N LEU A 161 -34.82 14.38 24.54
CA LEU A 161 -36.21 14.25 24.16
C LEU A 161 -36.43 12.95 23.41
N LEU A 162 -35.49 12.59 22.54
CA LEU A 162 -35.60 11.34 21.78
C LEU A 162 -35.54 10.14 22.71
N LYS A 163 -34.66 10.17 23.71
CA LYS A 163 -34.59 9.07 24.66
C LYS A 163 -35.88 8.95 25.46
N LYS A 164 -36.47 10.09 25.84
CA LYS A 164 -37.75 10.06 26.54
C LYS A 164 -38.83 9.45 25.65
N ALA A 165 -38.83 9.81 24.37
CA ALA A 165 -39.76 9.20 23.42
C ALA A 165 -39.59 7.68 23.38
N HIS A 166 -38.35 7.23 23.21
CA HIS A 166 -38.08 5.80 23.13
C HIS A 166 -38.52 5.07 24.40
N MET A 167 -38.23 5.65 25.56
CA MET A 167 -38.57 5.01 26.83
C MET A 167 -40.07 5.02 27.08
N ASP A 168 -40.77 6.06 26.63
CA ASP A 168 -42.21 6.07 26.81
C ASP A 168 -42.91 5.10 25.86
N THR A 169 -42.36 4.90 24.67
CA THR A 169 -43.00 4.04 23.68
C THR A 169 -42.62 2.58 23.82
N TYR A 170 -41.44 2.29 24.38
CA TYR A 170 -40.94 0.91 24.40
C TYR A 170 -40.39 0.47 25.74
N GLY A 171 -40.34 1.35 26.74
CA GLY A 171 -39.77 1.01 28.02
C GLY A 171 -38.27 1.28 28.09
N GLU A 172 -37.73 1.14 29.29
CA GLU A 172 -36.29 1.33 29.45
C GLU A 172 -35.55 0.09 29.00
N PRO A 173 -34.55 0.21 28.13
CA PRO A 173 -33.80 -0.97 27.69
C PRO A 173 -33.04 -1.63 28.84
N GLU A 174 -32.90 -2.94 28.74
CA GLU A 174 -32.14 -3.75 29.68
C GLU A 174 -31.28 -4.73 28.92
N PRO A 175 -30.16 -5.17 29.49
CA PRO A 175 -29.24 -6.05 28.77
C PRO A 175 -29.96 -7.24 28.12
N ALA A 176 -29.52 -7.59 26.92
CA ALA A 176 -30.11 -8.67 26.15
C ALA A 176 -29.01 -9.40 25.40
N GLU A 177 -29.11 -10.73 25.42
CA GLU A 177 -28.23 -11.61 24.65
C GLU A 177 -28.92 -11.92 23.33
N VAL A 178 -28.43 -11.31 22.25
CA VAL A 178 -29.04 -11.41 20.93
C VAL A 178 -28.21 -12.35 20.07
N ARG A 179 -28.90 -13.29 19.42
CA ARG A 179 -28.27 -14.22 18.49
C ARG A 179 -27.93 -13.55 17.17
N VAL A 180 -26.65 -13.59 16.81
CA VAL A 180 -26.21 -13.18 15.48
C VAL A 180 -26.08 -14.46 14.66
N GLY A 181 -26.95 -14.61 13.69
CA GLY A 181 -27.07 -15.83 12.91
C GLY A 181 -28.52 -16.07 12.53
N ALA A 182 -28.70 -16.77 11.41
CA ALA A 182 -30.02 -16.92 10.82
C ALA A 182 -30.78 -18.08 11.45
N LEU A 183 -32.10 -18.00 11.35
CA LEU A 183 -32.99 -19.11 11.66
C LEU A 183 -33.62 -19.62 10.38
N ASP A 184 -34.33 -20.74 10.49
CA ASP A 184 -35.10 -21.26 9.38
C ASP A 184 -36.38 -20.44 9.21
N GLY A 185 -36.70 -20.12 7.97
CA GLY A 185 -37.92 -19.39 7.67
C GLY A 185 -37.67 -18.11 6.89
N PRO A 186 -38.73 -17.56 6.30
CA PRO A 186 -38.62 -16.28 5.58
C PRO A 186 -38.06 -15.18 6.47
N ALA A 187 -37.39 -14.22 5.85
CA ALA A 187 -36.65 -13.22 6.62
C ALA A 187 -36.81 -11.81 6.05
N ILE A 188 -36.88 -10.85 6.97
CA ILE A 188 -36.75 -9.44 6.66
C ILE A 188 -35.62 -8.88 7.52
N ILE A 189 -34.62 -8.30 6.89
CA ILE A 189 -33.53 -7.61 7.58
C ILE A 189 -33.81 -6.12 7.51
N ALA A 190 -33.78 -5.45 8.66
CA ALA A 190 -34.03 -4.03 8.77
C ALA A 190 -32.75 -3.31 9.16
N THR A 191 -32.42 -2.25 8.44
CA THR A 191 -31.24 -1.42 8.69
C THR A 191 -31.66 0.00 9.03
N GLY A 192 -30.87 0.65 9.88
CA GLY A 192 -31.06 2.06 10.20
C GLY A 192 -31.26 2.33 11.67
N HIS A 193 -31.90 3.45 12.00
CA HIS A 193 -32.11 3.87 13.37
C HIS A 193 -33.55 3.87 13.80
N SER A 194 -34.49 3.99 12.85
CA SER A 194 -35.90 4.17 13.17
C SER A 194 -36.47 2.97 13.91
N LEU A 195 -36.67 3.11 15.22
CA LEU A 195 -37.34 2.07 15.98
C LEU A 195 -38.84 2.04 15.73
N LYS A 196 -39.44 3.16 15.31
CA LYS A 196 -40.88 3.15 15.05
C LYS A 196 -41.22 2.30 13.84
N ALA A 197 -40.43 2.41 12.76
CA ALA A 197 -40.64 1.55 11.60
C ALA A 197 -40.50 0.09 11.98
N LEU A 198 -39.52 -0.23 12.82
CA LEU A 198 -39.33 -1.61 13.27
C LEU A 198 -40.52 -2.08 14.10
N GLU A 199 -41.04 -1.21 14.96
CA GLU A 199 -42.20 -1.59 15.78
C GLU A 199 -43.40 -1.86 14.90
N GLU A 200 -43.65 -1.00 13.91
CA GLU A 200 -44.77 -1.21 13.00
C GLU A 200 -44.59 -2.50 12.22
N LEU A 201 -43.35 -2.78 11.79
CA LEU A 201 -43.08 -4.01 11.07
C LEU A 201 -43.35 -5.24 11.94
N LEU A 202 -42.89 -5.19 13.20
CA LEU A 202 -43.11 -6.32 14.10
C LEU A 202 -44.58 -6.52 14.41
N LYS A 203 -45.34 -5.44 14.55
CA LYS A 203 -46.79 -5.58 14.75
C LYS A 203 -47.46 -6.16 13.51
N GLN A 204 -47.05 -5.73 12.33
CA GLN A 204 -47.64 -6.25 11.10
C GLN A 204 -47.21 -7.69 10.81
N THR A 205 -46.18 -8.20 11.47
CA THR A 205 -45.67 -9.54 11.22
C THR A 205 -46.05 -10.53 12.32
N GLU A 206 -46.87 -10.13 13.27
CA GLU A 206 -47.31 -11.05 14.33
C GLU A 206 -48.28 -12.07 13.76
N GLY A 207 -47.87 -13.34 13.73
CA GLY A 207 -48.64 -14.42 13.17
C GLY A 207 -48.22 -14.83 11.77
N SER A 208 -47.61 -13.92 11.02
CA SER A 208 -47.12 -14.26 9.68
C SER A 208 -46.02 -15.32 9.72
N GLY A 209 -45.34 -15.45 10.86
CA GLY A 209 -44.31 -16.46 11.01
C GLY A 209 -42.99 -16.13 10.36
N VAL A 210 -42.86 -14.98 9.71
CA VAL A 210 -41.58 -14.56 9.15
C VAL A 210 -40.75 -13.91 10.24
N ASN A 211 -39.46 -14.22 10.25
CA ASN A 211 -38.57 -13.73 11.30
C ASN A 211 -37.89 -12.45 10.85
N VAL A 212 -37.80 -11.50 11.78
CA VAL A 212 -37.22 -10.18 11.53
C VAL A 212 -35.88 -10.11 12.24
N TYR A 213 -34.85 -9.70 11.52
CA TYR A 213 -33.51 -9.57 12.06
C TYR A 213 -33.07 -8.11 12.00
N THR A 214 -32.30 -7.69 13.00
CA THR A 214 -31.76 -6.34 13.01
C THR A 214 -30.37 -6.31 12.39
N HIS A 215 -30.01 -5.15 11.85
CA HIS A 215 -28.72 -4.97 11.19
C HIS A 215 -28.16 -3.59 11.49
N SER A 216 -26.84 -3.54 11.72
CA SER A 216 -26.12 -2.29 11.91
C SER A 216 -26.58 -1.55 13.17
N GLU A 217 -27.59 -0.69 13.02
CA GLU A 217 -28.01 0.19 14.10
C GLU A 217 -29.33 -0.18 14.78
N LEU A 218 -30.07 -1.18 14.28
CA LEU A 218 -31.28 -1.61 14.95
C LEU A 218 -31.03 -2.68 16.00
N LEU A 219 -29.77 -3.04 16.23
CA LEU A 219 -29.43 -3.99 17.29
C LEU A 219 -29.91 -3.56 18.67
N PRO A 220 -29.72 -2.32 19.12
CA PRO A 220 -30.16 -1.96 20.47
C PRO A 220 -31.64 -2.21 20.72
N ALA A 221 -32.43 -2.36 19.66
CA ALA A 221 -33.85 -2.64 19.83
C ALA A 221 -34.09 -3.89 20.66
N HIS A 222 -33.14 -4.83 20.67
CA HIS A 222 -33.34 -6.04 21.45
C HIS A 222 -33.38 -5.78 22.95
N GLY A 223 -32.95 -4.60 23.40
CA GLY A 223 -33.01 -4.28 24.82
C GLY A 223 -34.32 -3.69 25.26
N TYR A 224 -35.05 -3.09 24.32
CA TYR A 224 -36.31 -2.43 24.64
C TYR A 224 -37.40 -3.44 24.94
N PRO A 225 -38.01 -3.42 26.14
CA PRO A 225 -39.04 -4.41 26.48
C PRO A 225 -40.20 -4.46 25.51
N GLY A 226 -40.58 -3.32 24.92
CA GLY A 226 -41.66 -3.28 23.97
C GLY A 226 -41.34 -3.82 22.60
N LEU A 227 -40.05 -4.05 22.32
CA LEU A 227 -39.61 -4.61 21.04
C LEU A 227 -39.17 -6.05 21.17
N ARG A 228 -38.49 -6.40 22.26
CA ARG A 228 -38.11 -7.80 22.50
C ARG A 228 -39.31 -8.66 22.86
N LYS A 229 -40.46 -8.06 23.15
CA LYS A 229 -41.67 -8.81 23.47
C LYS A 229 -42.23 -9.56 22.26
N TYR A 230 -41.81 -9.19 21.06
CA TYR A 230 -42.28 -9.86 19.86
C TYR A 230 -41.42 -11.07 19.57
N PRO A 231 -42.00 -12.29 19.55
CA PRO A 231 -41.17 -13.48 19.32
C PRO A 231 -40.45 -13.49 17.97
N HIS A 232 -41.10 -13.05 16.91
CA HIS A 232 -40.54 -13.04 15.56
C HIS A 232 -39.39 -12.02 15.40
N LEU A 233 -38.94 -11.39 16.48
CA LEU A 233 -37.70 -10.61 16.47
C LEU A 233 -36.59 -11.60 16.77
N ALA A 234 -36.06 -12.22 15.72
CA ALA A 234 -35.18 -13.37 15.90
C ALA A 234 -33.85 -12.97 16.51
N GLY A 235 -33.12 -12.07 15.85
CA GLY A 235 -31.85 -11.62 16.38
C GLY A 235 -31.13 -10.71 15.40
N GLN A 236 -29.83 -10.56 15.62
CA GLN A 236 -28.99 -9.77 14.73
C GLN A 236 -28.57 -10.62 13.53
N LEU A 237 -28.17 -9.95 12.46
CA LEU A 237 -27.74 -10.62 11.24
C LEU A 237 -26.92 -9.64 10.42
N GLY A 238 -25.68 -10.03 10.09
CA GLY A 238 -24.72 -9.07 9.59
C GLY A 238 -24.15 -8.24 10.72
N GLY A 239 -23.36 -7.25 10.36
CA GLY A 239 -22.71 -6.42 11.34
C GLY A 239 -23.02 -4.96 11.14
N PRO A 240 -21.98 -4.12 11.03
CA PRO A 240 -22.20 -2.68 10.83
C PRO A 240 -22.79 -2.39 9.46
N TRP A 241 -22.92 -1.11 9.12
CA TRP A 241 -23.60 -0.75 7.89
C TRP A 241 -22.80 -1.15 6.66
N PHE A 242 -21.47 -1.02 6.71
CA PHE A 242 -20.67 -1.16 5.50
C PHE A 242 -20.42 -2.61 5.08
N ASP A 243 -20.84 -3.61 5.85
CA ASP A 243 -20.86 -4.96 5.31
C ASP A 243 -22.12 -5.24 4.48
N GLN A 244 -23.05 -4.27 4.44
CA GLN A 244 -24.31 -4.34 3.71
C GLN A 244 -24.18 -5.12 2.41
N ARG A 245 -23.28 -4.65 1.52
CA ARG A 245 -23.18 -5.17 0.17
C ARG A 245 -23.00 -6.69 0.15
N GLU A 246 -22.29 -7.22 1.13
CA GLU A 246 -22.14 -8.67 1.22
C GLU A 246 -23.28 -9.32 2.00
N THR A 247 -23.66 -8.72 3.13
CA THR A 247 -24.68 -9.31 3.99
C THR A 247 -25.97 -9.56 3.21
N PHE A 248 -26.53 -8.50 2.64
CA PHE A 248 -27.77 -8.63 1.87
C PHE A 248 -27.61 -9.58 0.70
N SER A 249 -26.39 -9.80 0.21
CA SER A 249 -26.18 -10.76 -0.86
C SER A 249 -26.27 -12.19 -0.35
N ARG A 250 -25.72 -12.45 0.84
CA ARG A 250 -25.56 -13.83 1.29
C ARG A 250 -26.84 -14.42 1.86
N TYR A 251 -27.68 -13.59 2.48
CA TYR A 251 -28.94 -14.06 3.05
C TYR A 251 -30.10 -13.79 2.10
N SER A 252 -30.89 -14.83 1.81
CA SER A 252 -32.02 -14.74 0.89
C SER A 252 -33.22 -14.13 1.62
N ALA A 253 -33.12 -12.83 1.88
CA ALA A 253 -34.09 -12.13 2.70
C ALA A 253 -34.56 -10.86 2.00
N ALA A 254 -35.73 -10.38 2.44
CA ALA A 254 -36.19 -9.05 2.04
C ALA A 254 -35.52 -8.00 2.92
N VAL A 255 -35.03 -6.93 2.29
CA VAL A 255 -34.28 -5.89 2.99
C VAL A 255 -35.15 -4.65 3.10
N LEU A 256 -35.14 -4.02 4.28
CA LEU A 256 -35.84 -2.77 4.52
C LEU A 256 -34.90 -1.79 5.20
N GLY A 257 -34.70 -0.64 4.58
CA GLY A 257 -33.87 0.41 5.14
C GLY A 257 -34.72 1.50 5.76
N THR A 258 -34.57 1.70 7.07
CA THR A 258 -35.42 2.61 7.80
C THR A 258 -34.81 3.99 7.96
N SER A 259 -33.49 4.10 7.92
CA SER A 259 -32.82 5.36 8.16
C SER A 259 -31.61 5.43 7.24
N ASN A 260 -30.65 6.29 7.60
CA ASN A 260 -29.50 6.51 6.75
C ASN A 260 -28.53 5.33 6.84
N CYS A 261 -27.44 5.44 6.09
CA CYS A 261 -26.54 4.33 5.76
C CYS A 261 -27.31 3.19 5.08
N VAL A 262 -27.80 3.54 3.90
CA VAL A 262 -28.19 2.59 2.86
C VAL A 262 -27.28 2.85 1.68
N LEU A 263 -26.77 1.78 1.08
CA LEU A 263 -25.79 1.91 0.01
C LEU A 263 -26.43 1.55 -1.32
N LEU A 264 -25.84 2.06 -2.39
CA LEU A 264 -26.31 1.73 -3.72
C LEU A 264 -26.35 0.21 -3.88
N PRO A 265 -27.46 -0.36 -4.33
CA PRO A 265 -27.60 -1.81 -4.29
C PRO A 265 -26.88 -2.50 -5.43
N ARG A 266 -26.54 -3.76 -5.18
CA ARG A 266 -26.02 -4.65 -6.21
C ARG A 266 -27.17 -5.52 -6.69
N ASP A 267 -27.07 -5.95 -7.96
CA ASP A 267 -28.20 -6.58 -8.65
C ASP A 267 -28.71 -7.82 -7.93
N SER A 268 -27.90 -8.46 -7.09
CA SER A 268 -28.35 -9.68 -6.42
C SER A 268 -29.55 -9.42 -5.52
N TYR A 269 -29.63 -8.23 -4.90
CA TYR A 269 -30.67 -7.97 -3.90
C TYR A 269 -31.46 -6.69 -4.18
N ARG A 270 -31.41 -6.14 -5.39
CA ARG A 270 -32.13 -4.90 -5.66
C ARG A 270 -33.63 -5.13 -5.71
N ASP A 271 -34.06 -6.23 -6.33
CA ASP A 271 -35.47 -6.55 -6.48
C ASP A 271 -36.10 -7.07 -5.20
N ARG A 272 -35.35 -7.08 -4.08
CA ARG A 272 -35.87 -7.51 -2.79
C ARG A 272 -35.49 -6.56 -1.66
N MET A 273 -35.18 -5.31 -1.96
CA MET A 273 -34.93 -4.30 -0.95
C MET A 273 -36.00 -3.22 -1.03
N PHE A 274 -36.34 -2.63 0.12
CA PHE A 274 -37.34 -1.58 0.21
C PHE A 274 -36.82 -0.47 1.10
N THR A 275 -37.26 0.75 0.82
CA THR A 275 -36.93 1.90 1.64
C THR A 275 -38.20 2.44 2.29
N CYS A 276 -38.02 3.12 3.41
CA CYS A 276 -39.13 3.77 4.11
C CYS A 276 -38.57 4.92 4.92
N GLY A 277 -39.47 5.79 5.36
CA GLY A 277 -39.06 6.98 6.08
C GLY A 277 -38.35 7.98 5.20
N VAL A 278 -37.13 8.37 5.58
CA VAL A 278 -36.36 9.32 4.79
C VAL A 278 -35.43 8.64 3.78
N ALA A 279 -35.13 7.35 3.97
CA ALA A 279 -34.23 6.65 3.07
C ALA A 279 -34.91 6.44 1.71
N ARG A 280 -34.16 6.67 0.63
CA ARG A 280 -34.71 6.52 -0.71
C ARG A 280 -33.57 6.20 -1.67
N LEU A 281 -33.72 5.11 -2.44
CA LEU A 281 -32.71 4.68 -3.40
C LEU A 281 -33.30 4.57 -4.79
N PRO A 282 -32.53 4.89 -5.84
CA PRO A 282 -33.05 4.78 -7.21
C PRO A 282 -33.30 3.33 -7.58
N GLY A 283 -34.45 3.08 -8.19
CA GLY A 283 -34.82 1.75 -8.61
C GLY A 283 -35.19 0.80 -7.50
N VAL A 284 -35.36 1.30 -6.28
CA VAL A 284 -35.79 0.52 -5.13
C VAL A 284 -37.19 0.98 -4.75
N GLU A 285 -38.09 0.01 -4.50
CA GLU A 285 -39.42 0.35 -4.03
C GLU A 285 -39.36 1.04 -2.68
N HIS A 286 -40.10 2.14 -2.55
CA HIS A 286 -40.24 2.84 -1.28
C HIS A 286 -41.56 2.51 -0.64
N VAL A 287 -41.54 2.33 0.68
CA VAL A 287 -42.74 2.00 1.46
C VAL A 287 -43.42 3.30 1.85
N ASP A 288 -44.69 3.46 1.48
CA ASP A 288 -45.42 4.72 1.71
C ASP A 288 -45.98 4.76 3.13
N GLY A 289 -45.29 5.48 4.02
CA GLY A 289 -45.77 5.69 5.37
C GLY A 289 -46.10 4.39 6.08
N TYR A 290 -45.08 3.55 6.31
CA TYR A 290 -45.28 2.26 6.97
C TYR A 290 -46.15 1.41 6.07
N ASP A 291 -46.94 0.49 6.62
CA ASP A 291 -47.71 -0.45 5.80
C ASP A 291 -46.68 -1.25 5.01
N PHE A 292 -46.15 -2.30 5.64
CA PHE A 292 -45.07 -3.10 5.11
C PHE A 292 -45.55 -4.33 4.37
N SER A 293 -46.80 -4.33 3.91
CA SER A 293 -47.30 -5.43 3.10
C SER A 293 -46.42 -5.80 1.92
N PRO A 294 -45.84 -4.87 1.14
CA PRO A 294 -44.97 -5.33 0.05
C PRO A 294 -43.75 -6.09 0.55
N VAL A 295 -43.15 -5.64 1.65
CA VAL A 295 -41.97 -6.29 2.18
C VAL A 295 -42.31 -7.69 2.71
N ILE A 296 -43.42 -7.81 3.44
CA ILE A 296 -43.85 -9.10 3.94
C ILE A 296 -44.18 -10.05 2.79
N GLU A 297 -44.89 -9.53 1.77
CA GLU A 297 -45.17 -10.33 0.57
C GLU A 297 -43.89 -10.86 -0.04
N LYS A 298 -42.90 -9.98 -0.21
CA LYS A 298 -41.63 -10.39 -0.79
C LYS A 298 -40.98 -11.48 0.06
N ALA A 299 -40.89 -11.25 1.37
CA ALA A 299 -40.30 -12.24 2.27
C ALA A 299 -41.00 -13.58 2.15
N LEU A 300 -42.32 -13.57 1.96
CA LEU A 300 -43.07 -14.81 1.80
C LEU A 300 -42.90 -15.43 0.42
N GLU A 301 -42.47 -14.65 -0.58
CA GLU A 301 -42.20 -15.19 -1.91
C GLU A 301 -40.80 -15.78 -2.06
N LEU A 302 -39.82 -15.34 -1.26
CA LEU A 302 -38.44 -15.80 -1.42
C LEU A 302 -38.21 -17.15 -0.77
N PRO A 303 -37.20 -17.88 -1.24
CA PRO A 303 -36.77 -19.10 -0.54
C PRO A 303 -36.41 -18.81 0.90
N PRO A 304 -36.95 -19.58 1.85
CA PRO A 304 -36.74 -19.28 3.26
C PRO A 304 -35.26 -19.38 3.65
N LEU A 305 -34.95 -18.80 4.79
CA LEU A 305 -33.59 -18.85 5.31
C LEU A 305 -33.31 -20.23 5.93
N LYS A 306 -32.03 -20.50 6.15
CA LYS A 306 -31.58 -21.74 6.78
C LYS A 306 -30.83 -21.42 8.07
N GLU A 307 -31.06 -22.24 9.09
CA GLU A 307 -30.39 -22.06 10.37
C GLU A 307 -28.88 -22.22 10.21
N GLU A 308 -28.14 -21.45 11.00
CA GLU A 308 -26.68 -21.46 10.95
C GLU A 308 -26.15 -21.34 12.37
N ASP A 309 -25.02 -22.00 12.63
CA ASP A 309 -24.36 -21.88 13.93
C ASP A 309 -24.11 -20.42 14.23
N SER A 310 -24.78 -19.89 15.24
CA SER A 310 -24.80 -18.47 15.54
C SER A 310 -23.80 -18.12 16.64
N ALA A 311 -23.52 -16.82 16.75
CA ALA A 311 -22.79 -16.29 17.89
C ALA A 311 -23.75 -15.42 18.68
N THR A 312 -23.22 -14.71 19.68
CA THR A 312 -24.09 -13.92 20.54
C THR A 312 -23.43 -12.58 20.85
N LEU A 313 -24.28 -11.56 21.04
CA LEU A 313 -23.87 -10.23 21.46
C LEU A 313 -24.74 -9.76 22.61
N THR A 314 -24.19 -8.91 23.47
CA THR A 314 -24.90 -8.39 24.64
C THR A 314 -25.05 -6.89 24.51
N THR A 315 -26.29 -6.41 24.48
CA THR A 315 -26.55 -4.99 24.23
C THR A 315 -27.65 -4.47 25.15
N GLY A 316 -27.77 -3.14 25.20
CA GLY A 316 -28.92 -2.52 25.82
C GLY A 316 -28.81 -2.17 27.28
N PHE A 317 -27.71 -1.57 27.70
CA PHE A 317 -27.52 -1.20 29.10
C PHE A 317 -28.16 0.16 29.38
N GLY A 318 -29.40 0.13 29.85
CA GLY A 318 -30.05 1.34 30.31
C GLY A 318 -29.41 1.89 31.57
N LEU A 319 -29.72 3.17 31.83
CA LEU A 319 -29.12 3.87 32.96
C LEU A 319 -29.43 3.18 34.29
N SER A 320 -30.64 2.63 34.46
CA SER A 320 -31.01 2.08 35.75
C SER A 320 -30.23 0.80 36.06
N THR A 321 -30.04 -0.05 35.05
CA THR A 321 -29.24 -1.26 35.23
C THR A 321 -27.84 -0.90 35.67
N ILE A 322 -27.27 0.17 35.09
CA ILE A 322 -25.93 0.59 35.44
C ILE A 322 -25.88 1.19 36.85
N LEU A 323 -26.87 2.03 37.20
CA LEU A 323 -26.81 2.70 38.50
C LEU A 323 -27.08 1.74 39.65
N SER A 324 -27.81 0.65 39.39
CA SER A 324 -27.99 -0.36 40.44
C SER A 324 -26.69 -1.09 40.79
N LEU A 325 -25.58 -0.79 40.10
CA LEU A 325 -24.28 -1.39 40.37
C LEU A 325 -23.25 -0.33 40.79
N ALA A 326 -23.72 0.89 41.05
CA ALA A 326 -22.83 2.01 41.32
C ALA A 326 -21.96 1.77 42.55
N ASP A 327 -22.54 1.17 43.61
CA ASP A 327 -21.74 0.95 44.82
C ASP A 327 -20.66 -0.10 44.59
N LYS A 328 -20.97 -1.14 43.79
CA LYS A 328 -19.93 -2.11 43.44
C LYS A 328 -18.81 -1.44 42.64
N ILE A 329 -19.16 -0.51 41.75
CA ILE A 329 -18.11 0.22 41.03
C ILE A 329 -17.31 1.08 42.00
N LYS A 330 -17.99 1.69 42.98
CA LYS A 330 -17.31 2.47 44.00
C LYS A 330 -16.32 1.62 44.78
N GLU A 331 -16.77 0.45 45.26
CA GLU A 331 -15.90 -0.50 45.93
C GLU A 331 -14.70 -0.85 45.06
N LEU A 332 -14.94 -1.12 43.79
CA LEU A 332 -13.87 -1.62 42.93
C LEU A 332 -12.83 -0.54 42.65
N VAL A 333 -13.29 0.69 42.41
CA VAL A 333 -12.34 1.77 42.14
C VAL A 333 -11.61 2.19 43.41
N GLU A 334 -12.30 2.24 44.55
CA GLU A 334 -11.65 2.68 45.77
C GLU A 334 -10.69 1.63 46.31
N GLU A 335 -10.99 0.35 46.10
CA GLU A 335 -9.99 -0.68 46.37
C GLU A 335 -8.87 -0.64 45.33
N GLY A 336 -9.18 -0.18 44.12
CA GLY A 336 -8.21 -0.14 43.04
C GLY A 336 -8.37 -1.24 42.01
N LYS A 337 -9.38 -2.10 42.15
CA LYS A 337 -9.58 -3.22 41.26
C LYS A 337 -10.15 -2.82 39.90
N ILE A 338 -10.50 -1.54 39.72
CA ILE A 338 -10.76 -0.96 38.41
C ILE A 338 -10.03 0.38 38.36
N ARG A 339 -9.19 0.58 37.35
CA ARG A 339 -8.28 1.72 37.35
C ARG A 339 -8.68 2.84 36.41
N ARG A 340 -9.43 2.55 35.34
CA ARG A 340 -9.92 3.62 34.47
C ARG A 340 -11.06 3.10 33.60
N PHE A 341 -11.99 3.99 33.29
CA PHE A 341 -13.07 3.75 32.36
C PHE A 341 -12.72 4.33 31.00
N PHE A 342 -13.12 3.65 29.93
CA PHE A 342 -12.84 4.12 28.58
C PHE A 342 -14.13 4.15 27.78
N LEU A 343 -14.47 5.31 27.24
CA LEU A 343 -15.58 5.45 26.31
C LEU A 343 -15.03 5.35 24.90
N VAL A 344 -15.27 4.22 24.24
CA VAL A 344 -14.71 3.95 22.92
C VAL A 344 -15.87 3.56 22.01
N GLY A 345 -16.21 4.43 21.07
CA GLY A 345 -17.32 4.17 20.19
C GLY A 345 -17.65 5.38 19.36
N GLY A 346 -18.83 5.32 18.74
CA GLY A 346 -19.26 6.34 17.80
C GLY A 346 -19.34 5.80 16.38
N ASP A 348 -18.93 4.68 12.64
CA ASP A 348 -17.73 4.15 12.00
C ASP A 348 -17.79 4.23 10.47
N SER A 349 -16.67 3.89 9.85
CA SER A 349 -16.47 4.03 8.42
C SER A 349 -15.65 2.85 7.91
N PRO A 350 -15.76 2.52 6.62
CA PRO A 350 -14.95 1.42 6.07
C PRO A 350 -13.51 1.86 5.81
N LEU A 351 -13.07 2.89 6.54
CA LEU A 351 -11.73 3.41 6.38
C LEU A 351 -10.72 2.41 6.95
N PRO A 352 -9.52 2.32 6.36
CA PRO A 352 -8.50 1.45 6.94
C PRO A 352 -7.91 1.98 8.24
N GLN A 353 -7.77 3.31 8.37
CA GLN A 353 -7.25 3.90 9.60
C GLN A 353 -8.15 3.62 10.80
N ALA A 354 -9.36 3.08 10.58
CA ALA A 354 -10.26 2.72 11.66
C ALA A 354 -9.93 1.37 12.27
N LYS A 355 -9.07 0.57 11.62
CA LYS A 355 -8.56 -0.65 12.24
C LYS A 355 -7.97 -0.37 13.62
N TYR A 356 -7.50 0.86 13.84
CA TYR A 356 -7.00 1.32 15.13
C TYR A 356 -7.91 0.88 16.26
N TYR A 357 -9.23 1.05 16.09
CA TYR A 357 -10.16 0.76 17.17
C TYR A 357 -10.04 -0.68 17.61
N THR A 358 -10.10 -1.62 16.67
CA THR A 358 -9.98 -3.02 17.04
C THR A 358 -8.67 -3.28 17.77
N GLU A 359 -7.60 -2.61 17.34
CA GLU A 359 -6.33 -2.74 18.03
C GLU A 359 -6.40 -2.13 19.42
N PHE A 360 -6.97 -0.93 19.51
CA PHE A 360 -7.01 -0.19 20.77
C PHE A 360 -7.70 -1.02 21.85
N VAL A 361 -8.88 -1.53 21.55
CA VAL A 361 -9.62 -2.35 22.51
C VAL A 361 -8.89 -3.68 22.76
N ARG A 362 -8.22 -4.22 21.73
CA ARG A 362 -7.60 -5.53 21.92
C ARG A 362 -6.40 -5.46 22.85
N LYS A 363 -5.76 -4.29 22.93
CA LYS A 363 -4.57 -4.10 23.74
C LYS A 363 -4.86 -3.45 25.09
N LEU A 364 -6.13 -3.18 25.40
CA LEU A 364 -6.46 -2.52 26.65
C LEU A 364 -6.19 -3.44 27.84
N PRO A 365 -5.67 -2.91 28.94
CA PRO A 365 -5.45 -3.73 30.14
C PRO A 365 -6.76 -4.27 30.71
N GLU A 366 -6.64 -5.36 31.45
CA GLU A 366 -7.80 -6.09 31.96
C GLU A 366 -8.44 -5.45 33.18
N ASP A 367 -7.87 -4.36 33.71
CA ASP A 367 -8.50 -3.62 34.79
C ASP A 367 -9.21 -2.36 34.30
N THR A 368 -9.75 -2.41 33.09
CA THR A 368 -10.50 -1.31 32.49
C THR A 368 -11.81 -1.84 31.94
N VAL A 369 -12.80 -0.96 31.83
CA VAL A 369 -14.05 -1.31 31.17
C VAL A 369 -14.27 -0.32 30.03
N VAL A 370 -14.92 -0.81 28.97
CA VAL A 370 -15.18 -0.05 27.76
C VAL A 370 -16.67 0.16 27.64
N LEU A 371 -17.08 1.39 27.34
CA LEU A 371 -18.45 1.71 26.99
C LEU A 371 -18.51 2.09 25.53
N THR A 372 -19.39 1.44 24.77
CA THR A 372 -19.45 1.63 23.32
C THR A 372 -20.85 2.04 22.90
N LEU A 373 -20.97 2.36 21.61
CA LEU A 373 -22.17 2.97 21.04
C LEU A 373 -22.01 3.06 19.52
N ALA A 374 -23.13 3.21 18.84
CA ALA A 374 -23.20 3.37 17.38
C ALA A 374 -22.48 2.25 16.62
N CYS A 375 -22.13 2.47 15.35
CA CYS A 375 -21.56 1.40 14.56
C CYS A 375 -20.10 1.10 14.90
N GLY A 376 -19.38 2.05 15.49
CA GLY A 376 -18.02 1.80 15.92
C GLY A 376 -17.90 0.70 16.96
N LYS A 377 -19.03 0.21 17.49
CA LYS A 377 -18.97 -0.93 18.39
C LYS A 377 -18.63 -2.21 17.64
N TYR A 378 -19.05 -2.33 16.39
CA TYR A 378 -18.85 -3.58 15.64
C TYR A 378 -17.39 -3.87 15.35
N ARG A 379 -16.46 -3.10 15.90
CA ARG A 379 -15.04 -3.38 15.78
C ARG A 379 -14.53 -4.28 16.90
N PHE A 380 -15.30 -4.50 17.97
CA PHE A 380 -14.77 -5.22 19.12
C PHE A 380 -15.85 -5.76 20.06
N ASN A 381 -17.12 -5.74 19.63
CA ASN A 381 -18.18 -6.26 20.48
C ASN A 381 -18.24 -7.78 20.50
N SER A 382 -17.68 -8.44 19.48
CA SER A 382 -17.62 -9.90 19.45
C SER A 382 -16.43 -10.47 20.22
N MET A 383 -15.53 -9.61 20.70
CA MET A 383 -14.39 -10.06 21.50
C MET A 383 -14.86 -10.54 22.87
N ASP A 384 -14.28 -11.64 23.34
CA ASP A 384 -14.67 -12.25 24.59
C ASP A 384 -13.86 -11.61 25.72
N LEU A 385 -14.29 -10.41 26.10
CA LEU A 385 -13.57 -9.63 27.11
C LEU A 385 -13.91 -10.04 28.53
N GLY A 386 -15.06 -10.66 28.77
CA GLY A 386 -15.39 -11.12 30.11
C GLY A 386 -15.83 -10.03 31.06
N ASP A 387 -15.33 -10.09 32.30
CA ASP A 387 -15.77 -9.21 33.37
C ASP A 387 -14.60 -8.99 34.33
N ILE A 388 -14.84 -8.19 35.36
CA ILE A 388 -13.85 -7.88 36.38
C ILE A 388 -14.24 -8.44 37.74
N ASP A 389 -15.46 -8.12 38.20
CA ASP A 389 -15.96 -8.64 39.46
C ASP A 389 -17.48 -8.73 39.40
N GLY A 390 -17.99 -9.17 38.25
CA GLY A 390 -19.40 -9.14 37.96
C GLY A 390 -19.79 -7.99 37.07
N ILE A 391 -18.92 -7.00 36.91
CA ILE A 391 -19.16 -5.86 36.06
C ILE A 391 -18.55 -6.18 34.69
N PRO A 392 -19.34 -6.21 33.61
CA PRO A 392 -18.77 -6.54 32.30
C PRO A 392 -17.75 -5.51 31.86
N ARG A 393 -16.72 -5.97 31.14
CA ARG A 393 -15.69 -5.07 30.63
C ARG A 393 -16.15 -4.32 29.38
N LEU A 394 -17.17 -4.83 28.68
CA LEU A 394 -17.77 -4.13 27.55
C LEU A 394 -19.23 -3.86 27.87
N ILE A 395 -19.67 -2.62 27.63
CA ILE A 395 -21.04 -2.21 27.92
C ILE A 395 -21.57 -1.46 26.71
N ASP A 396 -22.63 -1.99 26.09
CA ASP A 396 -23.23 -1.40 24.91
C ASP A 396 -24.41 -0.52 25.35
N LEU A 397 -24.26 0.79 25.17
CA LEU A 397 -25.29 1.75 25.57
C LEU A 397 -26.39 1.88 24.53
N GLY A 398 -26.12 1.52 23.27
CA GLY A 398 -27.16 1.51 22.27
C GLY A 398 -26.80 2.18 20.96
N GLN A 399 -27.67 3.07 20.49
CA GLN A 399 -27.43 3.74 19.22
C GLN A 399 -26.49 4.93 19.41
N CYS A 400 -26.19 5.61 18.30
CA CYS A 400 -25.45 6.87 18.39
C CYS A 400 -26.23 7.90 19.19
N ASN A 401 -27.54 7.97 18.98
CA ASN A 401 -28.38 8.87 19.76
C ASN A 401 -28.40 8.51 21.23
N ASP A 402 -27.93 7.32 21.60
CA ASP A 402 -27.81 6.98 23.01
C ASP A 402 -26.54 7.55 23.64
N SER A 403 -25.77 8.32 22.88
CA SER A 403 -24.68 9.10 23.43
C SER A 403 -25.13 9.83 24.70
N ILE A 404 -26.38 10.28 24.69
CA ILE A 404 -26.90 11.08 25.80
C ILE A 404 -26.80 10.31 27.12
N VAL A 405 -27.10 9.01 27.11
CA VAL A 405 -27.01 8.28 28.38
C VAL A 405 -25.56 8.26 28.86
N ALA A 406 -24.62 8.10 27.92
CA ALA A 406 -23.21 8.26 28.25
C ALA A 406 -22.98 9.57 28.99
N VAL A 407 -23.52 10.66 28.45
CA VAL A 407 -23.45 11.95 29.13
C VAL A 407 -23.95 11.80 30.57
N GLU A 408 -25.21 11.36 30.71
CA GLU A 408 -25.75 11.16 32.05
C GLU A 408 -24.82 10.29 32.89
N LEU A 409 -24.33 9.21 32.28
CA LEU A 409 -23.49 8.25 32.99
C LEU A 409 -22.32 8.97 33.66
N VAL A 410 -21.61 9.82 32.90
CA VAL A 410 -20.42 10.45 33.46
C VAL A 410 -20.79 11.35 34.64
N GLU A 411 -21.91 12.08 34.54
CA GLU A 411 -22.33 12.90 35.67
C GLU A 411 -22.64 12.04 36.88
N ALA A 412 -23.19 10.86 36.65
CA ALA A 412 -23.39 9.92 37.75
C ALA A 412 -22.06 9.54 38.37
N LEU A 413 -21.05 9.25 37.53
CA LEU A 413 -19.75 8.85 38.05
C LEU A 413 -19.12 9.97 38.86
N SER A 414 -19.19 11.21 38.37
CA SER A 414 -18.68 12.34 39.13
C SER A 414 -19.40 12.46 40.46
N ASN A 415 -20.69 12.11 40.50
CA ASN A 415 -21.41 12.09 41.77
C ASN A 415 -21.16 10.80 42.53
N LEU A 416 -20.80 9.74 41.83
CA LEU A 416 -20.53 8.47 42.49
C LEU A 416 -19.27 8.56 43.35
N PHE A 417 -18.16 8.96 42.75
CA PHE A 417 -16.90 9.04 43.46
C PHE A 417 -16.68 10.40 44.11
N SER A 418 -17.62 11.33 43.93
CA SER A 418 -17.54 12.68 44.51
C SER A 418 -16.30 13.43 44.01
N MET A 419 -16.12 13.43 42.69
CA MET A 419 -14.98 14.07 42.04
C MET A 419 -15.46 14.94 40.88
N ASP A 420 -14.69 15.96 40.55
CA ASP A 420 -15.00 16.83 39.43
C ASP A 420 -15.02 16.04 38.13
N VAL A 421 -15.85 16.50 37.19
CA VAL A 421 -16.02 15.80 35.92
C VAL A 421 -14.67 15.59 35.23
N ASN A 422 -13.87 16.64 35.17
CA ASN A 422 -12.58 16.59 34.50
C ASN A 422 -11.45 16.13 35.41
N GLU A 423 -11.77 15.24 36.35
CA GLU A 423 -10.78 14.55 37.16
C GLU A 423 -11.11 13.07 37.33
N LEU A 424 -12.17 12.59 36.67
CA LEU A 424 -12.57 11.20 36.74
C LEU A 424 -11.53 10.30 36.08
N PRO A 425 -11.48 9.03 36.46
CA PRO A 425 -10.66 8.05 35.71
C PRO A 425 -11.42 7.58 34.47
N LEU A 426 -11.56 8.49 33.52
CA LEU A 426 -12.35 8.24 32.31
C LEU A 426 -11.65 8.87 31.13
N SER A 427 -11.48 8.10 30.07
CA SER A 427 -10.95 8.60 28.81
C SER A 427 -11.96 8.37 27.70
N ILE A 428 -11.96 9.27 26.72
CA ILE A 428 -12.97 9.29 25.68
C ILE A 428 -12.28 9.13 24.33
N VAL A 429 -12.76 8.17 23.53
CA VAL A 429 -12.21 7.89 22.20
C VAL A 429 -13.38 7.82 21.23
N LEU A 430 -13.53 8.85 20.40
CA LEU A 430 -14.64 8.97 19.46
C LEU A 430 -14.30 8.33 18.13
N SER A 431 -15.30 7.69 17.53
CA SER A 431 -15.31 7.41 16.10
C SER A 431 -16.44 8.24 15.49
N TRP A 432 -16.13 8.97 14.43
CA TRP A 432 -17.13 9.76 13.74
C TRP A 432 -17.14 9.39 12.27
N MET A 433 -18.27 9.66 11.62
CA MET A 433 -18.39 9.41 10.20
C MET A 433 -19.28 10.47 9.56
N GLU A 434 -20.32 10.91 10.26
CA GLU A 434 -21.33 11.75 9.63
C GLU A 434 -21.65 13.00 10.45
N GLN A 435 -22.78 13.62 10.09
CA GLN A 435 -23.23 14.87 10.69
C GLN A 435 -23.83 14.65 12.07
N LYS A 436 -24.57 13.55 12.23
CA LYS A 436 -25.01 13.17 13.57
C LYS A 436 -23.81 13.12 14.52
N ALA A 437 -22.70 12.54 14.05
CA ALA A 437 -21.49 12.50 14.87
C ALA A 437 -20.96 13.90 15.14
N ALA A 438 -21.07 14.80 14.17
CA ALA A 438 -20.62 16.18 14.38
C ALA A 438 -21.45 16.85 15.47
N ALA A 439 -22.76 16.64 15.44
CA ALA A 439 -23.62 17.16 16.49
C ALA A 439 -23.25 16.60 17.85
N ILE A 440 -22.96 15.29 17.90
CA ILE A 440 -22.56 14.66 19.16
C ILE A 440 -21.25 15.27 19.65
N LEU A 441 -20.31 15.51 18.74
CA LEU A 441 -19.02 16.09 19.11
C LEU A 441 -19.20 17.49 19.68
N TRP A 442 -20.03 18.30 19.04
CA TRP A 442 -20.27 19.64 19.57
C TRP A 442 -21.08 19.59 20.87
N SER A 443 -21.88 18.53 21.06
CA SER A 443 -22.50 18.30 22.36
C SER A 443 -21.45 18.05 23.42
N LEU A 444 -20.48 17.20 23.12
CA LEU A 444 -19.40 16.92 24.07
C LEU A 444 -18.59 18.17 24.36
N LEU A 445 -18.40 19.02 23.35
CA LEU A 445 -17.62 20.23 23.51
C LEU A 445 -18.36 21.28 24.33
N SER A 446 -19.69 21.34 24.18
CA SER A 446 -20.46 22.23 25.04
C SER A 446 -20.41 21.79 26.50
N LEU A 447 -20.08 20.52 26.74
CA LEU A 447 -19.93 20.00 28.09
C LEU A 447 -18.51 20.14 28.63
N ASN A 448 -17.58 20.71 27.86
CA ASN A 448 -16.21 20.97 28.30
C ASN A 448 -15.48 19.69 28.72
N LEU A 449 -15.53 18.69 27.85
CA LEU A 449 -14.78 17.44 28.06
C LEU A 449 -13.45 17.53 27.33
N ARG A 450 -12.37 17.74 28.09
CA ARG A 450 -11.07 18.01 27.52
C ARG A 450 -10.23 16.73 27.46
N GLY A 451 -9.41 16.65 26.41
CA GLY A 451 -8.57 15.49 26.21
C GLY A 451 -9.25 14.33 25.51
N MET A 452 -10.30 14.58 24.74
CA MET A 452 -10.95 13.53 24.00
C MET A 452 -10.15 13.18 22.75
N TYR A 453 -10.27 11.93 22.32
CA TYR A 453 -9.63 11.44 21.11
C TYR A 453 -10.66 11.31 20.01
N ILE A 454 -10.22 11.52 18.76
CA ILE A 454 -11.12 11.51 17.62
C ILE A 454 -10.51 10.70 16.48
N GLY A 455 -11.31 9.82 15.87
CA GLY A 455 -10.91 9.14 14.68
C GLY A 455 -12.08 9.00 13.73
N PRO A 456 -11.84 8.49 12.53
CA PRO A 456 -10.55 8.03 12.00
C PRO A 456 -9.68 9.17 11.48
N ILE A 457 -10.26 10.34 11.24
CA ILE A 457 -9.56 11.48 10.66
C ILE A 457 -10.15 12.76 11.24
N LEU A 458 -9.45 13.87 11.02
CA LEU A 458 -9.98 15.19 11.34
C LEU A 458 -10.99 15.62 10.27
N PRO A 459 -12.11 16.22 10.68
CA PRO A 459 -13.14 16.65 9.72
C PRO A 459 -12.56 17.38 8.52
N GLY A 460 -13.07 17.04 7.34
CA GLY A 460 -12.58 17.61 6.10
C GLY A 460 -12.86 19.09 5.92
N TRP A 461 -13.66 19.68 6.81
CA TRP A 461 -14.00 21.09 6.73
C TRP A 461 -13.21 21.91 7.74
N ALA A 462 -12.32 21.29 8.49
CA ALA A 462 -11.58 21.98 9.55
C ALA A 462 -10.24 22.40 9.00
N ASN A 463 -10.15 23.69 8.64
CA ASN A 463 -8.88 24.27 8.20
C ASN A 463 -7.95 24.45 9.42
N ASP A 464 -6.74 24.93 9.16
CA ASP A 464 -5.74 25.03 10.22
C ASP A 464 -6.21 25.85 11.42
N ASP A 465 -6.89 26.98 11.18
CA ASP A 465 -7.41 27.80 12.28
C ASP A 465 -8.44 27.04 13.12
N ILE A 466 -9.40 26.37 12.47
CA ILE A 466 -10.43 25.65 13.23
C ILE A 466 -9.80 24.51 14.03
N ILE A 467 -8.93 23.73 13.40
CA ILE A 467 -8.23 22.66 14.09
C ILE A 467 -7.45 23.23 15.27
N ASN A 468 -6.87 24.42 15.10
CA ASN A 468 -6.13 25.05 16.18
C ASN A 468 -7.06 25.39 17.33
N VAL A 469 -8.25 25.93 17.01
CA VAL A 469 -9.24 26.21 18.04
C VAL A 469 -9.57 24.96 18.84
N LEU A 470 -9.84 23.86 18.14
CA LEU A 470 -10.19 22.61 18.82
C LEU A 470 -9.05 22.12 19.72
N VAL A 471 -7.81 22.17 19.22
CA VAL A 471 -6.73 21.53 19.97
C VAL A 471 -6.22 22.42 21.11
N ASP A 472 -6.25 23.73 20.96
CA ASP A 472 -5.74 24.58 22.02
C ASP A 472 -6.80 24.96 23.04
N LYS A 473 -8.07 25.11 22.63
CA LYS A 473 -9.11 25.50 23.57
C LYS A 473 -9.83 24.30 24.20
N TYR A 474 -9.85 23.16 23.53
CA TYR A 474 -10.50 21.98 24.08
C TYR A 474 -9.60 20.75 24.11
N GLU A 475 -8.35 20.86 23.69
CA GLU A 475 -7.37 19.78 23.78
C GLU A 475 -7.84 18.52 23.05
N LEU A 476 -8.56 18.71 21.96
CA LEU A 476 -8.99 17.58 21.14
C LEU A 476 -7.78 16.92 20.51
N THR A 477 -7.51 15.68 20.91
CA THR A 477 -6.32 14.97 20.46
C THR A 477 -6.71 13.95 19.41
N PRO A 478 -6.13 13.99 18.21
CA PRO A 478 -6.42 12.93 17.24
C PRO A 478 -5.80 11.61 17.68
N ILE A 479 -6.47 10.51 17.30
CA ILE A 479 -5.97 9.18 17.63
C ILE A 479 -4.64 8.95 16.91
N GLY A 480 -3.72 8.28 17.61
CA GLY A 480 -2.43 7.97 17.01
C GLY A 480 -2.14 6.49 16.94
N ASP A 481 -1.29 5.99 17.84
CA ASP A 481 -0.96 4.58 17.88
C ASP A 481 -1.56 3.97 19.13
N PRO A 482 -2.23 2.81 19.05
CA PRO A 482 -2.94 2.26 20.20
C PRO A 482 -2.15 2.18 21.50
N GLU A 483 -0.97 1.54 21.50
CA GLU A 483 -0.22 1.38 22.74
C GLU A 483 0.20 2.72 23.30
N GLU A 484 0.72 3.61 22.44
CA GLU A 484 1.15 4.93 22.89
C GLU A 484 -0.01 5.71 23.47
N ASP A 485 -1.16 5.64 22.79
CA ASP A 485 -2.36 6.32 23.26
C ASP A 485 -2.81 5.79 24.61
N ILE A 486 -2.88 4.46 24.75
CA ILE A 486 -3.28 3.85 26.02
C ILE A 486 -2.35 4.29 27.14
N LYS A 487 -1.03 4.27 26.89
CA LYS A 487 -0.10 4.65 27.95
C LYS A 487 -0.30 6.10 28.36
N LYS A 488 -0.53 7.00 27.40
CA LYS A 488 -0.81 8.39 27.76
C LYS A 488 -2.13 8.53 28.51
N MET A 489 -3.18 7.85 28.03
CA MET A 489 -4.49 7.98 28.64
C MET A 489 -4.58 7.32 30.00
N MET A 490 -3.65 6.41 30.31
CA MET A 490 -3.71 5.66 31.55
C MET A 490 -2.79 6.27 32.59
N GLU A 491 -2.16 7.39 32.27
CA GLU A 491 -1.27 8.09 33.19
C GLU A 491 -1.86 9.45 33.57
N TYR B 3 -7.99 2.15 -16.20
CA TYR B 3 -9.14 2.70 -15.49
C TYR B 3 -8.75 3.79 -14.52
N ARG B 4 -9.51 4.88 -14.51
CA ARG B 4 -9.31 5.97 -13.59
C ARG B 4 -10.47 6.01 -12.61
N CYS B 5 -10.14 6.16 -11.33
CA CYS B 5 -11.15 6.13 -10.27
C CYS B 5 -12.11 7.29 -10.39
N LYS B 6 -13.41 6.99 -10.33
CA LYS B 6 -14.44 8.01 -10.42
C LYS B 6 -14.37 8.97 -9.24
N VAL B 7 -13.94 8.47 -8.09
CA VAL B 7 -14.01 9.22 -6.83
C VAL B 7 -12.76 10.05 -6.60
N CYS B 8 -11.58 9.49 -6.81
CA CYS B 8 -10.33 10.18 -6.50
C CYS B 8 -9.35 10.22 -7.67
N ASP B 9 -9.76 9.75 -8.85
CA ASP B 9 -8.96 9.81 -10.08
C ASP B 9 -7.64 9.06 -9.95
N TYR B 10 -7.60 8.06 -9.07
CA TYR B 10 -6.50 7.11 -9.04
C TYR B 10 -6.57 6.19 -10.26
N ILE B 11 -5.50 6.12 -11.02
CA ILE B 11 -5.44 5.33 -12.24
C ILE B 11 -4.95 3.93 -11.89
N TYR B 12 -5.80 2.92 -12.08
CA TYR B 12 -5.33 1.54 -12.06
C TYR B 12 -4.85 1.23 -13.47
N ASP B 13 -3.54 0.99 -13.60
CA ASP B 13 -2.92 0.78 -14.90
C ASP B 13 -2.45 -0.65 -15.04
N PRO B 14 -2.97 -1.42 -16.00
CA PRO B 14 -2.55 -2.82 -16.15
C PRO B 14 -1.07 -2.98 -16.49
N GLU B 15 -0.36 -1.86 -16.72
CA GLU B 15 1.08 -1.91 -16.98
C GLU B 15 1.91 -2.15 -15.71
N VAL B 16 1.50 -1.57 -14.59
CA VAL B 16 2.25 -1.70 -13.34
C VAL B 16 1.72 -2.84 -12.49
N GLY B 17 0.40 -2.89 -12.27
CA GLY B 17 -0.17 -3.82 -11.33
C GLY B 17 0.02 -3.35 -9.91
N ASP B 18 0.08 -4.31 -9.00
CA ASP B 18 0.37 -4.03 -7.58
C ASP B 18 1.14 -5.21 -7.01
N PRO B 19 2.46 -5.20 -7.13
CA PRO B 19 3.24 -6.35 -6.66
C PRO B 19 3.10 -6.62 -5.17
N THR B 20 2.88 -5.58 -4.36
CA THR B 20 2.83 -5.74 -2.91
C THR B 20 1.60 -6.53 -2.45
N SER B 21 0.54 -6.56 -3.25
CA SER B 21 -0.70 -7.23 -2.85
C SER B 21 -0.88 -8.59 -3.51
N GLY B 22 -0.15 -8.87 -4.58
CA GLY B 22 -0.27 -10.14 -5.28
C GLY B 22 -0.50 -9.91 -6.76
N ILE B 23 -0.64 -8.65 -7.15
CA ILE B 23 -0.94 -8.29 -8.53
C ILE B 23 0.41 -8.16 -9.24
N LYS B 24 0.86 -9.25 -9.85
CA LYS B 24 2.11 -9.19 -10.59
C LYS B 24 1.91 -8.28 -11.81
N PRO B 25 2.95 -7.57 -12.23
CA PRO B 25 2.79 -6.61 -13.32
C PRO B 25 2.33 -7.28 -14.62
N GLY B 26 1.16 -6.88 -15.09
CA GLY B 26 0.62 -7.38 -16.34
C GLY B 26 -0.83 -7.82 -16.26
N THR B 27 -1.41 -7.75 -15.05
CA THR B 27 -2.75 -8.28 -14.84
C THR B 27 -3.80 -7.28 -15.33
N PRO B 28 -4.75 -7.70 -16.16
CA PRO B 28 -5.83 -6.80 -16.57
C PRO B 28 -6.72 -6.44 -15.39
N PHE B 29 -7.49 -5.36 -15.58
CA PHE B 29 -8.37 -4.87 -14.52
C PHE B 29 -9.42 -5.90 -14.13
N GLN B 30 -9.95 -6.62 -15.11
CA GLN B 30 -11.03 -7.55 -14.85
C GLN B 30 -10.51 -8.88 -14.29
N GLU B 31 -9.19 -9.03 -14.16
CA GLU B 31 -8.57 -10.19 -13.53
C GLU B 31 -8.10 -9.90 -12.10
N LEU B 32 -8.76 -8.98 -11.42
CA LEU B 32 -8.64 -8.51 -10.05
C LEU B 32 -9.64 -9.22 -9.15
N PRO B 33 -9.35 -9.34 -7.85
CA PRO B 33 -10.29 -10.00 -6.95
C PRO B 33 -11.62 -9.25 -6.92
N GLU B 34 -12.68 -9.99 -6.61
CA GLU B 34 -14.01 -9.39 -6.63
C GLU B 34 -14.18 -8.37 -5.50
N ASP B 35 -13.65 -8.67 -4.30
CA ASP B 35 -13.80 -7.78 -3.15
C ASP B 35 -12.63 -6.82 -3.00
N TRP B 36 -11.96 -6.48 -4.09
CA TRP B 36 -10.90 -5.47 -4.08
C TRP B 36 -11.48 -4.06 -4.03
N LEU B 37 -10.87 -3.21 -3.21
CA LEU B 37 -11.32 -1.85 -2.99
C LEU B 37 -10.23 -0.86 -3.39
N CYS B 38 -10.63 0.40 -3.57
CA CYS B 38 -9.71 1.46 -3.94
C CYS B 38 -8.69 1.72 -2.85
N PRO B 39 -7.40 1.81 -3.16
CA PRO B 39 -6.39 2.06 -2.13
C PRO B 39 -6.41 3.49 -1.59
N VAL B 40 -7.25 4.37 -2.13
CA VAL B 40 -7.34 5.76 -1.70
C VAL B 40 -8.69 6.05 -1.06
N CYS B 41 -9.79 5.66 -1.73
CA CYS B 41 -11.13 5.98 -1.29
C CYS B 41 -12.00 4.78 -0.91
N ASN B 42 -11.45 3.56 -0.99
CA ASN B 42 -12.11 2.36 -0.44
C ASN B 42 -13.44 2.03 -1.14
N VAL B 43 -13.54 2.29 -2.43
CA VAL B 43 -14.71 1.92 -3.22
C VAL B 43 -14.38 0.73 -4.11
N GLY B 44 -15.40 -0.05 -4.44
CA GLY B 44 -15.22 -1.31 -5.13
C GLY B 44 -14.75 -1.13 -6.56
N LYS B 45 -14.60 -2.27 -7.25
CA LYS B 45 -14.21 -2.27 -8.65
C LYS B 45 -15.16 -1.49 -9.57
N ASP B 46 -16.46 -1.40 -9.22
CA ASP B 46 -17.38 -0.69 -10.10
C ASP B 46 -17.01 0.78 -10.21
N GLN B 47 -16.60 1.41 -9.10
CA GLN B 47 -16.31 2.83 -9.14
C GLN B 47 -14.98 3.12 -9.84
N PHE B 48 -14.73 2.39 -10.92
CA PHE B 48 -13.56 2.54 -11.77
C PHE B 48 -14.07 2.63 -13.20
N GLU B 49 -13.73 3.71 -13.88
CA GLU B 49 -14.27 3.88 -15.22
C GLU B 49 -13.16 3.74 -16.25
N PRO B 50 -13.44 3.16 -17.41
CA PRO B 50 -12.42 3.10 -18.46
C PRO B 50 -12.05 4.50 -18.94
N LEU B 51 -10.74 4.78 -18.85
CA LEU B 51 -10.07 6.06 -19.13
C LEU B 51 -10.99 7.17 -19.64
N ARG B 52 -11.29 8.14 -18.78
CA ARG B 52 -12.08 9.30 -19.18
C ARG B 52 -11.19 10.36 -19.79
N GLY B 53 -10.48 11.13 -18.95
CA GLY B 53 -9.52 12.08 -19.44
C GLY B 53 -9.45 13.41 -18.73
N GLU B 54 -8.40 13.62 -17.93
CA GLU B 54 -8.12 14.90 -17.27
C GLU B 54 -9.35 15.41 -16.54
N VAL B 55 -9.87 14.57 -15.64
CA VAL B 55 -11.15 14.79 -14.99
C VAL B 55 -11.15 16.10 -14.23
N ARG B 56 -10.35 16.17 -13.15
CA ARG B 56 -10.22 17.41 -12.39
C ARG B 56 -9.40 18.42 -13.18
N ARG B 57 -8.22 18.78 -12.68
CA ARG B 57 -7.33 19.74 -13.33
C ARG B 57 -8.07 21.03 -13.65
N VAL B 58 -8.98 21.41 -12.77
CA VAL B 58 -9.89 22.53 -13.02
C VAL B 58 -9.12 23.83 -12.83
N ARG B 59 -9.39 24.81 -13.69
CA ARG B 59 -8.78 26.13 -13.50
C ARG B 59 -9.85 27.22 -13.59
N PRO B 60 -10.35 27.62 -14.78
CA PRO B 60 -11.31 28.73 -14.80
C PRO B 60 -12.64 28.38 -14.17
N GLU B 61 -12.87 27.09 -13.95
CA GLU B 61 -14.08 26.51 -13.38
C GLU B 61 -14.01 24.99 -13.50
N ASP B 62 -15.18 24.34 -13.43
CA ASP B 62 -15.41 22.92 -13.59
C ASP B 62 -14.86 22.07 -12.46
N ILE B 63 -15.32 22.35 -11.23
CA ILE B 63 -15.23 21.37 -10.16
C ILE B 63 -16.52 20.57 -10.30
N ASP B 64 -16.39 19.27 -10.58
CA ASP B 64 -17.56 18.47 -10.94
C ASP B 64 -18.62 18.52 -9.85
N MET B 65 -18.19 18.53 -8.59
CA MET B 65 -19.07 18.57 -7.44
C MET B 65 -18.20 18.90 -6.24
N PHE B 66 -18.84 19.11 -5.09
CA PHE B 66 -18.07 19.37 -3.89
C PHE B 66 -18.84 18.87 -2.68
N CYS B 67 -18.12 18.19 -1.78
CA CYS B 67 -18.72 17.62 -0.58
C CYS B 67 -17.63 17.04 0.32
N TYR B 68 -17.58 17.51 1.56
CA TYR B 68 -16.62 17.00 2.52
C TYR B 68 -17.26 16.76 3.89
N GLN B 69 -18.54 16.37 3.90
CA GLN B 69 -19.30 16.30 5.14
C GLN B 69 -19.05 15.04 5.95
N CYS B 70 -18.40 14.03 5.37
CA CYS B 70 -18.22 12.77 6.06
C CYS B 70 -16.74 12.38 6.05
N SER B 71 -16.40 11.45 6.93
CA SER B 71 -15.02 11.02 7.09
C SER B 71 -14.50 10.24 5.89
N GLN B 72 -15.40 9.69 5.08
CA GLN B 72 -14.95 8.90 3.93
C GLN B 72 -14.35 9.75 2.82
N THR B 73 -14.53 11.07 2.88
CA THR B 73 -14.15 11.95 1.78
C THR B 73 -12.69 11.75 1.39
N VAL B 74 -12.42 11.86 0.09
CA VAL B 74 -11.09 11.55 -0.44
C VAL B 74 -10.05 12.43 0.22
N ARG B 75 -8.97 11.80 0.66
CA ARG B 75 -7.79 12.44 1.24
C ARG B 75 -8.13 13.32 2.45
N GLY B 76 -9.33 13.19 3.00
CA GLY B 76 -9.75 14.03 4.10
C GLY B 76 -9.92 15.49 3.75
N ARG B 77 -10.18 15.80 2.48
CA ARG B 77 -10.29 17.19 2.04
C ARG B 77 -11.64 17.49 1.41
N ALA B 78 -11.99 16.79 0.32
CA ALA B 78 -13.25 17.05 -0.36
C ALA B 78 -13.51 16.03 -1.46
N CYS B 79 -14.75 15.56 -1.57
CA CYS B 79 -15.15 14.83 -2.76
C CYS B 79 -15.47 15.84 -3.85
N THR B 80 -14.87 15.67 -5.03
CA THR B 80 -14.94 16.67 -6.08
C THR B 80 -15.32 16.13 -7.45
N VAL B 81 -15.48 14.82 -7.59
CA VAL B 81 -15.91 14.25 -8.87
C VAL B 81 -17.03 13.26 -8.62
N LYS B 82 -16.82 12.35 -7.68
CA LYS B 82 -17.85 11.40 -7.26
C LYS B 82 -17.67 11.15 -5.77
N GLY B 83 -18.77 10.88 -5.09
CA GLY B 83 -18.72 10.65 -3.65
C GLY B 83 -18.16 9.29 -3.31
N VAL B 84 -17.29 9.26 -2.29
CA VAL B 84 -16.86 7.97 -1.72
C VAL B 84 -18.08 7.17 -1.28
N CYS B 85 -19.13 7.85 -0.82
CA CYS B 85 -20.36 7.18 -0.44
C CYS B 85 -21.12 6.65 -1.64
N GLY B 86 -20.76 7.10 -2.84
CA GLY B 86 -21.40 6.66 -4.07
C GLY B 86 -22.25 7.73 -4.73
N LYS B 87 -22.38 8.90 -4.10
CA LYS B 87 -23.22 9.97 -4.63
C LYS B 87 -22.52 10.69 -5.77
N GLU B 88 -23.24 10.91 -6.86
CA GLU B 88 -22.72 11.58 -8.04
C GLU B 88 -22.86 13.09 -7.91
N ALA B 89 -22.31 13.79 -8.92
CA ALA B 89 -22.25 15.25 -8.86
C ALA B 89 -23.64 15.87 -8.93
N THR B 90 -24.49 15.39 -9.85
CA THR B 90 -25.82 15.96 -10.00
C THR B 90 -26.63 15.83 -8.72
N VAL B 91 -26.53 14.70 -8.04
CA VAL B 91 -27.29 14.49 -6.82
C VAL B 91 -26.79 15.40 -5.71
N ALA B 92 -25.47 15.58 -5.61
CA ALA B 92 -24.92 16.50 -4.63
C ALA B 92 -25.40 17.93 -4.88
N ARG B 93 -25.41 18.34 -6.15
CA ARG B 93 -25.89 19.68 -6.47
C ARG B 93 -27.37 19.83 -6.18
N LEU B 94 -28.16 18.76 -6.37
CA LEU B 94 -29.58 18.80 -6.01
C LEU B 94 -29.77 18.87 -4.50
N GLN B 95 -28.93 18.18 -3.74
CA GLN B 95 -28.98 18.28 -2.29
C GLN B 95 -28.68 19.70 -1.85
N ASP B 96 -27.66 20.33 -2.44
CA ASP B 96 -27.34 21.71 -2.09
C ASP B 96 -28.47 22.66 -2.48
N ASN B 97 -29.13 22.40 -3.63
CA ASN B 97 -30.30 23.17 -4.02
C ASN B 97 -31.39 23.10 -2.97
N LEU B 98 -31.75 21.89 -2.55
CA LEU B 98 -32.77 21.73 -1.52
C LEU B 98 -32.34 22.43 -0.23
N LEU B 99 -31.06 22.35 0.11
CA LEU B 99 -30.56 23.03 1.31
C LEU B 99 -30.78 24.54 1.22
N PHE B 100 -30.46 25.14 0.07
CA PHE B 100 -30.64 26.58 -0.09
C PHE B 100 -32.11 26.97 0.01
N ALA B 101 -32.99 26.18 -0.63
CA ALA B 101 -34.41 26.48 -0.55
C ALA B 101 -34.89 26.44 0.90
N ILE B 102 -34.47 25.41 1.65
CA ILE B 102 -34.91 25.31 3.03
C ILE B 102 -34.31 26.45 3.86
N LYS B 103 -33.12 26.93 3.48
CA LYS B 103 -32.53 28.09 4.15
C LYS B 103 -33.43 29.32 3.99
N GLY B 104 -33.88 29.58 2.77
CA GLY B 104 -34.80 30.69 2.56
C GLY B 104 -36.09 30.54 3.37
N ILE B 105 -36.64 29.33 3.38
CA ILE B 105 -37.83 29.06 4.18
C ILE B 105 -37.55 29.33 5.66
N SER B 106 -36.38 28.91 6.14
CA SER B 106 -36.03 29.09 7.56
C SER B 106 -35.92 30.56 7.91
N ALA B 107 -35.39 31.37 6.99
CA ALA B 107 -35.34 32.81 7.24
C ALA B 107 -36.73 33.37 7.43
N TYR B 108 -37.63 33.09 6.47
CA TYR B 108 -38.99 33.58 6.61
C TYR B 108 -39.66 33.04 7.87
N LEU B 109 -39.33 31.81 8.25
CA LEU B 109 -39.87 31.19 9.46
C LEU B 109 -39.42 31.94 10.70
N TYR B 110 -38.13 32.26 10.77
CA TYR B 110 -37.61 33.04 11.90
C TYR B 110 -38.33 34.37 12.00
N HIS B 111 -38.52 35.04 10.85
CA HIS B 111 -39.19 36.34 10.90
C HIS B 111 -40.64 36.21 11.36
N ALA B 112 -41.30 35.12 10.95
CA ALA B 112 -42.66 34.89 11.42
C ALA B 112 -42.69 34.63 12.92
N ARG B 113 -41.79 33.78 13.43
CA ARG B 113 -41.80 33.48 14.86
C ARG B 113 -41.45 34.71 15.71
N GLU B 114 -40.66 35.64 15.16
CA GLU B 114 -40.44 36.91 15.82
C GLU B 114 -41.76 37.58 16.19
N LEU B 115 -42.83 37.29 15.45
CA LEU B 115 -44.14 37.88 15.68
C LEU B 115 -45.08 36.92 16.39
N GLY B 116 -44.56 35.80 16.89
CA GLY B 116 -45.38 34.78 17.50
C GLY B 116 -46.16 33.93 16.53
N TYR B 117 -45.72 33.82 15.28
CA TYR B 117 -46.43 33.05 14.27
C TYR B 117 -45.60 31.82 13.89
N THR B 118 -46.22 30.64 14.00
CA THR B 118 -45.51 29.36 13.91
C THR B 118 -46.30 28.40 13.02
N ASP B 119 -45.56 27.53 12.33
CA ASP B 119 -46.16 26.48 11.52
C ASP B 119 -45.40 25.17 11.74
N GLU B 120 -46.11 24.14 12.22
CA GLU B 120 -45.46 22.90 12.61
C GLU B 120 -45.07 22.06 11.39
N VAL B 121 -45.92 21.98 10.38
CA VAL B 121 -45.62 21.10 9.25
C VAL B 121 -44.38 21.59 8.54
N VAL B 122 -44.12 22.90 8.55
CA VAL B 122 -42.94 23.43 7.89
C VAL B 122 -41.69 23.03 8.66
N ASP B 123 -41.74 23.02 10.00
CA ASP B 123 -40.59 22.57 10.78
C ASP B 123 -40.33 21.08 10.56
N ALA B 124 -41.41 20.29 10.48
CA ALA B 124 -41.25 18.88 10.15
C ALA B 124 -40.59 18.70 8.80
N PHE B 125 -41.00 19.50 7.79
CA PHE B 125 -40.39 19.39 6.47
C PHE B 125 -38.93 19.84 6.49
N LEU B 126 -38.60 20.85 7.29
CA LEU B 126 -37.20 21.22 7.48
C LEU B 126 -36.40 20.02 7.94
N GLU B 127 -36.81 19.41 9.05
CA GLU B 127 -36.14 18.20 9.52
C GLU B 127 -36.01 17.16 8.42
N ARG B 128 -37.12 16.91 7.70
CA ARG B 128 -37.15 15.87 6.67
C ARG B 128 -36.17 16.16 5.55
N GLY B 129 -36.13 17.40 5.08
CA GLY B 129 -35.21 17.77 4.00
C GLY B 129 -33.76 17.68 4.42
N PHE B 130 -33.41 18.26 5.57
CA PHE B 130 -32.03 18.18 6.04
C PHE B 130 -31.60 16.74 6.28
N TYR B 131 -32.53 15.91 6.76
CA TYR B 131 -32.22 14.48 6.89
C TYR B 131 -32.02 13.85 5.53
N SER B 132 -32.77 14.32 4.52
CA SER B 132 -32.64 13.78 3.16
C SER B 132 -31.30 14.09 2.54
N THR B 133 -30.63 15.16 2.96
CA THR B 133 -29.32 15.55 2.44
C THR B 133 -28.17 15.08 3.31
N LEU B 134 -28.37 14.02 4.08
CA LEU B 134 -27.29 13.43 4.86
C LEU B 134 -26.35 12.64 3.96
N THR B 135 -25.45 11.85 4.57
CA THR B 135 -24.40 11.18 3.83
C THR B 135 -24.95 10.02 3.02
N ASN B 136 -25.48 9.01 3.70
CA ASN B 136 -25.95 7.80 3.02
C ASN B 136 -27.43 7.56 3.29
N VAL B 137 -28.28 8.50 2.87
CA VAL B 137 -29.71 8.43 3.09
C VAL B 137 -30.48 8.43 1.77
N ASN B 138 -30.19 9.37 0.88
CA ASN B 138 -30.94 9.56 -0.35
C ASN B 138 -29.97 9.70 -1.52
N PHE B 139 -30.18 8.88 -2.55
CA PHE B 139 -29.40 8.94 -3.79
C PHE B 139 -30.28 9.09 -5.02
N ASP B 140 -31.57 9.34 -4.86
CA ASP B 140 -32.52 9.42 -5.97
C ASP B 140 -32.69 10.87 -6.40
N ALA B 141 -32.28 11.17 -7.64
CA ALA B 141 -32.36 12.54 -8.14
C ALA B 141 -33.80 12.99 -8.36
N GLU B 142 -34.63 12.13 -8.97
CA GLU B 142 -36.04 12.49 -9.15
C GLU B 142 -36.73 12.79 -7.83
N GLU B 143 -36.38 12.05 -6.78
CA GLU B 143 -36.92 12.35 -5.46
C GLU B 143 -36.49 13.73 -5.00
N PHE B 144 -35.28 14.16 -5.38
CA PHE B 144 -34.84 15.51 -5.02
C PHE B 144 -35.57 16.58 -5.84
N VAL B 145 -35.99 16.24 -7.06
CA VAL B 145 -36.88 17.14 -7.82
C VAL B 145 -38.22 17.28 -7.10
N SER B 146 -38.81 16.15 -6.72
CA SER B 146 -40.02 16.13 -5.92
C SER B 146 -39.87 16.92 -4.63
N LEU B 147 -38.71 16.79 -3.99
CA LEU B 147 -38.47 17.50 -2.74
C LEU B 147 -38.28 18.98 -2.95
N ALA B 148 -37.66 19.38 -4.07
CA ALA B 148 -37.57 20.80 -4.39
C ALA B 148 -38.95 21.39 -4.61
N LEU B 149 -39.82 20.67 -5.31
CA LEU B 149 -41.18 21.16 -5.52
C LEU B 149 -41.95 21.21 -4.21
N GLU B 150 -41.79 20.20 -3.35
CA GLU B 150 -42.44 20.24 -2.04
C GLU B 150 -41.90 21.40 -1.21
N ALA B 151 -40.62 21.73 -1.36
CA ALA B 151 -40.06 22.89 -0.69
C ALA B 151 -40.68 24.17 -1.22
N GLY B 152 -40.94 24.21 -2.52
CA GLY B 152 -41.67 25.34 -3.07
C GLY B 152 -43.04 25.49 -2.42
N GLU B 153 -43.75 24.36 -2.25
CA GLU B 153 -45.07 24.41 -1.63
C GLU B 153 -44.98 24.90 -0.18
N MET B 154 -44.03 24.34 0.57
CA MET B 154 -43.84 24.78 1.94
C MET B 154 -43.44 26.26 2.00
N ASN B 155 -42.72 26.75 0.99
CA ASN B 155 -42.35 28.16 0.97
C ASN B 155 -43.56 29.04 0.66
N LEU B 156 -44.46 28.58 -0.21
CA LEU B 156 -45.76 29.26 -0.34
C LEU B 156 -46.41 29.37 1.03
N ARG B 157 -46.47 28.26 1.75
CA ARG B 157 -47.12 28.27 3.06
C ARG B 157 -46.43 29.24 4.02
N THR B 158 -45.10 29.24 4.02
CA THR B 158 -44.33 30.07 4.93
C THR B 158 -44.49 31.55 4.62
N MET B 159 -44.48 31.92 3.34
CA MET B 159 -44.70 33.31 2.99
C MET B 159 -46.12 33.74 3.32
N LYS B 160 -47.10 32.84 3.14
CA LYS B 160 -48.47 33.11 3.55
C LYS B 160 -48.55 33.39 5.05
N LEU B 161 -47.87 32.56 5.85
CA LEU B 161 -47.86 32.76 7.30
C LEU B 161 -47.19 34.07 7.67
N LEU B 162 -46.08 34.40 7.01
CA LEU B 162 -45.40 35.65 7.35
C LEU B 162 -46.23 36.87 6.96
N LYS B 163 -46.91 36.82 5.80
CA LYS B 163 -47.77 37.93 5.43
C LYS B 163 -48.94 38.08 6.40
N LYS B 164 -49.51 36.96 6.86
CA LYS B 164 -50.56 37.03 7.87
C LYS B 164 -50.03 37.61 9.19
N ALA B 165 -48.81 37.24 9.58
CA ALA B 165 -48.20 37.83 10.77
C ALA B 165 -48.07 39.35 10.63
N HIS B 166 -47.55 39.79 9.49
CA HIS B 166 -47.38 41.22 9.25
C HIS B 166 -48.72 41.96 9.25
N MET B 167 -49.73 41.38 8.59
CA MET B 167 -51.03 42.06 8.50
C MET B 167 -51.75 42.07 9.84
N ASP B 168 -51.57 41.03 10.66
CA ASP B 168 -52.20 41.06 11.97
C ASP B 168 -51.48 42.00 12.92
N THR B 169 -50.16 42.17 12.77
CA THR B 169 -49.41 43.01 13.70
C THR B 169 -49.41 44.48 13.32
N TYR B 170 -49.58 44.79 12.03
CA TYR B 170 -49.42 46.15 11.54
C TYR B 170 -50.51 46.59 10.58
N GLY B 171 -51.42 45.70 10.20
CA GLY B 171 -52.43 46.02 9.21
C GLY B 171 -51.96 45.71 7.80
N GLU B 172 -52.90 45.78 6.87
CA GLU B 172 -52.55 45.54 5.47
C GLU B 172 -51.90 46.79 4.87
N PRO B 173 -50.76 46.65 4.21
CA PRO B 173 -50.12 47.84 3.61
C PRO B 173 -51.00 48.47 2.54
N GLU B 174 -50.92 49.80 2.44
CA GLU B 174 -51.61 50.59 1.43
C GLU B 174 -50.64 51.65 0.90
N PRO B 175 -50.83 52.11 -0.34
CA PRO B 175 -49.85 52.99 -0.98
C PRO B 175 -49.39 54.15 -0.12
N ALA B 176 -48.08 54.45 -0.22
CA ALA B 176 -47.45 55.53 0.53
C ALA B 176 -46.34 56.15 -0.31
N GLU B 177 -46.29 57.48 -0.30
CA GLU B 177 -45.24 58.26 -0.96
C GLU B 177 -44.17 58.55 0.08
N VAL B 178 -43.01 57.92 -0.07
CA VAL B 178 -41.96 57.94 0.93
C VAL B 178 -40.91 58.95 0.51
N ARG B 179 -40.55 59.83 1.44
CA ARG B 179 -39.52 60.82 1.21
C ARG B 179 -38.16 60.14 1.28
N VAL B 180 -37.44 60.15 0.17
CA VAL B 180 -36.05 59.72 0.14
C VAL B 180 -35.20 60.98 0.18
N GLY B 181 -34.51 61.16 1.29
CA GLY B 181 -33.76 62.37 1.56
C GLY B 181 -33.85 62.66 3.04
N ALA B 182 -32.84 63.33 3.56
CA ALA B 182 -32.71 63.53 4.99
C ALA B 182 -33.50 64.74 5.47
N LEU B 183 -33.84 64.72 6.76
CA LEU B 183 -34.31 65.87 7.50
C LEU B 183 -33.25 66.29 8.51
N ASP B 184 -33.50 67.42 9.15
CA ASP B 184 -32.65 67.90 10.22
C ASP B 184 -32.85 67.08 11.49
N GLY B 185 -31.74 66.74 12.14
CA GLY B 185 -31.81 66.02 13.40
C GLY B 185 -31.04 64.72 13.40
N PRO B 186 -30.79 64.17 14.59
CA PRO B 186 -30.13 62.86 14.68
C PRO B 186 -30.89 61.81 13.90
N ALA B 187 -30.15 60.81 13.40
CA ALA B 187 -30.73 59.83 12.50
C ALA B 187 -30.24 58.42 12.81
N ILE B 188 -31.14 57.46 12.65
CA ILE B 188 -30.82 56.04 12.62
C ILE B 188 -31.34 55.50 11.31
N ILE B 189 -30.46 54.86 10.54
CA ILE B 189 -30.82 54.17 9.32
C ILE B 189 -30.94 52.68 9.63
N ALA B 190 -32.06 52.08 9.26
CA ALA B 190 -32.30 50.67 9.49
C ALA B 190 -32.30 49.93 8.15
N THR B 191 -31.54 48.85 8.09
CA THR B 191 -31.45 48.01 6.90
C THR B 191 -31.92 46.59 7.23
N GLY B 192 -32.48 45.92 6.22
CA GLY B 192 -32.82 44.52 6.33
C GLY B 192 -34.30 44.28 6.08
N HIS B 193 -34.80 43.18 6.64
CA HIS B 193 -36.18 42.76 6.46
C HIS B 193 -37.02 42.77 7.72
N SER B 194 -36.40 42.66 8.90
CA SER B 194 -37.12 42.52 10.16
C SER B 194 -37.98 43.76 10.44
N LEU B 195 -39.28 43.62 10.24
CA LEU B 195 -40.22 44.68 10.60
C LEU B 195 -40.43 44.75 12.10
N LYS B 196 -40.21 43.64 12.81
CA LYS B 196 -40.39 43.64 14.26
C LYS B 196 -39.33 44.49 14.93
N ALA B 197 -38.06 44.37 14.49
CA ALA B 197 -37.00 45.23 15.02
C ALA B 197 -37.29 46.69 14.73
N LEU B 198 -37.77 46.98 13.53
CA LEU B 198 -38.11 48.37 13.20
C LEU B 198 -39.24 48.89 14.08
N GLU B 199 -40.26 48.05 14.33
CA GLU B 199 -41.35 48.47 15.21
C GLU B 199 -40.86 48.73 16.62
N GLU B 200 -39.99 47.84 17.12
CA GLU B 200 -39.47 48.04 18.48
C GLU B 200 -38.65 49.32 18.57
N LEU B 201 -37.82 49.59 17.56
CA LEU B 201 -37.01 50.81 17.53
C LEU B 201 -37.90 52.05 17.48
N LEU B 202 -38.93 52.02 16.63
CA LEU B 202 -39.84 53.15 16.51
C LEU B 202 -40.59 53.39 17.83
N LYS B 203 -40.96 52.31 18.52
CA LYS B 203 -41.60 52.45 19.81
C LYS B 203 -40.63 53.06 20.82
N GLN B 204 -39.37 52.63 20.78
CA GLN B 204 -38.35 53.12 21.70
C GLN B 204 -37.90 54.53 21.38
N THR B 205 -38.19 55.04 20.18
CA THR B 205 -37.73 56.36 19.76
C THR B 205 -38.84 57.40 19.75
N GLU B 206 -40.05 57.05 20.19
CA GLU B 206 -41.14 58.02 20.28
C GLU B 206 -40.88 58.99 21.42
N GLY B 207 -40.65 60.26 21.09
CA GLY B 207 -40.32 61.28 22.05
C GLY B 207 -38.85 61.60 22.10
N SER B 208 -38.00 60.65 21.71
CA SER B 208 -36.56 60.91 21.67
C SER B 208 -36.19 61.96 20.64
N GLY B 209 -37.03 62.16 19.62
CA GLY B 209 -36.80 63.18 18.62
C GLY B 209 -35.76 62.84 17.58
N VAL B 210 -35.16 61.65 17.63
CA VAL B 210 -34.27 61.21 16.56
C VAL B 210 -35.11 60.59 15.46
N ASN B 211 -34.75 60.88 14.22
CA ASN B 211 -35.54 60.43 13.07
C ASN B 211 -34.99 59.11 12.56
N VAL B 212 -35.92 58.20 12.22
CA VAL B 212 -35.59 56.87 11.75
C VAL B 212 -35.91 56.78 10.27
N TYR B 213 -34.94 56.31 9.49
CA TYR B 213 -35.08 56.16 8.04
C TYR B 213 -34.92 54.70 7.66
N THR B 214 -35.67 54.28 6.64
CA THR B 214 -35.57 52.92 6.15
C THR B 214 -34.57 52.82 5.01
N HIS B 215 -34.01 51.63 4.84
CA HIS B 215 -33.04 51.39 3.79
C HIS B 215 -33.24 49.99 3.21
N SER B 216 -33.14 49.92 1.88
CA SER B 216 -33.18 48.66 1.13
C SER B 216 -34.52 47.97 1.26
N GLU B 217 -34.60 46.89 2.03
CA GLU B 217 -35.83 46.11 2.11
C GLU B 217 -36.76 46.56 3.21
N LEU B 218 -36.37 47.53 4.03
CA LEU B 218 -37.27 48.11 5.00
C LEU B 218 -38.12 49.25 4.43
N LEU B 219 -37.95 49.58 3.14
CA LEU B 219 -38.80 50.57 2.51
C LEU B 219 -40.28 50.22 2.57
N PRO B 220 -40.73 48.99 2.27
CA PRO B 220 -42.17 48.68 2.30
C PRO B 220 -42.84 48.95 3.65
N ALA B 221 -42.07 49.06 4.73
CA ALA B 221 -42.67 49.35 6.02
C ALA B 221 -43.51 50.61 6.00
N HIS B 222 -43.23 51.54 5.08
CA HIS B 222 -43.98 52.78 5.01
C HIS B 222 -45.42 52.58 4.58
N GLY B 223 -45.77 51.39 4.09
CA GLY B 223 -47.13 51.10 3.70
C GLY B 223 -47.97 50.55 4.83
N TYR B 224 -47.33 49.94 5.83
CA TYR B 224 -48.04 49.30 6.94
C TYR B 224 -48.64 50.35 7.87
N PRO B 225 -49.96 50.35 8.08
CA PRO B 225 -50.57 51.37 8.95
C PRO B 225 -50.02 51.41 10.36
N GLY B 226 -49.63 50.27 10.92
CA GLY B 226 -49.07 50.26 12.25
C GLY B 226 -47.64 50.75 12.33
N LEU B 227 -46.98 50.90 11.19
CA LEU B 227 -45.61 51.41 11.14
C LEU B 227 -45.53 52.84 10.65
N ARG B 228 -46.34 53.22 9.66
CA ARG B 228 -46.35 54.59 9.19
C ARG B 228 -46.96 55.57 10.18
N LYS B 229 -47.63 55.07 11.22
CA LYS B 229 -48.23 55.96 12.20
C LYS B 229 -47.20 56.70 13.03
N TYR B 230 -45.95 56.25 13.01
CA TYR B 230 -44.91 56.89 13.81
C TYR B 230 -44.36 58.11 13.10
N PRO B 231 -44.49 59.31 13.66
CA PRO B 231 -43.99 60.51 12.97
C PRO B 231 -42.49 60.48 12.74
N HIS B 232 -41.70 60.03 13.73
CA HIS B 232 -40.25 59.99 13.58
C HIS B 232 -39.77 58.97 12.56
N LEU B 233 -40.69 58.32 11.85
CA LEU B 233 -40.34 57.51 10.67
C LEU B 233 -40.30 58.47 9.50
N ALA B 234 -39.12 59.08 9.29
CA ALA B 234 -38.99 60.19 8.37
C ALA B 234 -39.19 59.76 6.92
N GLY B 235 -38.40 58.79 6.45
CA GLY B 235 -38.58 58.31 5.11
C GLY B 235 -37.50 57.32 4.72
N GLN B 236 -37.34 57.13 3.42
CA GLN B 236 -36.29 56.27 2.92
C GLN B 236 -34.97 57.05 2.89
N LEU B 237 -33.87 56.32 2.86
CA LEU B 237 -32.54 56.92 2.82
C LEU B 237 -31.59 55.88 2.28
N GLY B 238 -30.91 56.20 1.19
CA GLY B 238 -30.20 55.19 0.43
C GLY B 238 -31.18 54.38 -0.41
N GLY B 239 -30.62 53.38 -1.09
CA GLY B 239 -31.40 52.58 -2.00
C GLY B 239 -31.26 51.10 -1.67
N PRO B 240 -30.84 50.30 -2.66
CA PRO B 240 -30.73 48.86 -2.44
C PRO B 240 -29.64 48.54 -1.43
N TRP B 241 -29.36 47.25 -1.19
CA TRP B 241 -28.43 46.91 -0.12
C TRP B 241 -27.00 47.30 -0.50
N PHE B 242 -26.63 47.15 -1.77
CA PHE B 242 -25.22 47.31 -2.13
C PHE B 242 -24.77 48.77 -2.28
N ASP B 243 -25.65 49.77 -2.17
CA ASP B 243 -25.12 51.12 -2.00
C ASP B 243 -24.73 51.38 -0.55
N GLN B 244 -24.98 50.43 0.34
CA GLN B 244 -24.73 50.52 1.77
C GLN B 244 -23.45 51.31 2.08
N ARG B 245 -22.28 50.82 1.62
CA ARG B 245 -21.01 51.42 2.01
C ARG B 245 -20.93 52.91 1.71
N GLU B 246 -21.59 53.38 0.64
CA GLU B 246 -21.56 54.82 0.43
C GLU B 246 -22.64 55.52 1.25
N THR B 247 -23.84 54.94 1.30
CA THR B 247 -24.95 55.57 2.02
C THR B 247 -24.58 55.82 3.47
N PHE B 248 -24.23 54.75 4.18
CA PHE B 248 -23.85 54.87 5.59
C PHE B 248 -22.68 55.79 5.79
N SER B 249 -21.85 55.99 4.75
CA SER B 249 -20.75 56.92 4.88
C SER B 249 -21.24 58.36 4.77
N ARG B 250 -22.15 58.63 3.84
CA ARG B 250 -22.44 60.02 3.54
C ARG B 250 -23.40 60.66 4.54
N TYR B 251 -24.28 59.87 5.16
CA TYR B 251 -25.18 60.39 6.18
C TYR B 251 -24.62 60.11 7.56
N SER B 252 -24.50 61.16 8.38
CA SER B 252 -23.88 61.10 9.70
C SER B 252 -24.88 60.53 10.72
N ALA B 253 -25.17 59.24 10.55
CA ALA B 253 -26.24 58.59 11.28
C ALA B 253 -25.76 57.30 11.94
N ALA B 254 -26.50 56.87 12.96
CA ALA B 254 -26.29 55.54 13.51
C ALA B 254 -26.96 54.53 12.60
N VAL B 255 -26.25 53.45 12.29
CA VAL B 255 -26.74 52.43 11.38
C VAL B 255 -27.06 51.17 12.16
N LEU B 256 -28.21 50.57 11.85
CA LEU B 256 -28.63 49.30 12.44
C LEU B 256 -29.07 48.36 11.33
N GLY B 257 -28.45 47.19 11.27
CA GLY B 257 -28.81 46.15 10.32
C GLY B 257 -29.63 45.07 10.99
N THR B 258 -30.85 44.86 10.49
CA THR B 258 -31.81 43.97 11.16
C THR B 258 -31.81 42.55 10.62
N SER B 259 -31.43 42.35 9.36
CA SER B 259 -31.48 41.03 8.74
C SER B 259 -30.29 40.91 7.79
N ASN B 260 -30.40 39.99 6.84
CA ASN B 260 -29.29 39.75 5.94
C ASN B 260 -29.17 40.90 4.95
N CYS B 261 -28.17 40.77 4.09
CA CYS B 261 -27.62 41.85 3.29
C CYS B 261 -27.15 42.97 4.22
N VAL B 262 -26.16 42.61 5.03
CA VAL B 262 -25.28 43.52 5.73
C VAL B 262 -23.86 43.22 5.25
N LEU B 263 -23.08 44.27 4.99
CA LEU B 263 -21.74 44.13 4.44
C LEU B 263 -20.70 44.52 5.48
N LEU B 264 -19.49 43.99 5.33
CA LEU B 264 -18.40 44.36 6.21
C LEU B 264 -18.21 45.88 6.19
N PRO B 265 -18.17 46.54 7.33
CA PRO B 265 -18.22 48.01 7.35
C PRO B 265 -16.89 48.64 7.01
N ARG B 266 -16.96 49.89 6.58
CA ARG B 266 -15.80 50.73 6.37
C ARG B 266 -15.56 51.62 7.58
N ASP B 267 -14.30 52.02 7.77
CA ASP B 267 -13.86 52.67 9.00
C ASP B 267 -14.65 53.95 9.30
N SER B 268 -15.22 54.60 8.27
CA SER B 268 -15.94 55.85 8.48
C SER B 268 -17.14 55.69 9.39
N TYR B 269 -17.82 54.53 9.35
CA TYR B 269 -19.03 54.34 10.12
C TYR B 269 -18.99 53.08 10.98
N ARG B 270 -17.80 52.52 11.20
CA ARG B 270 -17.70 51.26 11.95
C ARG B 270 -18.09 51.47 13.41
N ASP B 271 -17.66 52.57 14.02
CA ASP B 271 -18.03 52.85 15.40
C ASP B 271 -19.45 53.41 15.53
N ARG B 272 -20.23 53.44 14.46
CA ARG B 272 -21.61 53.91 14.58
C ARG B 272 -22.57 52.95 13.91
N MET B 273 -22.18 51.70 13.73
CA MET B 273 -23.06 50.69 13.18
C MET B 273 -23.36 49.64 14.25
N PHE B 274 -24.56 49.06 14.16
CA PHE B 274 -25.00 48.02 15.07
C PHE B 274 -25.71 46.93 14.29
N THR B 275 -25.64 45.71 14.83
CA THR B 275 -26.35 44.56 14.29
C THR B 275 -27.41 44.09 15.28
N CYS B 276 -28.43 43.42 14.75
CA CYS B 276 -29.45 42.83 15.62
C CYS B 276 -30.10 41.66 14.88
N GLY B 277 -30.84 40.86 15.65
CA GLY B 277 -31.44 39.66 15.11
C GLY B 277 -30.36 38.62 14.83
N VAL B 278 -30.36 38.14 13.59
CA VAL B 278 -29.34 37.17 13.16
C VAL B 278 -28.13 37.85 12.56
N ALA B 279 -28.21 39.13 12.22
CA ALA B 279 -27.08 39.83 11.62
C ALA B 279 -25.96 39.99 12.64
N ARG B 280 -24.74 39.75 12.18
CA ARG B 280 -23.58 39.85 13.06
C ARG B 280 -22.34 40.11 12.22
N LEU B 281 -21.60 41.16 12.60
CA LEU B 281 -20.40 41.56 11.92
C LEU B 281 -19.24 41.62 12.91
N PRO B 282 -18.04 41.23 12.50
CA PRO B 282 -16.89 41.33 13.41
C PRO B 282 -16.56 42.79 13.71
N GLY B 283 -16.33 43.09 14.99
CA GLY B 283 -16.02 44.43 15.41
C GLY B 283 -17.16 45.43 15.36
N VAL B 284 -18.39 44.96 15.16
CA VAL B 284 -19.60 45.78 15.20
C VAL B 284 -20.40 45.38 16.43
N GLU B 285 -20.84 46.38 17.20
CA GLU B 285 -21.64 46.10 18.39
C GLU B 285 -22.97 45.45 18.02
N HIS B 286 -23.32 44.40 18.76
CA HIS B 286 -24.55 43.68 18.55
C HIS B 286 -25.60 44.08 19.59
N VAL B 287 -26.84 44.19 19.15
CA VAL B 287 -27.94 44.63 19.99
C VAL B 287 -28.49 43.45 20.77
N ASP B 288 -28.60 43.61 22.07
CA ASP B 288 -29.06 42.54 22.95
C ASP B 288 -30.57 42.47 22.84
N GLY B 289 -31.06 41.47 22.11
CA GLY B 289 -32.48 41.34 21.85
C GLY B 289 -33.00 42.54 21.08
N TYR B 290 -33.90 43.31 21.69
CA TYR B 290 -34.43 44.51 21.06
C TYR B 290 -34.09 45.77 21.85
N ASP B 291 -33.07 45.71 22.69
CA ASP B 291 -32.66 46.85 23.52
C ASP B 291 -31.83 47.80 22.68
N PHE B 292 -32.49 48.78 22.04
CA PHE B 292 -31.84 49.70 21.12
C PHE B 292 -31.29 50.95 21.82
N SER B 293 -31.10 50.89 23.13
CA SER B 293 -30.48 52.00 23.86
C SER B 293 -29.13 52.43 23.30
N PRO B 294 -28.19 51.54 22.93
CA PRO B 294 -26.92 52.01 22.38
C PRO B 294 -27.07 52.76 21.07
N VAL B 295 -27.96 52.30 20.18
CA VAL B 295 -28.13 52.96 18.89
C VAL B 295 -28.69 54.36 19.07
N ILE B 296 -29.68 54.52 19.95
CA ILE B 296 -30.23 55.84 20.23
C ILE B 296 -29.17 56.73 20.87
N GLU B 297 -28.37 56.17 21.78
CA GLU B 297 -27.24 56.89 22.37
C GLU B 297 -26.32 57.42 21.27
N LYS B 298 -25.94 56.56 20.34
CA LYS B 298 -25.07 56.95 19.25
C LYS B 298 -25.69 58.06 18.42
N ALA B 299 -26.93 57.85 17.95
CA ALA B 299 -27.59 58.86 17.12
C ALA B 299 -27.62 60.22 17.81
N LEU B 300 -27.85 60.24 19.12
CA LEU B 300 -27.88 61.51 19.84
C LEU B 300 -26.47 62.06 20.10
N GLU B 301 -25.45 61.20 20.05
CA GLU B 301 -24.06 61.66 20.21
C GLU B 301 -23.46 62.17 18.92
N LEU B 302 -24.00 61.75 17.78
CA LEU B 302 -23.43 62.08 16.48
C LEU B 302 -23.87 63.48 16.05
N PRO B 303 -23.09 64.13 15.18
CA PRO B 303 -23.57 65.36 14.55
C PRO B 303 -24.84 65.10 13.76
N PRO B 304 -25.88 65.88 13.97
CA PRO B 304 -27.16 65.62 13.31
C PRO B 304 -27.06 65.72 11.79
N LEU B 305 -28.06 65.15 11.13
CA LEU B 305 -28.17 65.24 9.68
C LEU B 305 -28.67 66.62 9.27
N LYS B 306 -28.54 66.90 7.98
CA LYS B 306 -28.94 68.18 7.42
C LYS B 306 -30.07 67.95 6.42
N GLU B 307 -31.05 68.84 6.46
CA GLU B 307 -32.17 68.75 5.53
C GLU B 307 -31.68 68.87 4.10
N GLU B 308 -32.32 68.13 3.20
CA GLU B 308 -31.89 68.10 1.81
C GLU B 308 -33.14 68.06 0.95
N ASP B 309 -33.08 68.70 -0.22
CA ASP B 309 -34.18 68.60 -1.18
C ASP B 309 -34.42 67.12 -1.48
N SER B 310 -35.59 66.62 -1.09
CA SER B 310 -35.85 65.19 -1.13
C SER B 310 -36.59 64.80 -2.40
N ALA B 311 -36.57 63.51 -2.70
CA ALA B 311 -37.39 62.92 -3.73
C ALA B 311 -38.39 61.97 -3.10
N THR B 312 -39.12 61.22 -3.92
CA THR B 312 -40.14 60.33 -3.40
C THR B 312 -40.13 59.00 -4.14
N LEU B 313 -40.54 57.97 -3.41
CA LEU B 313 -40.77 56.63 -3.96
C LEU B 313 -42.16 56.19 -3.53
N THR B 314 -42.81 55.37 -4.34
CA THR B 314 -44.19 54.95 -4.05
C THR B 314 -44.22 53.47 -3.78
N THR B 315 -44.64 53.08 -2.57
CA THR B 315 -44.56 51.69 -2.17
C THR B 315 -45.83 51.27 -1.45
N GLY B 316 -45.96 49.95 -1.27
CA GLY B 316 -46.96 49.41 -0.36
C GLY B 316 -48.30 49.09 -0.98
N PHE B 317 -48.30 48.45 -2.14
CA PHE B 317 -49.55 48.05 -2.76
C PHE B 317 -49.94 46.69 -2.21
N GLY B 318 -50.75 46.71 -1.16
CA GLY B 318 -51.36 45.50 -0.68
C GLY B 318 -52.38 44.96 -1.65
N LEU B 319 -52.74 43.69 -1.46
CA LEU B 319 -53.65 43.03 -2.38
C LEU B 319 -54.98 43.77 -2.50
N SER B 320 -55.47 44.35 -1.40
CA SER B 320 -56.78 44.99 -1.41
C SER B 320 -56.78 46.24 -2.27
N THR B 321 -55.71 47.04 -2.19
CA THR B 321 -55.62 48.22 -3.05
C THR B 321 -55.64 47.82 -4.52
N ILE B 322 -54.96 46.72 -4.87
CA ILE B 322 -54.94 46.27 -6.26
C ILE B 322 -56.31 45.75 -6.68
N LEU B 323 -57.00 45.03 -5.79
CA LEU B 323 -58.30 44.46 -6.12
C LEU B 323 -59.37 45.54 -6.24
N SER B 324 -59.21 46.66 -5.55
CA SER B 324 -60.13 47.76 -5.76
C SER B 324 -60.00 48.39 -7.16
N LEU B 325 -59.05 47.93 -7.98
CA LEU B 325 -58.84 48.45 -9.33
C LEU B 325 -59.11 47.39 -10.39
N ALA B 326 -59.65 46.24 -9.98
CA ALA B 326 -59.80 45.09 -10.87
C ALA B 326 -60.74 45.41 -12.03
N ASP B 327 -61.82 46.14 -11.75
CA ASP B 327 -62.81 46.42 -12.79
C ASP B 327 -62.25 47.38 -13.85
N LYS B 328 -61.53 48.41 -13.43
CA LYS B 328 -60.86 49.27 -14.42
C LYS B 328 -59.78 48.52 -15.17
N ILE B 329 -59.05 47.63 -14.50
CA ILE B 329 -58.03 46.86 -15.21
C ILE B 329 -58.68 45.96 -16.26
N LYS B 330 -59.82 45.35 -15.92
CA LYS B 330 -60.58 44.56 -16.88
C LYS B 330 -60.98 45.40 -18.08
N GLU B 331 -61.60 46.55 -17.82
CA GLU B 331 -61.99 47.47 -18.88
C GLU B 331 -60.80 47.82 -19.75
N LEU B 332 -59.66 48.09 -19.13
CA LEU B 332 -58.50 48.59 -19.86
C LEU B 332 -57.87 47.49 -20.72
N VAL B 333 -57.81 46.25 -20.22
CA VAL B 333 -57.26 45.19 -21.06
C VAL B 333 -58.22 44.86 -22.20
N GLU B 334 -59.53 44.89 -21.93
CA GLU B 334 -60.48 44.55 -22.99
C GLU B 334 -60.55 45.65 -24.05
N GLU B 335 -60.34 46.91 -23.67
CA GLU B 335 -60.22 47.98 -24.65
C GLU B 335 -58.93 47.88 -25.45
N GLY B 336 -57.86 47.38 -24.83
CA GLY B 336 -56.56 47.31 -25.45
C GLY B 336 -55.59 48.38 -25.02
N LYS B 337 -56.01 49.30 -24.14
CA LYS B 337 -55.10 50.34 -23.66
C LYS B 337 -54.12 49.84 -22.62
N ILE B 338 -54.21 48.57 -22.20
CA ILE B 338 -53.14 47.91 -21.46
C ILE B 338 -52.94 46.55 -22.10
N ARG B 339 -51.71 46.27 -22.52
CA ARG B 339 -51.43 45.11 -23.34
C ARG B 339 -50.76 43.97 -22.59
N ARG B 340 -50.06 44.22 -21.48
CA ARG B 340 -49.48 43.13 -20.74
C ARG B 340 -49.04 43.57 -19.35
N PHE B 341 -49.08 42.58 -18.45
CA PHE B 341 -48.52 42.70 -17.10
C PHE B 341 -47.14 42.07 -17.09
N PHE B 342 -46.21 42.72 -16.41
CA PHE B 342 -44.86 42.21 -16.25
C PHE B 342 -44.50 42.21 -14.77
N LEU B 343 -44.13 41.04 -14.26
CA LEU B 343 -43.59 40.92 -12.91
C LEU B 343 -42.08 40.98 -13.03
N VAL B 344 -41.49 42.11 -12.62
CA VAL B 344 -40.06 42.37 -12.76
C VAL B 344 -39.55 42.78 -11.39
N GLY B 345 -38.77 41.91 -10.77
CA GLY B 345 -38.27 42.19 -9.44
C GLY B 345 -37.61 40.96 -8.86
N GLY B 346 -37.44 41.00 -7.54
CA GLY B 346 -36.70 39.97 -6.84
C GLY B 346 -35.42 40.57 -6.30
N ASP B 348 -31.46 41.50 -5.86
CA ASP B 348 -30.46 42.01 -6.78
C ASP B 348 -29.03 41.88 -6.26
N SER B 349 -28.08 42.17 -7.15
CA SER B 349 -26.65 42.06 -6.90
C SER B 349 -25.96 43.17 -7.68
N PRO B 350 -24.75 43.59 -7.26
CA PRO B 350 -24.05 44.65 -8.00
C PRO B 350 -23.37 44.16 -9.27
N LEU B 351 -23.87 43.05 -9.83
CA LEU B 351 -23.32 42.54 -11.06
C LEU B 351 -23.64 43.46 -12.23
N PRO B 352 -22.79 43.48 -13.28
CA PRO B 352 -23.12 44.30 -14.46
C PRO B 352 -24.31 43.76 -15.24
N GLN B 353 -24.50 42.45 -15.28
CA GLN B 353 -25.64 41.90 -16.02
C GLN B 353 -26.98 42.35 -15.45
N ALA B 354 -27.00 42.86 -14.23
CA ALA B 354 -28.24 43.33 -13.65
C ALA B 354 -28.66 44.69 -14.17
N LYS B 355 -27.75 45.43 -14.83
CA LYS B 355 -28.19 46.59 -15.60
C LYS B 355 -29.27 46.21 -16.58
N TYR B 356 -29.30 44.92 -16.99
CA TYR B 356 -30.36 44.43 -17.85
C TYR B 356 -31.72 44.94 -17.38
N TYR B 357 -31.97 44.83 -16.07
CA TYR B 357 -33.29 45.17 -15.55
C TYR B 357 -33.63 46.62 -15.83
N THR B 358 -32.71 47.55 -15.51
CA THR B 358 -32.98 48.95 -15.78
C THR B 358 -33.24 49.18 -17.26
N GLU B 359 -32.53 48.46 -18.12
CA GLU B 359 -32.80 48.57 -19.55
C GLU B 359 -34.17 48.00 -19.88
N PHE B 360 -34.49 46.84 -19.31
CA PHE B 360 -35.71 46.12 -19.69
C PHE B 360 -36.94 46.98 -19.46
N VAL B 361 -37.08 47.53 -18.26
CA VAL B 361 -38.22 48.39 -17.99
C VAL B 361 -38.16 49.67 -18.80
N ARG B 362 -36.95 50.16 -19.10
CA ARG B 362 -36.81 51.44 -19.79
C ARG B 362 -37.28 51.36 -21.23
N LYS B 363 -37.22 50.17 -21.84
CA LYS B 363 -37.70 49.94 -23.20
C LYS B 363 -39.09 49.32 -23.24
N LEU B 364 -39.72 49.10 -22.09
CA LEU B 364 -41.05 48.50 -22.09
C LEU B 364 -42.05 49.47 -22.69
N PRO B 365 -43.01 48.98 -23.49
CA PRO B 365 -44.03 49.87 -24.06
C PRO B 365 -44.88 50.51 -22.98
N GLU B 366 -45.47 51.65 -23.31
CA GLU B 366 -46.18 52.45 -22.32
C GLU B 366 -47.60 51.96 -22.04
N ASP B 367 -48.06 50.93 -22.75
CA ASP B 367 -49.36 50.30 -22.49
C ASP B 367 -49.20 49.03 -21.67
N THR B 368 -48.21 49.01 -20.77
CA THR B 368 -47.90 47.86 -19.93
C THR B 368 -47.80 48.29 -18.48
N VAL B 369 -47.99 47.34 -17.56
CA VAL B 369 -47.72 47.67 -16.16
C VAL B 369 -46.69 46.71 -15.60
N VAL B 370 -45.92 47.22 -14.63
CA VAL B 370 -44.85 46.50 -13.96
C VAL B 370 -45.20 46.34 -12.49
N LEU B 371 -45.06 45.12 -11.98
CA LEU B 371 -45.13 44.83 -10.54
C LEU B 371 -43.74 44.44 -10.08
N THR B 372 -43.28 45.06 -9.00
CA THR B 372 -41.89 44.90 -8.57
C THR B 372 -41.83 44.35 -7.15
N LEU B 373 -40.62 44.09 -6.69
CA LEU B 373 -40.42 43.27 -5.50
C LEU B 373 -38.95 43.36 -5.06
N ALA B 374 -38.73 43.11 -3.76
CA ALA B 374 -37.40 43.02 -3.15
C ALA B 374 -36.49 44.18 -3.53
N CYS B 375 -35.17 44.01 -3.40
CA CYS B 375 -34.27 45.14 -3.66
C CYS B 375 -34.12 45.42 -5.15
N GLY B 376 -34.39 44.42 -6.00
CA GLY B 376 -34.35 44.62 -7.44
C GLY B 376 -35.30 45.69 -7.94
N LYS B 377 -36.13 46.23 -7.05
CA LYS B 377 -36.97 47.35 -7.44
C LYS B 377 -36.15 48.61 -7.65
N TYR B 378 -35.05 48.76 -6.89
CA TYR B 378 -34.24 49.98 -6.94
C TYR B 378 -33.50 50.19 -8.28
N ARG B 379 -33.79 49.34 -9.26
CA ARG B 379 -33.29 49.51 -10.61
C ARG B 379 -34.20 50.40 -11.46
N PHE B 380 -35.42 50.68 -11.01
CA PHE B 380 -36.36 51.42 -11.84
C PHE B 380 -37.55 51.98 -11.07
N ASN B 381 -37.50 51.99 -9.74
CA ASN B 381 -38.63 52.53 -9.00
C ASN B 381 -38.68 54.05 -9.01
N SER B 382 -37.54 54.70 -9.25
CA SER B 382 -37.50 56.15 -9.33
C SER B 382 -37.87 56.68 -10.71
N MET B 383 -38.06 55.80 -11.70
CA MET B 383 -38.47 56.23 -13.02
C MET B 383 -39.90 56.77 -12.97
N ASP B 384 -40.12 57.89 -13.65
CA ASP B 384 -41.43 58.55 -13.64
C ASP B 384 -42.26 57.98 -14.78
N LEU B 385 -42.74 56.75 -14.56
CA LEU B 385 -43.49 56.01 -15.56
C LEU B 385 -44.95 56.43 -15.65
N GLY B 386 -45.48 57.07 -14.61
CA GLY B 386 -46.85 57.55 -14.64
C GLY B 386 -47.90 56.47 -14.48
N ASP B 387 -48.97 56.55 -15.26
CA ASP B 387 -50.09 55.64 -15.08
C ASP B 387 -50.83 55.45 -16.40
N ILE B 388 -51.78 54.51 -16.41
CA ILE B 388 -52.59 54.22 -17.57
C ILE B 388 -54.05 54.42 -17.17
N ASP B 389 -54.62 55.55 -17.58
CA ASP B 389 -56.02 55.86 -17.29
C ASP B 389 -56.33 55.75 -15.80
N GLY B 390 -55.37 56.15 -14.96
CA GLY B 390 -55.49 56.07 -13.52
C GLY B 390 -54.80 54.90 -12.86
N ILE B 391 -54.42 53.87 -13.62
CA ILE B 391 -53.75 52.69 -13.07
C ILE B 391 -52.25 52.93 -13.17
N PRO B 392 -51.51 52.92 -12.04
CA PRO B 392 -50.07 53.19 -12.11
C PRO B 392 -49.38 52.13 -12.94
N ARG B 393 -48.34 52.54 -13.64
CA ARG B 393 -47.59 51.57 -14.43
C ARG B 393 -46.61 50.78 -13.59
N LEU B 394 -46.24 51.29 -12.42
CA LEU B 394 -45.39 50.59 -11.47
C LEU B 394 -46.15 50.37 -10.17
N ILE B 395 -46.09 49.14 -9.65
CA ILE B 395 -46.79 48.75 -8.44
C ILE B 395 -45.82 47.97 -7.55
N ASP B 396 -45.54 48.50 -6.36
CA ASP B 396 -44.60 47.89 -5.42
C ASP B 396 -45.37 47.05 -4.40
N LEU B 397 -45.19 45.73 -4.47
CA LEU B 397 -45.85 44.82 -3.54
C LEU B 397 -45.11 44.72 -2.21
N GLY B 398 -43.82 45.03 -2.18
CA GLY B 398 -43.10 45.08 -0.92
C GLY B 398 -41.77 44.34 -0.92
N GLN B 399 -41.58 43.45 0.05
CA GLN B 399 -40.33 42.74 0.20
C GLN B 399 -40.28 41.52 -0.72
N CYS B 400 -39.19 40.77 -0.65
CA CYS B 400 -39.13 39.51 -1.38
C CYS B 400 -40.20 38.55 -0.86
N ASN B 401 -40.41 38.53 0.46
CA ASN B 401 -41.47 37.70 1.04
C ASN B 401 -42.86 38.15 0.61
N ASP B 402 -42.99 39.33 0.01
CA ASP B 402 -44.26 39.73 -0.57
C ASP B 402 -44.49 39.13 -1.94
N SER B 403 -43.56 38.29 -2.42
CA SER B 403 -43.83 37.44 -3.59
C SER B 403 -45.19 36.79 -3.48
N ILE B 404 -45.57 36.38 -2.27
CA ILE B 404 -46.82 35.65 -2.07
C ILE B 404 -48.01 36.45 -2.59
N VAL B 405 -48.03 37.76 -2.31
CA VAL B 405 -49.16 38.55 -2.79
C VAL B 405 -49.17 38.58 -4.31
N ALA B 406 -47.98 38.65 -4.92
CA ALA B 406 -47.88 38.48 -6.36
C ALA B 406 -48.61 37.23 -6.80
N VAL B 407 -48.31 36.10 -6.15
CA VAL B 407 -49.03 34.85 -6.41
C VAL B 407 -50.54 35.10 -6.34
N GLU B 408 -51.01 35.61 -5.19
CA GLU B 408 -52.43 35.91 -5.02
C GLU B 408 -52.93 36.73 -6.20
N LEU B 409 -52.16 37.75 -6.61
CA LEU B 409 -52.58 38.62 -7.70
C LEU B 409 -52.91 37.84 -8.95
N VAL B 410 -52.01 36.95 -9.39
CA VAL B 410 -52.29 36.25 -10.64
C VAL B 410 -53.53 35.38 -10.48
N GLU B 411 -53.70 34.80 -9.29
CA GLU B 411 -54.87 33.97 -9.04
C GLU B 411 -56.14 34.79 -9.21
N ALA B 412 -56.11 36.04 -8.74
CA ALA B 412 -57.23 36.94 -9.00
C ALA B 412 -57.38 37.22 -10.47
N LEU B 413 -56.26 37.50 -11.15
CA LEU B 413 -56.33 37.84 -12.57
C LEU B 413 -56.91 36.68 -13.36
N SER B 414 -56.48 35.46 -13.06
CA SER B 414 -57.06 34.29 -13.74
C SER B 414 -58.56 34.22 -13.51
N ASN B 415 -59.02 34.65 -12.35
CA ASN B 415 -60.46 34.69 -12.09
C ASN B 415 -61.08 35.95 -12.66
N LEU B 416 -60.30 37.02 -12.78
CA LEU B 416 -60.82 38.27 -13.32
C LEU B 416 -61.18 38.11 -14.80
N PHE B 417 -60.21 37.69 -15.61
CA PHE B 417 -60.42 37.55 -17.05
C PHE B 417 -60.97 36.18 -17.45
N SER B 418 -61.19 35.27 -16.50
CA SER B 418 -61.73 33.94 -16.77
C SER B 418 -60.82 33.14 -17.70
N MET B 419 -59.52 33.14 -17.38
CA MET B 419 -58.53 32.39 -18.15
C MET B 419 -57.61 31.62 -17.20
N ASP B 420 -57.09 30.51 -17.69
CA ASP B 420 -56.13 29.76 -16.90
C ASP B 420 -54.87 30.59 -16.68
N VAL B 421 -54.17 30.33 -15.56
CA VAL B 421 -53.02 31.13 -15.19
C VAL B 421 -52.02 31.22 -16.33
N ASN B 422 -51.74 30.09 -16.98
CA ASN B 422 -50.80 30.05 -18.12
C ASN B 422 -51.47 30.44 -19.42
N GLU B 423 -52.41 31.37 -19.36
CA GLU B 423 -53.01 31.98 -20.54
C GLU B 423 -53.19 33.48 -20.35
N LEU B 424 -52.76 34.03 -19.23
CA LEU B 424 -52.90 35.44 -18.95
C LEU B 424 -51.95 36.28 -19.80
N PRO B 425 -52.27 37.57 -20.00
CA PRO B 425 -51.28 38.49 -20.58
C PRO B 425 -50.30 38.94 -19.51
N LEU B 426 -49.47 38.00 -19.06
CA LEU B 426 -48.56 38.18 -17.94
C LEU B 426 -47.23 37.54 -18.27
N SER B 427 -46.14 38.28 -18.05
CA SER B 427 -44.81 37.73 -18.16
C SER B 427 -44.06 37.93 -16.85
N ILE B 428 -43.15 37.01 -16.56
CA ILE B 428 -42.44 36.97 -15.27
C ILE B 428 -40.95 37.07 -15.51
N VAL B 429 -40.30 38.02 -14.85
CA VAL B 429 -38.87 38.27 -15.00
C VAL B 429 -38.26 38.36 -13.61
N LEU B 430 -37.55 37.32 -13.19
CA LEU B 430 -36.97 37.25 -11.86
C LEU B 430 -35.56 37.81 -11.83
N SER B 431 -35.25 38.48 -10.72
CA SER B 431 -33.89 38.71 -10.28
C SER B 431 -33.68 37.89 -9.02
N TRP B 432 -32.58 37.14 -8.98
CA TRP B 432 -32.26 36.36 -7.80
C TRP B 432 -30.86 36.71 -7.35
N MET B 433 -30.62 36.52 -6.05
CA MET B 433 -29.27 36.74 -5.51
C MET B 433 -28.97 35.75 -4.40
N GLU B 434 -29.96 35.43 -3.57
CA GLU B 434 -29.61 34.60 -2.42
C GLU B 434 -30.53 33.38 -2.30
N GLN B 435 -30.55 32.81 -1.11
CA GLN B 435 -31.29 31.57 -0.84
C GLN B 435 -32.79 31.83 -0.80
N LYS B 436 -33.19 32.93 -0.16
CA LYS B 436 -34.60 33.34 -0.19
C LYS B 436 -35.14 33.36 -1.61
N ALA B 437 -34.35 33.89 -2.55
CA ALA B 437 -34.75 33.88 -3.95
C ALA B 437 -34.86 32.46 -4.50
N ALA B 438 -34.00 31.54 -4.05
CA ALA B 438 -34.10 30.15 -4.50
C ALA B 438 -35.41 29.52 -4.02
N ALA B 439 -35.75 29.76 -2.75
CA ALA B 439 -37.02 29.27 -2.24
C ALA B 439 -38.18 29.89 -3.02
N ILE B 440 -38.07 31.17 -3.36
CA ILE B 440 -39.11 31.80 -4.17
C ILE B 440 -39.21 31.17 -5.54
N LEU B 441 -38.05 30.88 -6.15
CA LEU B 441 -38.05 30.28 -7.48
C LEU B 441 -38.70 28.90 -7.46
N TRP B 442 -38.37 28.07 -6.48
CA TRP B 442 -39.02 26.78 -6.39
C TRP B 442 -40.48 26.91 -5.99
N SER B 443 -40.84 27.99 -5.31
CA SER B 443 -42.25 28.29 -5.07
C SER B 443 -42.98 28.53 -6.38
N LEU B 444 -42.40 29.36 -7.24
CA LEU B 444 -42.99 29.64 -8.55
C LEU B 444 -43.05 28.39 -9.43
N LEU B 445 -42.05 27.52 -9.30
CA LEU B 445 -42.03 26.29 -10.09
C LEU B 445 -43.07 25.28 -9.59
N SER B 446 -43.32 25.23 -8.28
CA SER B 446 -44.38 24.38 -7.76
C SER B 446 -45.76 24.84 -8.24
N LEU B 447 -45.88 26.10 -8.66
CA LEU B 447 -47.11 26.61 -9.22
C LEU B 447 -47.19 26.40 -10.72
N ASN B 448 -46.20 25.72 -11.31
CA ASN B 448 -46.18 25.39 -12.73
C ASN B 448 -46.26 26.67 -13.58
N LEU B 449 -45.39 27.62 -13.26
CA LEU B 449 -45.31 28.89 -13.97
C LEU B 449 -44.28 28.72 -15.08
N ARG B 450 -44.75 28.51 -16.30
CA ARG B 450 -43.88 28.16 -17.41
C ARG B 450 -43.52 29.40 -18.23
N GLY B 451 -42.29 29.43 -18.72
CA GLY B 451 -41.83 30.58 -19.47
C GLY B 451 -41.34 31.74 -18.65
N MET B 452 -40.93 31.49 -17.41
CA MET B 452 -40.37 32.54 -16.59
C MET B 452 -38.94 32.86 -17.01
N TYR B 453 -38.56 34.12 -16.81
CA TYR B 453 -37.22 34.58 -17.12
C TYR B 453 -36.43 34.74 -15.83
N ILE B 454 -35.12 34.49 -15.90
CA ILE B 454 -34.29 34.50 -14.70
C ILE B 454 -32.98 35.24 -14.99
N GLY B 455 -32.59 36.13 -14.07
CA GLY B 455 -31.31 36.77 -14.10
C GLY B 455 -30.76 36.87 -12.69
N PRO B 456 -29.53 37.38 -12.55
CA PRO B 456 -28.62 37.88 -13.59
C PRO B 456 -27.84 36.75 -14.23
N ILE B 457 -27.82 35.59 -13.55
CA ILE B 457 -27.05 34.44 -13.99
C ILE B 457 -27.82 33.20 -13.55
N LEU B 458 -27.49 32.07 -14.16
CA LEU B 458 -28.04 30.81 -13.68
C LEU B 458 -27.33 30.40 -12.40
N PRO B 459 -28.07 29.90 -11.40
CA PRO B 459 -27.47 29.48 -10.13
C PRO B 459 -26.19 28.67 -10.28
N GLY B 460 -25.20 28.98 -9.45
CA GLY B 460 -23.91 28.33 -9.54
C GLY B 460 -23.91 26.88 -9.14
N TRP B 461 -25.02 26.36 -8.61
CA TRP B 461 -25.07 24.97 -8.18
C TRP B 461 -25.79 24.07 -9.18
N ALA B 462 -26.22 24.61 -10.31
CA ALA B 462 -26.98 23.88 -11.31
C ALA B 462 -26.03 23.40 -12.42
N ASN B 463 -25.70 22.10 -12.43
CA ASN B 463 -24.94 21.59 -13.55
C ASN B 463 -25.84 21.49 -14.78
N ASP B 464 -25.25 21.04 -15.89
CA ASP B 464 -25.98 20.93 -17.15
C ASP B 464 -27.25 20.10 -17.02
N ASP B 465 -27.21 19.02 -16.22
CA ASP B 465 -28.39 18.19 -16.04
C ASP B 465 -29.55 19.00 -15.47
N ILE B 466 -29.28 19.75 -14.41
CA ILE B 466 -30.32 20.55 -13.75
C ILE B 466 -30.80 21.67 -14.66
N ILE B 467 -29.87 22.36 -15.33
CA ILE B 467 -30.26 23.45 -16.22
C ILE B 467 -31.19 22.93 -17.32
N ASN B 468 -30.86 21.77 -17.90
CA ASN B 468 -31.70 21.22 -18.95
C ASN B 468 -33.04 20.76 -18.41
N VAL B 469 -33.08 20.13 -17.23
CA VAL B 469 -34.37 19.76 -16.65
C VAL B 469 -35.25 21.01 -16.50
N LEU B 470 -34.70 22.11 -15.97
CA LEU B 470 -35.49 23.33 -15.85
C LEU B 470 -35.95 23.85 -17.21
N VAL B 471 -35.08 23.86 -18.22
CA VAL B 471 -35.47 24.53 -19.46
C VAL B 471 -36.42 23.68 -20.29
N ASP B 472 -36.29 22.35 -20.24
CA ASP B 472 -37.17 21.53 -21.05
C ASP B 472 -38.47 21.15 -20.33
N LYS B 473 -38.45 20.98 -19.00
CA LYS B 473 -39.66 20.61 -18.29
C LYS B 473 -40.42 21.81 -17.72
N TYR B 474 -39.75 22.93 -17.48
CA TYR B 474 -40.41 24.13 -16.97
C TYR B 474 -40.18 25.36 -17.82
N GLU B 475 -39.45 25.26 -18.93
CA GLU B 475 -39.30 26.33 -19.90
C GLU B 475 -38.74 27.60 -19.28
N LEU B 476 -37.89 27.46 -18.26
CA LEU B 476 -37.22 28.59 -17.64
C LEU B 476 -36.24 29.20 -18.63
N THR B 477 -36.48 30.46 -19.02
CA THR B 477 -35.69 31.11 -20.06
C THR B 477 -34.73 32.09 -19.41
N PRO B 478 -33.42 31.97 -19.64
CA PRO B 478 -32.48 32.95 -19.08
C PRO B 478 -32.61 34.30 -19.77
N ILE B 479 -32.32 35.36 -19.02
CA ILE B 479 -32.36 36.69 -19.60
C ILE B 479 -31.30 36.82 -20.67
N GLY B 480 -31.66 37.47 -21.78
CA GLY B 480 -30.74 37.70 -22.86
C GLY B 480 -30.59 39.18 -23.16
N ASP B 481 -31.25 39.65 -24.20
CA ASP B 481 -31.22 41.06 -24.57
C ASP B 481 -32.57 41.68 -24.31
N PRO B 482 -32.62 42.83 -23.60
CA PRO B 482 -33.92 43.43 -23.26
C PRO B 482 -34.86 43.59 -24.44
N GLU B 483 -34.40 44.20 -25.52
CA GLU B 483 -35.28 44.44 -26.67
C GLU B 483 -35.80 43.13 -27.24
N GLU B 484 -34.90 42.17 -27.47
CA GLU B 484 -35.32 40.87 -28.00
C GLU B 484 -36.23 40.14 -27.03
N ASP B 485 -35.96 40.22 -25.73
CA ASP B 485 -36.83 39.57 -24.75
C ASP B 485 -38.24 40.15 -24.81
N ILE B 486 -38.36 41.48 -24.78
CA ILE B 486 -39.67 42.12 -24.87
C ILE B 486 -40.37 41.72 -26.17
N LYS B 487 -39.62 41.70 -27.28
CA LYS B 487 -40.24 41.33 -28.56
C LYS B 487 -40.77 39.90 -28.52
N LYS B 488 -40.03 38.99 -27.89
CA LYS B 488 -40.49 37.63 -27.75
C LYS B 488 -41.74 37.52 -26.87
N MET B 489 -41.75 38.24 -25.75
CA MET B 489 -42.82 38.08 -24.77
C MET B 489 -44.14 38.69 -25.22
N MET B 490 -44.13 39.66 -26.14
CA MET B 490 -45.34 40.41 -26.45
C MET B 490 -45.98 40.09 -27.80
N GLU B 491 -45.48 39.13 -28.55
CA GLU B 491 -46.00 38.92 -29.91
C GLU B 491 -46.81 37.63 -29.99
N VAL B 492 -48.13 37.77 -29.99
CA VAL B 492 -49.02 36.69 -30.37
C VAL B 492 -49.48 36.98 -31.80
N ASP B 493 -48.54 36.89 -32.74
CA ASP B 493 -48.79 37.30 -34.11
C ASP B 493 -47.92 36.49 -35.08
N MET C 1 2.81 -27.25 -39.68
CA MET C 1 2.87 -26.58 -38.39
C MET C 1 4.28 -26.09 -38.10
N LYS C 2 4.39 -25.07 -37.27
CA LYS C 2 5.68 -24.55 -36.82
C LYS C 2 6.16 -25.31 -35.60
N TYR C 3 7.46 -25.26 -35.36
CA TYR C 3 8.08 -25.94 -34.22
C TYR C 3 8.98 -24.98 -33.46
N ARG C 4 8.91 -25.08 -32.13
CA ARG C 4 9.66 -24.25 -31.19
C ARG C 4 10.71 -25.11 -30.50
N CYS C 5 11.93 -24.58 -30.43
CA CYS C 5 12.99 -25.22 -29.67
C CYS C 5 12.73 -25.10 -28.17
N LYS C 6 12.77 -26.22 -27.45
CA LYS C 6 12.57 -26.17 -26.00
C LYS C 6 13.71 -25.45 -25.29
N VAL C 7 14.91 -25.47 -25.86
CA VAL C 7 16.08 -24.92 -25.17
C VAL C 7 16.21 -23.43 -25.40
N CYS C 8 16.08 -22.98 -26.66
CA CYS C 8 16.34 -21.61 -27.03
C CYS C 8 15.20 -20.92 -27.76
N ASP C 9 14.05 -21.57 -27.93
CA ASP C 9 12.87 -20.97 -28.52
C ASP C 9 13.11 -20.46 -29.95
N TYR C 10 14.06 -21.07 -30.64
CA TYR C 10 14.22 -20.82 -32.07
C TYR C 10 13.05 -21.42 -32.85
N ILE C 11 12.42 -20.62 -33.69
CA ILE C 11 11.26 -21.05 -34.45
C ILE C 11 11.70 -21.63 -35.80
N TYR C 12 11.42 -22.91 -36.01
CA TYR C 12 11.51 -23.49 -37.34
C TYR C 12 10.17 -23.28 -38.05
N ASP C 13 10.20 -22.51 -39.14
CA ASP C 13 9.00 -22.21 -39.92
C ASP C 13 9.09 -22.93 -41.25
N PRO C 14 8.20 -23.88 -41.55
CA PRO C 14 8.31 -24.62 -42.81
C PRO C 14 8.15 -23.74 -44.05
N GLU C 15 7.75 -22.49 -43.90
CA GLU C 15 7.62 -21.60 -45.05
C GLU C 15 8.98 -21.02 -45.44
N VAL C 16 9.84 -20.77 -44.45
CA VAL C 16 11.16 -20.21 -44.67
C VAL C 16 12.20 -21.32 -44.82
N GLY C 17 12.05 -22.40 -44.06
CA GLY C 17 13.07 -23.41 -43.99
C GLY C 17 14.19 -23.00 -43.06
N ASP C 18 15.41 -23.41 -43.39
CA ASP C 18 16.60 -23.04 -42.64
C ASP C 18 17.71 -22.77 -43.64
N PRO C 19 17.83 -21.53 -44.12
CA PRO C 19 18.84 -21.23 -45.14
C PRO C 19 20.26 -21.49 -44.69
N THR C 20 20.54 -21.32 -43.40
CA THR C 20 21.91 -21.45 -42.91
C THR C 20 22.41 -22.88 -42.98
N SER C 21 21.53 -23.87 -42.97
CA SER C 21 21.94 -25.26 -42.92
C SER C 21 21.81 -26.01 -44.24
N GLY C 22 20.98 -25.55 -45.16
CA GLY C 22 20.82 -26.27 -46.41
C GLY C 22 19.39 -26.65 -46.70
N ILE C 23 18.49 -26.31 -45.77
CA ILE C 23 17.09 -26.69 -45.84
C ILE C 23 16.35 -25.62 -46.67
N LYS C 24 16.11 -25.95 -47.94
CA LYS C 24 15.48 -25.02 -48.86
C LYS C 24 14.09 -24.63 -48.39
N PRO C 25 13.65 -23.40 -48.68
CA PRO C 25 12.36 -22.90 -48.18
C PRO C 25 11.19 -23.73 -48.70
N GLY C 26 10.46 -24.34 -47.77
CA GLY C 26 9.28 -25.10 -48.11
C GLY C 26 9.23 -26.48 -47.48
N THR C 27 10.29 -26.84 -46.78
CA THR C 27 10.42 -28.20 -46.26
C THR C 27 9.65 -28.36 -44.95
N PRO C 28 8.78 -29.36 -44.84
CA PRO C 28 8.11 -29.63 -43.56
C PRO C 28 9.10 -30.09 -42.51
N PHE C 29 8.68 -29.99 -41.24
CA PHE C 29 9.57 -30.35 -40.14
C PHE C 29 9.90 -31.84 -40.15
N GLN C 30 8.94 -32.69 -40.49
CA GLN C 30 9.15 -34.14 -40.52
C GLN C 30 9.88 -34.61 -41.77
N GLU C 31 10.12 -33.71 -42.73
CA GLU C 31 10.93 -34.03 -43.89
C GLU C 31 12.33 -33.42 -43.80
N LEU C 32 12.83 -33.19 -42.54
CA LEU C 32 14.14 -32.71 -42.16
C LEU C 32 15.08 -33.88 -41.87
N PRO C 33 16.39 -33.69 -42.07
CA PRO C 33 17.33 -34.77 -41.83
C PRO C 33 17.35 -35.21 -40.37
N GLU C 34 17.80 -36.44 -40.15
CA GLU C 34 17.93 -36.95 -38.79
C GLU C 34 18.91 -36.13 -37.97
N ASP C 35 20.01 -35.72 -38.59
CA ASP C 35 21.06 -34.97 -37.91
C ASP C 35 20.86 -33.47 -38.03
N TRP C 36 19.62 -33.00 -38.20
CA TRP C 36 19.36 -31.56 -38.23
C TRP C 36 19.39 -31.05 -36.80
N LEU C 37 20.09 -29.94 -36.59
CA LEU C 37 20.24 -29.34 -35.27
C LEU C 37 19.73 -27.91 -35.29
N CYS C 38 19.43 -27.39 -34.10
CA CYS C 38 19.01 -26.00 -34.00
C CYS C 38 20.18 -25.11 -34.39
N PRO C 39 20.00 -24.14 -35.29
CA PRO C 39 21.12 -23.29 -35.70
C PRO C 39 21.59 -22.31 -34.64
N VAL C 40 20.95 -22.30 -33.47
CA VAL C 40 21.27 -21.35 -32.41
C VAL C 40 21.97 -22.02 -31.24
N CYS C 41 21.42 -23.12 -30.74
CA CYS C 41 21.97 -23.81 -29.58
C CYS C 41 22.48 -25.20 -29.92
N ASN C 42 22.41 -25.61 -31.19
CA ASN C 42 23.03 -26.85 -31.68
C ASN C 42 22.42 -28.08 -31.03
N VAL C 43 21.11 -28.02 -30.73
CA VAL C 43 20.38 -29.16 -30.21
C VAL C 43 19.55 -29.77 -31.33
N GLY C 44 19.37 -31.08 -31.25
CA GLY C 44 18.79 -31.84 -32.34
C GLY C 44 17.30 -31.61 -32.54
N LYS C 45 16.76 -32.33 -33.52
CA LYS C 45 15.32 -32.37 -33.75
C LYS C 45 14.57 -32.87 -32.53
N ASP C 46 15.26 -33.60 -31.64
CA ASP C 46 14.61 -34.17 -30.47
C ASP C 46 13.97 -33.10 -29.60
N GLN C 47 14.68 -32.00 -29.37
CA GLN C 47 14.18 -30.94 -28.50
C GLN C 47 13.33 -29.90 -29.23
N PHE C 48 12.45 -30.30 -30.14
CA PHE C 48 11.57 -29.40 -30.87
C PHE C 48 10.13 -29.85 -30.70
N GLU C 49 9.28 -28.94 -30.20
CA GLU C 49 7.89 -29.23 -29.98
C GLU C 49 7.01 -28.39 -30.91
N PRO C 50 5.85 -28.88 -31.33
CA PRO C 50 4.98 -28.07 -32.20
C PRO C 50 4.51 -26.80 -31.50
N LEU C 51 4.75 -25.66 -32.17
CA LEU C 51 4.47 -24.34 -31.62
C LEU C 51 3.04 -24.24 -31.10
N ARG C 52 2.89 -23.59 -29.94
CA ARG C 52 1.58 -23.36 -29.33
C ARG C 52 1.40 -21.96 -28.74
N GLY C 53 2.46 -21.18 -28.56
CA GLY C 53 2.34 -19.86 -27.96
C GLY C 53 3.02 -18.78 -28.78
N PRO C 60 9.94 -9.11 -16.06
CA PRO C 60 10.41 -10.34 -16.71
C PRO C 60 11.27 -11.19 -15.78
N GLU C 61 10.86 -11.28 -14.52
CA GLU C 61 11.52 -12.11 -13.53
C GLU C 61 10.88 -13.49 -13.45
N ASP C 62 10.01 -13.80 -14.41
CA ASP C 62 9.41 -15.11 -14.55
C ASP C 62 10.25 -15.94 -15.52
N ILE C 63 11.49 -16.13 -15.11
CA ILE C 63 12.45 -16.99 -15.80
C ILE C 63 12.26 -18.42 -15.34
N ASP C 64 12.02 -19.33 -16.28
CA ASP C 64 11.73 -20.72 -15.95
C ASP C 64 12.85 -21.35 -15.13
N MET C 65 14.10 -21.02 -15.45
CA MET C 65 15.28 -21.51 -14.75
C MET C 65 16.45 -20.64 -15.19
N PHE C 66 17.60 -20.86 -14.56
CA PHE C 66 18.79 -20.09 -14.90
C PHE C 66 20.05 -20.92 -14.66
N CYS C 67 20.97 -20.87 -15.61
CA CYS C 67 22.22 -21.61 -15.55
C CYS C 67 23.14 -21.18 -16.68
N TYR C 68 24.35 -20.71 -16.34
CA TYR C 68 25.33 -20.31 -17.34
C TYR C 68 26.72 -20.79 -16.96
N GLN C 69 26.81 -21.98 -16.35
CA GLN C 69 28.08 -22.48 -15.83
C GLN C 69 28.96 -23.11 -16.90
N CYS C 70 28.46 -23.33 -18.11
CA CYS C 70 29.20 -24.05 -19.13
C CYS C 70 29.22 -23.28 -20.44
N SER C 71 30.09 -23.71 -21.36
CA SER C 71 30.21 -23.03 -22.64
C SER C 71 29.02 -23.30 -23.56
N GLN C 72 28.27 -24.37 -23.32
CA GLN C 72 27.15 -24.73 -24.20
C GLN C 72 25.93 -23.82 -24.06
N THR C 73 25.85 -22.97 -23.02
CA THR C 73 24.64 -22.17 -22.80
C THR C 73 24.25 -21.40 -24.05
N VAL C 74 22.93 -21.22 -24.21
CA VAL C 74 22.39 -20.58 -25.40
C VAL C 74 23.00 -19.21 -25.58
N ARG C 75 23.49 -18.94 -26.79
CA ARG C 75 24.10 -17.66 -27.18
C ARG C 75 25.26 -17.27 -26.28
N GLY C 76 25.77 -18.20 -25.48
CA GLY C 76 26.83 -17.88 -24.56
C GLY C 76 26.44 -16.96 -23.44
N ARG C 77 25.17 -16.92 -23.07
CA ARG C 77 24.70 -16.00 -22.05
C ARG C 77 24.08 -16.74 -20.86
N ALA C 78 23.04 -17.54 -21.09
CA ALA C 78 22.39 -18.26 -20.00
C ALA C 78 21.38 -19.24 -20.59
N CYS C 79 21.32 -20.44 -20.03
CA CYS C 79 20.20 -21.33 -20.26
C CYS C 79 19.05 -20.92 -19.38
N THR C 80 17.87 -20.68 -19.98
CA THR C 80 16.76 -20.09 -19.25
C THR C 80 15.44 -20.82 -19.39
N VAL C 81 15.37 -21.89 -20.21
CA VAL C 81 14.14 -22.66 -20.33
C VAL C 81 14.50 -24.13 -20.17
N LYS C 82 15.47 -24.58 -20.96
CA LYS C 82 16.00 -25.94 -20.86
C LYS C 82 17.48 -25.87 -21.18
N GLY C 83 18.23 -26.78 -20.59
CA GLY C 83 19.66 -26.80 -20.81
C GLY C 83 20.01 -27.38 -22.17
N VAL C 84 20.96 -26.74 -22.85
CA VAL C 84 21.56 -27.33 -24.04
C VAL C 84 22.10 -28.71 -23.72
N CYS C 85 22.62 -28.89 -22.50
CA CYS C 85 23.11 -30.18 -22.04
C CYS C 85 21.99 -31.18 -21.79
N GLY C 86 20.75 -30.71 -21.67
CA GLY C 86 19.62 -31.58 -21.44
C GLY C 86 19.00 -31.46 -20.06
N LYS C 87 19.53 -30.62 -19.19
CA LYS C 87 19.00 -30.50 -17.83
C LYS C 87 17.72 -29.66 -17.86
N GLU C 88 16.69 -30.15 -17.17
CA GLU C 88 15.40 -29.47 -17.13
C GLU C 88 15.38 -28.43 -16.01
N ALA C 89 14.31 -27.64 -15.99
CA ALA C 89 14.21 -26.51 -15.06
C ALA C 89 14.14 -26.98 -13.62
N THR C 90 13.30 -27.99 -13.35
CA THR C 90 13.18 -28.49 -11.98
C THR C 90 14.52 -29.00 -11.46
N VAL C 91 15.29 -29.68 -12.32
CA VAL C 91 16.56 -30.22 -11.89
C VAL C 91 17.55 -29.09 -11.62
N ALA C 92 17.55 -28.05 -12.46
CA ALA C 92 18.43 -26.91 -12.22
C ALA C 92 18.09 -26.23 -10.89
N ARG C 93 16.80 -26.07 -10.61
CA ARG C 93 16.38 -25.47 -9.35
C ARG C 93 16.75 -26.36 -8.17
N LEU C 94 16.69 -27.68 -8.34
CA LEU C 94 17.10 -28.58 -7.27
C LEU C 94 18.61 -28.49 -7.03
N GLN C 95 19.39 -28.36 -8.10
CA GLN C 95 20.83 -28.19 -7.95
C GLN C 95 21.15 -26.90 -7.20
N ASP C 96 20.47 -25.80 -7.55
CA ASP C 96 20.70 -24.56 -6.81
C ASP C 96 20.27 -24.69 -5.36
N ASN C 97 19.18 -25.41 -5.10
CA ASN C 97 18.74 -25.65 -3.73
C ASN C 97 19.83 -26.38 -2.93
N LEU C 98 20.36 -27.47 -3.50
CA LEU C 98 21.43 -28.19 -2.85
C LEU C 98 22.64 -27.29 -2.62
N LEU C 99 22.94 -26.40 -3.58
CA LEU C 99 24.03 -25.46 -3.41
C LEU C 99 23.82 -24.58 -2.20
N PHE C 100 22.60 -24.06 -2.02
CA PHE C 100 22.32 -23.18 -0.89
C PHE C 100 22.45 -23.94 0.42
N ALA C 101 21.93 -25.17 0.48
CA ALA C 101 22.06 -25.96 1.70
C ALA C 101 23.52 -26.18 2.05
N ILE C 102 24.34 -26.53 1.06
CA ILE C 102 25.74 -26.75 1.33
C ILE C 102 26.44 -25.43 1.69
N LYS C 103 25.94 -24.30 1.17
CA LYS C 103 26.47 -23.01 1.60
C LYS C 103 26.27 -22.80 3.09
N GLY C 104 25.06 -23.07 3.58
CA GLY C 104 24.82 -22.96 5.02
C GLY C 104 25.71 -23.88 5.83
N ILE C 105 25.85 -25.13 5.37
CA ILE C 105 26.74 -26.07 6.04
C ILE C 105 28.18 -25.53 6.06
N SER C 106 28.63 -24.94 4.94
CA SER C 106 29.99 -24.41 4.88
C SER C 106 30.19 -23.25 5.85
N ALA C 107 29.17 -22.40 6.01
CA ALA C 107 29.26 -21.32 6.99
C ALA C 107 29.47 -21.87 8.39
N TYR C 108 28.60 -22.80 8.80
CA TYR C 108 28.75 -23.41 10.12
C TYR C 108 30.08 -24.15 10.25
N LEU C 109 30.56 -24.78 9.17
CA LEU C 109 31.83 -25.48 9.20
C LEU C 109 32.98 -24.51 9.43
N TYR C 110 32.98 -23.37 8.73
CA TYR C 110 34.01 -22.36 8.94
C TYR C 110 34.00 -21.88 10.39
N HIS C 111 32.81 -21.64 10.95
CA HIS C 111 32.75 -21.18 12.34
C HIS C 111 33.25 -22.24 13.30
N ALA C 112 32.97 -23.52 13.01
CA ALA C 112 33.49 -24.59 13.85
C ALA C 112 35.00 -24.69 13.73
N ARG C 113 35.53 -24.57 12.51
CA ARG C 113 36.96 -24.66 12.28
C ARG C 113 37.72 -23.51 12.93
N GLU C 114 37.06 -22.34 13.05
CA GLU C 114 37.65 -21.23 13.80
C GLU C 114 38.09 -21.66 15.21
N LEU C 115 37.44 -22.68 15.76
CA LEU C 115 37.74 -23.18 17.10
C LEU C 115 38.55 -24.47 17.05
N GLY C 116 39.08 -24.83 15.90
CA GLY C 116 39.81 -26.07 15.74
C GLY C 116 38.96 -27.31 15.67
N TYR C 117 37.69 -27.17 15.30
CA TYR C 117 36.76 -28.30 15.23
C TYR C 117 36.41 -28.56 13.77
N THR C 118 36.68 -29.79 13.33
CA THR C 118 36.53 -30.19 11.93
C THR C 118 35.89 -31.56 11.87
N ASP C 119 35.16 -31.82 10.80
CA ASP C 119 34.55 -33.12 10.57
C ASP C 119 34.81 -33.50 9.12
N GLU C 120 35.49 -34.65 8.92
CA GLU C 120 35.94 -35.04 7.60
C GLU C 120 34.78 -35.48 6.71
N VAL C 121 33.81 -36.20 7.29
CA VAL C 121 32.70 -36.72 6.50
C VAL C 121 31.85 -35.59 5.92
N VAL C 122 31.77 -34.46 6.62
CA VAL C 122 31.00 -33.34 6.12
C VAL C 122 31.71 -32.68 4.93
N ASP C 123 33.03 -32.55 5.00
CA ASP C 123 33.76 -32.00 3.86
C ASP C 123 33.71 -32.94 2.65
N ALA C 124 33.77 -34.25 2.90
CA ALA C 124 33.58 -35.22 1.82
C ALA C 124 32.21 -35.03 1.17
N PHE C 125 31.17 -34.86 1.99
CA PHE C 125 29.84 -34.63 1.44
C PHE C 125 29.77 -33.31 0.69
N LEU C 126 30.49 -32.29 1.16
CA LEU C 126 30.56 -31.02 0.44
C LEU C 126 31.05 -31.26 -0.98
N GLU C 127 32.23 -31.89 -1.08
CA GLU C 127 32.80 -32.23 -2.38
C GLU C 127 31.80 -33.00 -3.23
N ARG C 128 31.16 -33.99 -2.63
CA ARG C 128 30.23 -34.86 -3.35
C ARG C 128 29.04 -34.08 -3.91
N GLY C 129 28.48 -33.19 -3.10
CA GLY C 129 27.33 -32.41 -3.55
C GLY C 129 27.70 -31.45 -4.68
N PHE C 130 28.81 -30.71 -4.51
CA PHE C 130 29.22 -29.81 -5.59
C PHE C 130 29.53 -30.57 -6.87
N TYR C 131 30.11 -31.77 -6.76
CA TYR C 131 30.34 -32.59 -7.94
C TYR C 131 29.01 -33.01 -8.56
N SER C 132 28.01 -33.27 -7.72
CA SER C 132 26.70 -33.65 -8.26
C SER C 132 26.05 -32.51 -9.03
N THR C 133 26.37 -31.25 -8.72
CA THR C 133 25.81 -30.12 -9.43
C THR C 133 26.74 -29.58 -10.51
N LEU C 134 27.68 -30.39 -10.99
CA LEU C 134 28.52 -29.99 -12.11
C LEU C 134 27.73 -30.06 -13.40
N THR C 135 28.41 -30.01 -14.53
CA THR C 135 27.77 -29.82 -15.83
C THR C 135 26.97 -31.06 -16.23
N ASN C 136 27.63 -32.18 -16.47
CA ASN C 136 26.95 -33.36 -16.94
C ASN C 136 27.15 -34.54 -16.00
N VAL C 137 26.66 -34.43 -14.76
CA VAL C 137 26.86 -35.44 -13.73
C VAL C 137 25.55 -36.10 -13.33
N ASN C 138 24.56 -35.30 -12.94
CA ASN C 138 23.32 -35.82 -12.38
C ASN C 138 22.15 -35.13 -13.07
N PHE C 139 21.22 -35.93 -13.58
CA PHE C 139 19.97 -35.41 -14.14
C PHE C 139 18.76 -36.02 -13.44
N ASP C 140 18.97 -36.71 -12.33
CA ASP C 140 17.90 -37.41 -11.60
C ASP C 140 17.39 -36.53 -10.48
N ALA C 141 16.12 -36.12 -10.58
CA ALA C 141 15.54 -35.21 -9.60
C ALA C 141 15.31 -35.90 -8.26
N GLU C 142 14.83 -37.14 -8.28
CA GLU C 142 14.66 -37.90 -7.04
C GLU C 142 15.96 -38.00 -6.28
N GLU C 143 17.08 -38.17 -6.99
CA GLU C 143 18.37 -38.21 -6.32
C GLU C 143 18.73 -36.87 -5.71
N PHE C 144 18.34 -35.75 -6.32
CA PHE C 144 18.62 -34.45 -5.71
C PHE C 144 17.72 -34.21 -4.50
N VAL C 145 16.52 -34.79 -4.47
CA VAL C 145 15.74 -34.78 -3.24
C VAL C 145 16.47 -35.56 -2.16
N SER C 146 16.94 -36.76 -2.51
CA SER C 146 17.73 -37.58 -1.59
C SER C 146 18.93 -36.80 -1.07
N LEU C 147 19.60 -36.05 -1.95
CA LEU C 147 20.79 -35.32 -1.54
C LEU C 147 20.44 -34.12 -0.68
N ALA C 148 19.30 -33.48 -0.93
CA ALA C 148 18.88 -32.42 -0.03
C ALA C 148 18.60 -32.96 1.37
N LEU C 149 17.98 -34.14 1.46
CA LEU C 149 17.77 -34.73 2.78
C LEU C 149 19.09 -35.13 3.43
N GLU C 150 20.02 -35.69 2.65
CA GLU C 150 21.34 -36.00 3.17
C GLU C 150 22.06 -34.74 3.63
N ALA C 151 21.87 -33.63 2.91
CA ALA C 151 22.44 -32.36 3.33
C ALA C 151 21.83 -31.89 4.65
N GLY C 152 20.53 -32.12 4.82
CA GLY C 152 19.92 -31.85 6.11
C GLY C 152 20.56 -32.65 7.22
N GLU C 153 20.82 -33.93 6.97
CA GLU C 153 21.46 -34.77 7.99
C GLU C 153 22.88 -34.29 8.29
N MET C 154 23.65 -34.00 7.24
CA MET C 154 25.01 -33.50 7.43
C MET C 154 25.00 -32.15 8.14
N ASN C 155 23.96 -31.34 7.91
CA ASN C 155 23.85 -30.07 8.62
C ASN C 155 23.51 -30.27 10.09
N LEU C 156 22.67 -31.26 10.39
CA LEU C 156 22.45 -31.68 11.77
C LEU C 156 23.79 -32.01 12.44
N ARG C 157 24.60 -32.84 11.76
CA ARG C 157 25.91 -33.20 12.29
C ARG C 157 26.79 -31.98 12.48
N THR C 158 26.77 -31.06 11.52
CA THR C 158 27.60 -29.87 11.60
C THR C 158 27.19 -28.96 12.74
N MET C 159 25.88 -28.76 12.93
CA MET C 159 25.41 -27.96 14.04
C MET C 159 25.77 -28.61 15.36
N LYS C 160 25.72 -29.96 15.41
CA LYS C 160 26.19 -30.67 16.58
C LYS C 160 27.66 -30.38 16.86
N LEU C 161 28.48 -30.41 15.80
CA LEU C 161 29.91 -30.15 15.96
C LEU C 161 30.17 -28.74 16.44
N LEU C 162 29.45 -27.75 15.88
CA LEU C 162 29.63 -26.36 16.27
C LEU C 162 29.17 -26.14 17.71
N LYS C 163 28.09 -26.82 18.12
CA LYS C 163 27.62 -26.75 19.50
C LYS C 163 28.66 -27.31 20.47
N LYS C 164 29.27 -28.45 20.10
CA LYS C 164 30.32 -29.01 20.94
C LYS C 164 31.51 -28.07 21.01
N ALA C 165 31.88 -27.47 19.88
CA ALA C 165 32.97 -26.51 19.88
C ALA C 165 32.70 -25.36 20.85
N HIS C 166 31.52 -24.74 20.73
CA HIS C 166 31.21 -23.62 21.62
C HIS C 166 31.15 -24.05 23.08
N MET C 167 30.58 -25.23 23.36
CA MET C 167 30.46 -25.66 24.75
C MET C 167 31.81 -26.00 25.36
N ASP C 168 32.73 -26.53 24.56
CA ASP C 168 34.07 -26.82 25.07
C ASP C 168 34.91 -25.56 25.22
N THR C 169 34.68 -24.55 24.38
CA THR C 169 35.49 -23.34 24.44
C THR C 169 34.96 -22.31 25.43
N TYR C 170 33.65 -22.30 25.70
CA TYR C 170 33.05 -21.24 26.48
C TYR C 170 32.10 -21.74 27.56
N GLY C 171 31.83 -23.05 27.62
CA GLY C 171 30.88 -23.58 28.57
C GLY C 171 29.46 -23.64 28.02
N GLU C 172 28.60 -24.28 28.79
CA GLU C 172 27.19 -24.35 28.41
C GLU C 172 26.49 -23.06 28.79
N PRO C 173 25.78 -22.42 27.86
CA PRO C 173 25.08 -21.16 28.19
C PRO C 173 24.01 -21.38 29.24
N GLU C 174 23.79 -20.35 30.05
CA GLU C 174 22.73 -20.30 31.05
C GLU C 174 22.08 -18.93 30.98
N PRO C 175 20.80 -18.83 31.40
CA PRO C 175 20.06 -17.58 31.25
C PRO C 175 20.85 -16.36 31.74
N ALA C 176 20.71 -15.27 31.00
CA ALA C 176 21.40 -14.02 31.29
C ALA C 176 20.50 -12.84 30.95
N GLU C 177 20.51 -11.85 31.85
CA GLU C 177 19.78 -10.60 31.68
C GLU C 177 20.73 -9.57 31.08
N VAL C 178 20.48 -9.22 29.82
CA VAL C 178 21.35 -8.37 29.03
C VAL C 178 20.76 -6.97 28.96
N ARG C 179 21.59 -5.96 29.23
CA ARG C 179 21.20 -4.56 29.13
C ARG C 179 21.20 -4.16 27.66
N VAL C 180 20.03 -3.77 27.13
CA VAL C 180 19.96 -3.18 25.81
C VAL C 180 19.83 -1.67 26.00
N GLY C 181 20.88 -0.95 25.63
CA GLY C 181 20.99 0.47 25.91
C GLY C 181 22.45 0.76 26.17
N ALA C 182 22.84 2.01 25.93
CA ALA C 182 24.25 2.36 25.97
C ALA C 182 24.71 2.64 27.40
N LEU C 183 26.00 2.46 27.61
CA LEU C 183 26.69 2.90 28.82
C LEU C 183 27.64 4.05 28.50
N ASP C 184 28.20 4.64 29.55
CA ASP C 184 29.20 5.67 29.40
C ASP C 184 30.54 5.07 28.99
N GLY C 185 31.22 5.71 28.04
CA GLY C 185 32.53 5.27 27.63
C GLY C 185 32.64 4.93 26.17
N PRO C 186 33.87 4.82 25.66
CA PRO C 186 34.08 4.38 24.27
C PRO C 186 33.41 3.04 24.02
N ALA C 187 33.03 2.81 22.76
CA ALA C 187 32.19 1.67 22.44
C ALA C 187 32.67 0.95 21.19
N ILE C 188 32.60 -0.38 21.23
CA ILE C 188 32.75 -1.24 20.07
C ILE C 188 31.53 -2.14 20.00
N ILE C 189 30.80 -2.06 18.89
CA ILE C 189 29.66 -2.94 18.62
C ILE C 189 30.09 -4.02 17.64
N ALA C 190 29.83 -5.27 18.00
CA ALA C 190 30.19 -6.41 17.17
C ALA C 190 28.92 -7.05 16.63
N THR C 191 28.91 -7.31 15.32
CA THR C 191 27.78 -7.94 14.65
C THR C 191 28.23 -9.26 14.06
N GLY C 192 27.30 -10.22 13.99
CA GLY C 192 27.50 -11.47 13.30
C GLY C 192 27.29 -12.67 14.19
N HIS C 193 27.93 -13.77 13.81
CA HIS C 193 27.79 -15.05 14.50
C HIS C 193 29.07 -15.52 15.16
N SER C 194 30.23 -15.05 14.70
CA SER C 194 31.53 -15.53 15.18
C SER C 194 31.74 -15.20 16.64
N LEU C 195 31.61 -16.20 17.51
CA LEU C 195 31.95 -16.01 18.91
C LEU C 195 33.46 -15.98 19.14
N LYS C 196 34.24 -16.57 18.22
CA LYS C 196 35.70 -16.56 18.38
C LYS C 196 36.25 -15.16 18.21
N ALA C 197 35.77 -14.42 17.20
CA ALA C 197 36.19 -13.03 17.05
C ALA C 197 35.82 -12.21 18.27
N LEU C 198 34.62 -12.41 18.81
CA LEU C 198 34.19 -11.67 20.00
C LEU C 198 35.07 -12.00 21.20
N GLU C 199 35.43 -13.27 21.37
CA GLU C 199 36.30 -13.68 22.47
C GLU C 199 37.68 -13.05 22.33
N GLU C 200 38.25 -13.07 21.11
CA GLU C 200 39.55 -12.44 20.89
C GLU C 200 39.50 -10.94 21.16
N LEU C 201 38.43 -10.27 20.72
CA LEU C 201 38.30 -8.85 20.98
C LEU C 201 38.17 -8.56 22.47
N LEU C 202 37.35 -9.34 23.18
CA LEU C 202 37.21 -9.13 24.62
C LEU C 202 38.53 -9.36 25.35
N LYS C 203 39.32 -10.34 24.90
CA LYS C 203 40.64 -10.51 25.48
C LYS C 203 41.53 -9.31 25.21
N GLN C 204 41.48 -8.78 23.99
CA GLN C 204 42.28 -7.61 23.63
C GLN C 204 41.79 -6.34 24.29
N THR C 205 40.56 -6.33 24.83
CA THR C 205 39.98 -5.14 25.44
C THR C 205 39.97 -5.21 26.96
N GLU C 206 40.59 -6.22 27.55
CA GLU C 206 40.70 -6.31 29.01
C GLU C 206 41.69 -5.26 29.49
N GLY C 207 41.19 -4.24 30.19
CA GLY C 207 42.00 -3.15 30.68
C GLY C 207 41.92 -1.88 29.84
N SER C 208 41.61 -2.02 28.54
CA SER C 208 41.49 -0.85 27.68
C SER C 208 40.35 0.07 28.12
N GLY C 209 39.37 -0.44 28.85
CA GLY C 209 38.29 0.36 29.37
C GLY C 209 37.22 0.74 28.37
N VAL C 210 37.35 0.32 27.10
CA VAL C 210 36.30 0.54 26.12
C VAL C 210 35.27 -0.56 26.26
N ASN C 211 33.99 -0.19 26.16
CA ASN C 211 32.90 -1.13 26.39
C ASN C 211 32.48 -1.79 25.08
N VAL C 212 32.26 -3.10 25.13
CA VAL C 212 31.92 -3.89 23.96
C VAL C 212 30.46 -4.31 24.08
N TYR C 213 29.69 -4.05 23.03
CA TYR C 213 28.27 -4.38 22.97
C TYR C 213 28.02 -5.38 21.84
N THR C 214 27.07 -6.27 22.07
CA THR C 214 26.68 -7.24 21.06
C THR C 214 25.54 -6.71 20.21
N HIS C 215 25.45 -7.21 18.99
CA HIS C 215 24.42 -6.79 18.05
C HIS C 215 23.92 -8.00 17.30
N SER C 216 22.60 -8.12 17.21
CA SER C 216 21.94 -9.15 16.41
C SER C 216 22.34 -10.53 16.89
N GLU C 217 23.10 -11.31 16.11
CA GLU C 217 23.24 -12.73 16.43
C GLU C 217 24.32 -12.97 17.47
N LEU C 218 25.02 -11.92 17.86
CA LEU C 218 25.96 -12.03 18.95
C LEU C 218 25.30 -11.83 20.31
N LEU C 219 23.98 -11.60 20.34
CA LEU C 219 23.30 -11.53 21.64
C LEU C 219 23.47 -12.80 22.48
N PRO C 220 23.31 -14.01 21.94
CA PRO C 220 23.43 -15.21 22.79
C PRO C 220 24.76 -15.35 23.52
N ALA C 221 25.80 -14.61 23.09
CA ALA C 221 27.10 -14.71 23.74
C ALA C 221 27.02 -14.40 25.23
N HIS C 222 26.02 -13.62 25.65
CA HIS C 222 25.87 -13.27 27.05
C HIS C 222 25.51 -14.45 27.93
N GLY C 223 25.08 -15.56 27.34
CA GLY C 223 24.75 -16.73 28.14
C GLY C 223 25.95 -17.60 28.41
N TYR C 224 26.94 -17.50 27.54
CA TYR C 224 28.12 -18.36 27.62
C TYR C 224 28.99 -17.95 28.81
N PRO C 225 29.27 -18.86 29.75
CA PRO C 225 30.09 -18.48 30.91
C PRO C 225 31.45 -17.93 30.54
N GLY C 226 32.03 -18.36 29.42
CA GLY C 226 33.33 -17.87 29.02
C GLY C 226 33.34 -16.47 28.43
N LEU C 227 32.18 -15.94 28.04
CA LEU C 227 32.09 -14.58 27.52
C LEU C 227 31.46 -13.60 28.48
N ARG C 228 30.45 -14.02 29.24
CA ARG C 228 29.85 -13.12 30.22
C ARG C 228 30.79 -12.84 31.38
N LYS C 229 31.88 -13.60 31.49
CA LYS C 229 32.87 -13.37 32.53
C LYS C 229 33.64 -12.07 32.33
N TYR C 230 33.61 -11.51 31.13
CA TYR C 230 34.32 -10.27 30.86
C TYR C 230 33.46 -9.09 31.29
N PRO C 231 33.90 -8.28 32.25
CA PRO C 231 33.09 -7.13 32.68
C PRO C 231 32.83 -6.15 31.55
N HIS C 232 33.84 -5.89 30.70
CA HIS C 232 33.69 -4.95 29.59
C HIS C 232 32.74 -5.45 28.50
N LEU C 233 32.05 -6.57 28.71
CA LEU C 233 30.94 -7.01 27.86
C LEU C 233 29.69 -6.34 28.41
N ALA C 234 29.41 -5.12 27.93
CA ALA C 234 28.39 -4.28 28.55
C ALA C 234 26.98 -4.85 28.37
N GLY C 235 26.56 -5.02 27.12
CA GLY C 235 25.23 -5.58 26.88
C GLY C 235 24.88 -5.53 25.41
N GLN C 236 23.58 -5.64 25.14
CA GLN C 236 23.06 -5.54 23.79
C GLN C 236 22.91 -4.07 23.39
N LEU C 237 22.87 -3.83 22.08
CA LEU C 237 22.71 -2.47 21.57
C LEU C 237 22.21 -2.59 20.15
N GLY C 238 21.05 -2.00 19.87
CA GLY C 238 20.36 -2.29 18.63
C GLY C 238 19.69 -3.65 18.70
N GLY C 239 19.14 -4.07 17.57
CA GLY C 239 18.41 -5.31 17.51
C GLY C 239 18.96 -6.23 16.42
N PRO C 240 18.08 -6.70 15.54
CA PRO C 240 18.52 -7.62 14.48
C PRO C 240 19.44 -6.94 13.47
N TRP C 241 19.79 -7.64 12.40
CA TRP C 241 20.78 -7.13 11.46
C TRP C 241 20.25 -5.95 10.66
N PHE C 242 18.97 -5.96 10.31
CA PHE C 242 18.47 -4.98 9.35
C PHE C 242 18.19 -3.61 9.96
N ASP C 243 18.34 -3.44 11.27
CA ASP C 243 18.39 -2.08 11.81
C ASP C 243 19.78 -1.47 11.68
N GLN C 244 20.76 -2.27 11.26
CA GLN C 244 22.16 -1.88 11.13
C GLN C 244 22.34 -0.43 10.70
N ARG C 245 21.84 -0.11 9.49
CA ARG C 245 22.11 1.19 8.88
C ARG C 245 21.74 2.33 9.81
N GLU C 246 20.70 2.15 10.62
CA GLU C 246 20.28 3.17 11.57
C GLU C 246 21.05 3.07 12.88
N THR C 247 21.17 1.86 13.42
CA THR C 247 21.80 1.66 14.72
C THR C 247 23.21 2.22 14.73
N PHE C 248 24.05 1.72 13.81
CA PHE C 248 25.43 2.17 13.72
C PHE C 248 25.53 3.68 13.52
N SER C 249 24.46 4.31 13.00
CA SER C 249 24.49 5.75 12.81
C SER C 249 24.34 6.50 14.13
N ARG C 250 23.43 6.05 15.00
CA ARG C 250 23.09 6.88 16.15
C ARG C 250 24.12 6.73 17.28
N TYR C 251 24.79 5.59 17.37
CA TYR C 251 25.79 5.37 18.39
C TYR C 251 27.17 5.69 17.81
N SER C 252 27.89 6.59 18.48
CA SER C 252 29.22 7.03 18.02
C SER C 252 30.27 6.01 18.47
N ALA C 253 30.23 4.84 17.82
CA ALA C 253 31.02 3.70 18.24
C ALA C 253 31.79 3.12 17.06
N ALA C 254 32.82 2.36 17.39
CA ALA C 254 33.51 1.55 16.38
C ALA C 254 32.73 0.27 16.13
N VAL C 255 32.53 -0.06 14.86
CA VAL C 255 31.72 -1.21 14.46
C VAL C 255 32.64 -2.27 13.90
N LEU C 256 32.38 -3.53 14.27
CA LEU C 256 33.10 -4.68 13.76
C LEU C 256 32.10 -5.72 13.30
N GLY C 257 32.20 -6.12 12.05
CA GLY C 257 31.36 -7.18 11.50
C GLY C 257 32.15 -8.47 11.41
N THR C 258 31.69 -9.48 12.15
CA THR C 258 32.43 -10.73 12.28
C THR C 258 31.94 -11.82 11.33
N SER C 259 30.67 -11.78 10.91
CA SER C 259 30.13 -12.84 10.08
C SER C 259 29.12 -12.26 9.10
N ASN C 260 28.12 -13.04 8.76
CA ASN C 260 27.15 -12.65 7.74
C ASN C 260 26.29 -11.49 8.24
N CYS C 261 25.47 -10.98 7.33
CA CYS C 261 24.71 -9.74 7.50
C CYS C 261 25.62 -8.56 7.86
N VAL C 262 26.40 -8.16 6.87
CA VAL C 262 27.03 -6.86 6.82
C VAL C 262 26.44 -6.13 5.62
N LEU C 263 26.04 -4.88 5.83
CA LEU C 263 25.38 -4.09 4.80
C LEU C 263 26.30 -2.98 4.33
N LEU C 264 26.06 -2.53 3.10
CA LEU C 264 26.83 -1.41 2.57
C LEU C 264 26.71 -0.22 3.52
N PRO C 265 27.81 0.37 3.95
CA PRO C 265 27.74 1.40 4.99
C PRO C 265 27.39 2.77 4.44
N ARG C 266 26.84 3.59 5.33
CA ARG C 266 26.63 5.01 5.06
C ARG C 266 27.77 5.82 5.65
N ASP C 267 28.02 6.99 5.07
CA ASP C 267 29.22 7.76 5.37
C ASP C 267 29.37 8.08 6.85
N SER C 268 28.28 8.05 7.62
CA SER C 268 28.35 8.40 9.04
C SER C 268 29.27 7.45 9.79
N TYR C 269 29.35 6.19 9.38
CA TYR C 269 30.12 5.20 10.14
C TYR C 269 31.11 4.45 9.27
N ARG C 270 31.36 4.91 8.04
CA ARG C 270 32.19 4.15 7.10
C ARG C 270 33.63 4.09 7.59
N ASP C 271 34.17 5.22 8.01
CA ASP C 271 35.53 5.22 8.54
C ASP C 271 35.59 4.73 9.98
N ARG C 272 34.50 4.19 10.51
CA ARG C 272 34.48 3.67 11.88
C ARG C 272 33.93 2.25 11.90
N MET C 273 33.97 1.58 10.74
CA MET C 273 33.56 0.19 10.60
C MET C 273 34.76 -0.66 10.19
N PHE C 274 34.76 -1.90 10.69
CA PHE C 274 35.81 -2.86 10.35
C PHE C 274 35.16 -4.21 10.09
N THR C 275 35.77 -4.98 9.19
CA THR C 275 35.33 -6.33 8.89
C THR C 275 36.39 -7.33 9.30
N CYS C 276 35.96 -8.55 9.56
CA CYS C 276 36.86 -9.63 9.91
C CYS C 276 36.21 -10.95 9.55
N GLY C 277 37.01 -12.01 9.56
CA GLY C 277 36.56 -13.32 9.14
C GLY C 277 36.36 -13.39 7.65
N VAL C 278 35.15 -13.79 7.23
CA VAL C 278 34.81 -13.83 5.81
C VAL C 278 34.20 -12.52 5.32
N ALA C 279 33.74 -11.67 6.22
CA ALA C 279 33.12 -10.40 5.81
C ALA C 279 34.16 -9.42 5.29
N ARG C 280 33.82 -8.75 4.19
CA ARG C 280 34.69 -7.75 3.58
C ARG C 280 33.82 -6.80 2.76
N LEU C 281 33.95 -5.50 3.01
CA LEU C 281 33.16 -4.46 2.35
C LEU C 281 34.07 -3.44 1.66
N PRO C 282 33.63 -2.87 0.54
CA PRO C 282 34.47 -1.88 -0.15
C PRO C 282 34.66 -0.63 0.70
N GLY C 283 35.91 -0.15 0.75
CA GLY C 283 36.24 1.03 1.51
C GLY C 283 36.20 0.87 3.01
N VAL C 284 36.10 -0.36 3.50
CA VAL C 284 36.12 -0.68 4.93
C VAL C 284 37.41 -1.42 5.24
N GLU C 285 38.09 -1.00 6.29
CA GLU C 285 39.30 -1.70 6.72
C GLU C 285 38.99 -3.13 7.15
N HIS C 286 39.82 -4.07 6.70
CA HIS C 286 39.69 -5.47 7.08
C HIS C 286 40.72 -5.82 8.15
N VAL C 287 40.30 -6.61 9.13
CA VAL C 287 41.15 -6.96 10.27
C VAL C 287 41.98 -8.20 9.92
N ASP C 288 43.29 -8.09 10.12
CA ASP C 288 44.24 -9.16 9.79
C ASP C 288 44.28 -10.19 10.91
N GLY C 289 43.60 -11.32 10.70
CA GLY C 289 43.64 -12.42 11.63
C GLY C 289 43.29 -12.10 13.07
N TYR C 290 42.16 -11.41 13.27
CA TYR C 290 41.61 -11.03 14.57
C TYR C 290 42.44 -9.96 15.28
N ASP C 291 43.34 -9.27 14.57
CA ASP C 291 44.15 -8.22 15.18
C ASP C 291 43.27 -6.98 15.27
N PHE C 292 42.57 -6.85 16.39
CA PHE C 292 41.58 -5.80 16.56
C PHE C 292 42.15 -4.52 17.13
N SER C 293 43.48 -4.35 17.09
CA SER C 293 44.07 -3.08 17.50
C SER C 293 43.51 -1.87 16.76
N PRO C 294 43.27 -1.91 15.44
CA PRO C 294 42.69 -0.72 14.79
C PRO C 294 41.30 -0.38 15.31
N VAL C 295 40.47 -1.40 15.59
CA VAL C 295 39.11 -1.14 16.06
C VAL C 295 39.13 -0.48 17.44
N ILE C 296 39.96 -0.99 18.34
CA ILE C 296 40.10 -0.41 19.67
C ILE C 296 40.67 1.00 19.58
N GLU C 297 41.67 1.19 18.72
CA GLU C 297 42.24 2.51 18.48
C GLU C 297 41.15 3.50 18.04
N LYS C 298 40.33 3.10 17.08
CA LYS C 298 39.21 3.93 16.63
C LYS C 298 38.27 4.24 17.79
N ALA C 299 37.83 3.20 18.51
CA ALA C 299 36.90 3.41 19.62
C ALA C 299 37.46 4.39 20.64
N LEU C 300 38.77 4.34 20.89
CA LEU C 300 39.39 5.26 21.84
C LEU C 300 39.60 6.65 21.25
N GLU C 301 39.60 6.76 19.92
CA GLU C 301 39.68 8.07 19.27
C GLU C 301 38.32 8.75 19.17
N LEU C 302 37.24 7.98 19.23
CA LEU C 302 35.90 8.50 18.99
C LEU C 302 35.35 9.18 20.23
N PRO C 303 34.39 10.10 20.07
CA PRO C 303 33.65 10.64 21.22
C PRO C 303 32.96 9.51 21.97
N PRO C 304 33.15 9.42 23.28
CA PRO C 304 32.60 8.29 24.04
C PRO C 304 31.08 8.29 24.02
N LEU C 305 30.52 7.13 24.36
CA LEU C 305 29.08 6.99 24.45
C LEU C 305 28.57 7.63 25.76
N LYS C 306 27.27 7.85 25.81
CA LYS C 306 26.59 8.41 26.97
C LYS C 306 25.56 7.40 27.47
N GLU C 307 25.45 7.28 28.79
CA GLU C 307 24.44 6.38 29.34
C GLU C 307 23.05 6.81 28.92
N GLU C 308 22.18 5.82 28.73
CA GLU C 308 20.81 6.02 28.30
C GLU C 308 19.96 5.01 29.06
N ASP C 309 18.77 5.42 29.45
CA ASP C 309 17.84 4.51 30.12
C ASP C 309 17.64 3.24 29.29
N SER C 310 18.07 2.12 29.86
CA SER C 310 18.15 0.86 29.15
C SER C 310 16.94 -0.02 29.43
N ALA C 311 16.77 -1.03 28.57
CA ALA C 311 15.84 -2.12 28.76
C ALA C 311 16.64 -3.41 28.92
N THR C 312 15.94 -4.55 28.91
CA THR C 312 16.62 -5.81 29.13
C THR C 312 16.08 -6.89 28.20
N LEU C 313 16.95 -7.86 27.91
CA LEU C 313 16.58 -9.08 27.19
C LEU C 313 17.12 -10.27 27.97
N THR C 314 16.44 -11.40 27.89
CA THR C 314 16.86 -12.60 28.62
C THR C 314 17.19 -13.68 27.60
N THR C 315 18.45 -14.13 27.59
CA THR C 315 18.89 -15.07 26.56
C THR C 315 19.75 -16.18 27.16
N GLY C 316 20.00 -17.21 26.35
CA GLY C 316 20.99 -18.21 26.66
C GLY C 316 20.47 -19.41 27.44
N PHE C 317 19.32 -19.95 27.03
CA PHE C 317 18.72 -21.11 27.71
C PHE C 317 19.35 -22.38 27.15
N GLY C 318 20.39 -22.85 27.84
CA GLY C 318 21.00 -24.11 27.48
C GLY C 318 20.10 -25.29 27.77
N LEU C 319 20.45 -26.43 27.16
CA LEU C 319 19.65 -27.64 27.32
C LEU C 319 19.55 -28.06 28.78
N SER C 320 20.63 -27.88 29.55
CA SER C 320 20.62 -28.37 30.93
C SER C 320 19.64 -27.58 31.79
N THR C 321 19.57 -26.26 31.59
CA THR C 321 18.61 -25.44 32.33
C THR C 321 17.18 -25.90 32.05
N ILE C 322 16.89 -26.23 30.79
CA ILE C 322 15.55 -26.65 30.42
C ILE C 322 15.22 -28.02 31.00
N LEU C 323 16.16 -28.96 30.93
CA LEU C 323 15.91 -30.31 31.43
C LEU C 323 15.85 -30.37 32.96
N SER C 324 16.48 -29.43 33.65
CA SER C 324 16.31 -29.34 35.12
C SER C 324 14.87 -28.95 35.47
N LEU C 325 14.05 -28.72 34.45
CA LEU C 325 12.65 -28.36 34.61
C LEU C 325 11.72 -29.42 34.04
N ALA C 326 12.24 -30.58 33.65
CA ALA C 326 11.45 -31.56 32.90
C ALA C 326 10.27 -32.10 33.71
N ASP C 327 10.50 -32.43 34.98
CA ASP C 327 9.42 -33.04 35.76
C ASP C 327 8.31 -32.01 36.04
N LYS C 328 8.68 -30.76 36.29
CA LYS C 328 7.68 -29.69 36.40
C LYS C 328 6.92 -29.48 35.10
N ILE C 329 7.62 -29.59 33.96
CA ILE C 329 6.94 -29.44 32.67
C ILE C 329 5.91 -30.55 32.49
N LYS C 330 6.31 -31.76 32.87
CA LYS C 330 5.40 -32.91 32.86
C LYS C 330 4.21 -32.65 33.78
N GLU C 331 4.48 -32.17 34.99
CA GLU C 331 3.44 -31.83 35.95
C GLU C 331 2.42 -30.88 35.33
N LEU C 332 2.90 -29.83 34.66
CA LEU C 332 1.98 -28.81 34.15
C LEU C 332 1.18 -29.30 32.97
N VAL C 333 1.78 -30.08 32.05
CA VAL C 333 1.00 -30.58 30.93
C VAL C 333 -0.01 -31.61 31.41
N GLU C 334 0.39 -32.45 32.37
CA GLU C 334 -0.52 -33.49 32.86
C GLU C 334 -1.66 -32.89 33.68
N GLU C 335 -1.39 -31.79 34.39
CA GLU C 335 -2.49 -31.05 34.99
C GLU C 335 -3.30 -30.31 33.93
N GLY C 336 -2.64 -29.91 32.83
CA GLY C 336 -3.29 -29.13 31.81
C GLY C 336 -2.98 -27.66 31.85
N LYS C 337 -2.12 -27.22 32.78
CA LYS C 337 -1.81 -25.81 32.97
C LYS C 337 -0.92 -25.22 31.87
N ILE C 338 -0.45 -26.04 30.94
CA ILE C 338 0.14 -25.58 29.69
C ILE C 338 -0.41 -26.44 28.57
N ARG C 339 -0.94 -25.79 27.53
CA ARG C 339 -1.72 -26.50 26.53
C ARG C 339 -0.97 -26.80 25.25
N ARG C 340 0.06 -26.02 24.90
CA ARG C 340 0.87 -26.34 23.73
C ARG C 340 2.16 -25.53 23.77
N PHE C 341 3.21 -26.11 23.21
CA PHE C 341 4.48 -25.43 23.01
C PHE C 341 4.55 -24.93 21.58
N PHE C 342 5.13 -23.74 21.39
CA PHE C 342 5.33 -23.19 20.05
C PHE C 342 6.79 -22.83 19.85
N LEU C 343 7.39 -23.41 18.82
CA LEU C 343 8.73 -23.05 18.36
C LEU C 343 8.56 -22.04 17.24
N VAL C 344 8.85 -20.77 17.53
CA VAL C 344 8.64 -19.68 16.58
C VAL C 344 9.93 -18.88 16.51
N GLY C 345 10.63 -18.96 15.38
CA GLY C 345 11.89 -18.26 15.26
C GLY C 345 12.63 -18.65 13.99
N GLY C 346 13.90 -18.30 13.95
CA GLY C 346 14.70 -18.47 12.75
C GLY C 346 15.07 -17.11 12.16
N ASP C 348 15.37 -13.75 10.10
CA ASP C 348 14.30 -12.83 9.72
C ASP C 348 14.77 -11.86 8.64
N SER C 349 13.82 -11.09 8.12
CA SER C 349 14.06 -10.21 6.98
C SER C 349 13.24 -8.94 7.17
N PRO C 350 13.65 -7.82 6.55
CA PRO C 350 12.88 -6.58 6.70
C PRO C 350 11.60 -6.55 5.88
N LEU C 351 11.09 -7.72 5.52
CA LEU C 351 9.85 -7.77 4.76
C LEU C 351 8.66 -7.39 5.63
N PRO C 352 7.63 -6.77 5.04
CA PRO C 352 6.41 -6.49 5.81
C PRO C 352 5.63 -7.74 6.18
N GLN C 353 5.62 -8.76 5.32
CA GLN C 353 4.91 -9.99 5.63
C GLN C 353 5.46 -10.69 6.87
N ALA C 354 6.61 -10.27 7.38
CA ALA C 354 7.20 -10.83 8.60
C ALA C 354 6.61 -10.24 9.87
N LYS C 355 5.88 -9.12 9.76
CA LYS C 355 5.13 -8.60 10.91
C LYS C 355 4.23 -9.67 11.52
N TYR C 356 3.83 -10.65 10.71
CA TYR C 356 3.06 -11.81 11.14
C TYR C 356 3.60 -12.36 12.45
N TYR C 357 4.92 -12.52 12.54
CA TYR C 357 5.51 -13.15 13.71
C TYR C 357 5.16 -12.37 14.98
N THR C 358 5.37 -11.05 14.94
CA THR C 358 5.05 -10.24 16.11
C THR C 358 3.57 -10.38 16.47
N GLU C 359 2.70 -10.46 15.47
CA GLU C 359 1.29 -10.69 15.74
C GLU C 359 1.08 -12.08 16.31
N PHE C 360 1.72 -13.08 15.70
CA PHE C 360 1.47 -14.48 16.05
C PHE C 360 1.73 -14.72 17.53
N VAL C 361 2.90 -14.31 18.01
CA VAL C 361 3.22 -14.49 19.43
C VAL C 361 2.34 -13.63 20.30
N ARG C 362 1.95 -12.44 19.83
CA ARG C 362 1.20 -11.53 20.70
C ARG C 362 -0.20 -12.05 20.98
N LYS C 363 -0.74 -12.86 20.07
CA LYS C 363 -2.08 -13.40 20.20
C LYS C 363 -2.10 -14.83 20.74
N LEU C 364 -0.94 -15.38 21.08
CA LEU C 364 -0.88 -16.75 21.57
C LEU C 364 -1.52 -16.84 22.96
N PRO C 365 -2.23 -17.93 23.25
CA PRO C 365 -2.84 -18.08 24.57
C PRO C 365 -1.82 -18.09 25.69
N GLU C 366 -2.28 -17.76 26.89
CA GLU C 366 -1.40 -17.56 28.03
C GLU C 366 -0.95 -18.86 28.68
N ASP C 367 -1.46 -20.01 28.24
CA ASP C 367 -1.01 -21.31 28.70
C ASP C 367 -0.06 -21.98 27.70
N THR C 368 0.74 -21.18 27.01
CA THR C 368 1.69 -21.67 26.02
C THR C 368 3.05 -21.03 26.30
N VAL C 369 4.10 -21.71 25.87
CA VAL C 369 5.44 -21.14 25.93
C VAL C 369 6.03 -21.16 24.52
N VAL C 370 6.87 -20.16 24.25
CA VAL C 370 7.50 -19.97 22.95
C VAL C 370 9.00 -20.21 23.09
N LEU C 371 9.55 -20.96 22.16
CA LEU C 371 10.99 -21.13 22.02
C LEU C 371 11.42 -20.40 20.75
N THR C 372 12.44 -19.55 20.88
CA THR C 372 12.84 -18.66 19.81
C THR C 372 14.30 -18.91 19.42
N LEU C 373 14.75 -18.20 18.37
CA LEU C 373 16.00 -18.52 17.71
C LEU C 373 16.32 -17.41 16.70
N ALA C 374 17.61 -17.28 16.40
CA ALA C 374 18.13 -16.36 15.38
C ALA C 374 17.60 -14.94 15.53
N CYS C 375 17.61 -14.15 14.45
CA CYS C 375 17.23 -12.76 14.57
C CYS C 375 15.72 -12.58 14.69
N GLY C 376 14.93 -13.56 14.24
CA GLY C 376 13.49 -13.50 14.39
C GLY C 376 13.03 -13.42 15.83
N LYS C 377 13.95 -13.57 16.78
CA LYS C 377 13.60 -13.39 18.17
C LYS C 377 13.30 -11.93 18.49
N TYR C 378 13.97 -11.00 17.81
CA TYR C 378 13.82 -9.58 18.10
C TYR C 378 12.46 -9.03 17.72
N ARG C 379 11.53 -9.87 17.27
CA ARG C 379 10.17 -9.43 16.98
C ARG C 379 9.24 -9.50 18.19
N PHE C 380 9.65 -10.17 19.27
CA PHE C 380 8.75 -10.35 20.39
C PHE C 380 9.49 -10.74 21.67
N ASN C 381 10.82 -10.62 21.68
CA ASN C 381 11.56 -10.95 22.90
C ASN C 381 11.50 -9.85 23.94
N SER C 382 11.22 -8.61 23.54
CA SER C 382 11.06 -7.52 24.50
C SER C 382 9.66 -7.49 25.09
N MET C 383 8.74 -8.28 24.56
CA MET C 383 7.40 -8.38 25.12
C MET C 383 7.46 -9.09 26.47
N ASP C 384 6.73 -8.56 27.45
CA ASP C 384 6.77 -9.08 28.82
C ASP C 384 5.70 -10.16 28.99
N LEU C 385 6.02 -11.35 28.50
CA LEU C 385 5.05 -12.45 28.56
C LEU C 385 4.99 -13.12 29.92
N GLY C 386 6.03 -13.01 30.74
CA GLY C 386 6.00 -13.61 32.06
C GLY C 386 6.22 -15.11 32.07
N ASP C 387 5.42 -15.83 32.86
CA ASP C 387 5.64 -17.26 33.08
C ASP C 387 4.29 -17.92 33.34
N ILE C 388 4.32 -19.23 33.56
CA ILE C 388 3.13 -20.03 33.83
C ILE C 388 3.16 -20.58 35.25
N ASP C 389 4.24 -21.24 35.64
CA ASP C 389 4.36 -21.79 36.98
C ASP C 389 5.83 -21.93 37.33
N GLY C 390 6.62 -20.91 37.00
CA GLY C 390 8.05 -20.95 37.12
C GLY C 390 8.75 -21.18 35.79
N ILE C 391 8.00 -21.58 34.78
CA ILE C 391 8.52 -21.81 33.44
C ILE C 391 8.33 -20.53 32.64
N PRO C 392 9.40 -19.90 32.14
CA PRO C 392 9.23 -18.68 31.37
C PRO C 392 8.42 -18.95 30.10
N ARG C 393 7.66 -17.95 29.68
CA ARG C 393 6.89 -18.07 28.45
C ARG C 393 7.74 -17.91 27.19
N LEU C 394 8.90 -17.27 27.30
CA LEU C 394 9.85 -17.15 26.20
C LEU C 394 11.16 -17.81 26.61
N ILE C 395 11.71 -18.61 25.70
CA ILE C 395 12.97 -19.31 25.93
C ILE C 395 13.83 -19.08 24.70
N ASP C 396 14.96 -18.40 24.89
CA ASP C 396 15.87 -18.09 23.79
C ASP C 396 16.96 -19.17 23.76
N LEU C 397 16.96 -19.96 22.68
CA LEU C 397 17.92 -21.04 22.56
C LEU C 397 19.27 -20.57 22.04
N GLY C 398 19.32 -19.41 21.38
CA GLY C 398 20.58 -18.83 20.98
C GLY C 398 20.62 -18.37 19.55
N GLN C 399 21.64 -18.80 18.82
CA GLN C 399 21.82 -18.40 17.42
C GLN C 399 20.98 -19.31 16.53
N CYS C 400 21.05 -19.06 15.22
CA CYS C 400 20.42 -19.95 14.25
C CYS C 400 21.02 -21.35 14.33
N ASN C 401 22.33 -21.43 14.50
CA ASN C 401 23.01 -22.71 14.65
C ASN C 401 22.61 -23.44 15.91
N ASP C 402 21.92 -22.78 16.84
CA ASP C 402 21.38 -23.45 18.02
C ASP C 402 20.07 -24.16 17.74
N SER C 403 19.60 -24.14 16.48
CA SER C 403 18.49 -25.01 16.08
C SER C 403 18.68 -26.42 16.61
N ILE C 404 19.92 -26.88 16.61
CA ILE C 404 20.21 -28.26 17.00
C ILE C 404 19.70 -28.56 18.40
N VAL C 405 19.88 -27.62 19.35
CA VAL C 405 19.43 -27.88 20.71
C VAL C 405 17.91 -28.03 20.72
N ALA C 406 17.21 -27.21 19.93
CA ALA C 406 15.78 -27.39 19.75
C ALA C 406 15.46 -28.83 19.37
N VAL C 407 16.17 -29.35 18.37
CA VAL C 407 16.05 -30.76 18.01
C VAL C 407 16.20 -31.63 19.25
N GLU C 408 17.34 -31.50 19.93
CA GLU C 408 17.58 -32.26 21.15
C GLU C 408 16.40 -32.12 22.10
N LEU C 409 15.90 -30.90 22.26
CA LEU C 409 14.79 -30.67 23.18
C LEU C 409 13.63 -31.61 22.87
N VAL C 410 13.20 -31.65 21.61
CA VAL C 410 12.04 -32.47 21.28
C VAL C 410 12.35 -33.94 21.57
N GLU C 411 13.59 -34.37 21.30
CA GLU C 411 13.98 -35.75 21.55
C GLU C 411 13.81 -36.07 23.03
N ALA C 412 14.13 -35.11 23.91
CA ALA C 412 13.88 -35.29 25.33
C ALA C 412 12.39 -35.38 25.63
N LEU C 413 11.60 -34.48 25.02
CA LEU C 413 10.17 -34.43 25.32
C LEU C 413 9.49 -35.74 24.95
N SER C 414 9.83 -36.30 23.79
CA SER C 414 9.27 -37.59 23.38
C SER C 414 9.59 -38.68 24.40
N ASN C 415 10.75 -38.59 25.05
CA ASN C 415 11.07 -39.55 26.11
C ASN C 415 10.45 -39.16 27.44
N LEU C 416 10.16 -37.88 27.66
CA LEU C 416 9.54 -37.45 28.92
C LEU C 416 8.13 -37.99 29.04
N PHE C 417 7.27 -37.66 28.07
CA PHE C 417 5.87 -38.05 28.11
C PHE C 417 5.63 -39.42 27.48
N SER C 418 6.67 -40.05 26.94
CA SER C 418 6.57 -41.36 26.31
C SER C 418 5.59 -41.32 25.14
N MET C 419 5.78 -40.32 24.27
CA MET C 419 4.94 -40.14 23.09
C MET C 419 5.83 -39.96 21.87
N ASP C 420 5.28 -40.33 20.71
CA ASP C 420 6.00 -40.15 19.46
C ASP C 420 6.26 -38.68 19.21
N VAL C 421 7.36 -38.40 18.50
CA VAL C 421 7.78 -37.02 18.25
C VAL C 421 6.67 -36.23 17.56
N ASN C 422 6.03 -36.81 16.55
CA ASN C 422 4.97 -36.13 15.81
C ASN C 422 3.60 -36.32 16.46
N GLU C 423 3.55 -36.43 17.77
CA GLU C 423 2.29 -36.43 18.51
C GLU C 423 2.40 -35.56 19.76
N LEU C 424 3.54 -34.88 19.94
CA LEU C 424 3.74 -33.98 21.06
C LEU C 424 2.82 -32.77 20.91
N PRO C 425 2.51 -32.08 22.02
CA PRO C 425 1.78 -30.80 21.90
C PRO C 425 2.70 -29.65 21.51
N LEU C 426 3.22 -29.72 20.28
CA LEU C 426 4.19 -28.76 19.78
C LEU C 426 3.95 -28.50 18.30
N SER C 427 3.93 -27.22 17.92
CA SER C 427 3.84 -26.79 16.53
C SER C 427 5.06 -25.95 16.20
N ILE C 428 5.45 -25.97 14.94
CA ILE C 428 6.71 -25.37 14.50
C ILE C 428 6.41 -24.27 13.48
N VAL C 429 6.97 -23.09 13.70
CA VAL C 429 6.78 -21.94 12.83
C VAL C 429 8.17 -21.35 12.52
N LEU C 430 8.64 -21.57 11.30
CA LEU C 430 9.96 -21.12 10.86
C LEU C 430 9.88 -19.73 10.25
N SER C 431 10.93 -18.94 10.51
CA SER C 431 11.27 -17.79 9.69
C SER C 431 12.60 -18.07 9.02
N TRP C 432 12.67 -17.86 7.71
CA TRP C 432 13.90 -18.07 6.97
C TRP C 432 14.25 -16.79 6.23
N MET C 433 15.54 -16.62 5.93
CA MET C 433 16.00 -15.44 5.23
C MET C 433 17.15 -15.79 4.30
N GLU C 434 18.01 -16.73 4.70
CA GLU C 434 19.22 -17.04 3.95
C GLU C 434 19.40 -18.55 3.76
N GLN C 435 20.62 -18.92 3.36
CA GLN C 435 20.97 -20.30 3.02
C GLN C 435 21.18 -21.17 4.25
N LYS C 436 21.80 -20.61 5.31
CA LYS C 436 21.85 -21.32 6.59
C LYS C 436 20.46 -21.78 7.01
N ALA C 437 19.46 -20.92 6.81
CA ALA C 437 18.09 -21.31 7.10
C ALA C 437 17.63 -22.44 6.18
N ALA C 438 18.06 -22.43 4.92
CA ALA C 438 17.71 -23.52 4.01
C ALA C 438 18.28 -24.85 4.49
N ALA C 439 19.53 -24.83 4.93
CA ALA C 439 20.13 -26.05 5.49
C ALA C 439 19.38 -26.49 6.73
N ILE C 440 18.98 -25.55 7.58
CA ILE C 440 18.20 -25.91 8.78
C ILE C 440 16.86 -26.50 8.37
N LEU C 441 16.23 -25.95 7.34
CA LEU C 441 14.96 -26.48 6.87
C LEU C 441 15.10 -27.91 6.38
N TRP C 442 16.16 -28.18 5.60
CA TRP C 442 16.37 -29.55 5.14
C TRP C 442 16.80 -30.47 6.27
N SER C 443 17.42 -29.93 7.32
CA SER C 443 17.67 -30.71 8.53
C SER C 443 16.36 -31.12 9.18
N LEU C 444 15.41 -30.18 9.28
CA LEU C 444 14.10 -30.48 9.84
C LEU C 444 13.37 -31.51 8.99
N LEU C 445 13.53 -31.44 7.67
CA LEU C 445 12.86 -32.37 6.78
C LEU C 445 13.51 -33.75 6.83
N SER C 446 14.84 -33.83 7.00
CA SER C 446 15.47 -35.13 7.16
C SER C 446 15.00 -35.82 8.43
N LEU C 447 14.47 -35.06 9.38
CA LEU C 447 13.90 -35.60 10.60
C LEU C 447 12.42 -35.91 10.47
N ASN C 448 11.84 -35.71 9.28
CA ASN C 448 10.44 -36.03 9.01
C ASN C 448 9.53 -35.25 9.97
N LEU C 449 9.74 -33.95 10.03
CA LEU C 449 8.93 -33.06 10.87
C LEU C 449 7.79 -32.52 10.02
N ARG C 450 6.60 -33.07 10.22
CA ARG C 450 5.44 -32.78 9.38
C ARG C 450 4.54 -31.72 10.00
N GLY C 451 3.96 -30.88 9.15
CA GLY C 451 3.09 -29.82 9.60
C GLY C 451 3.81 -28.56 10.04
N MET C 452 5.03 -28.35 9.57
CA MET C 452 5.75 -27.13 9.92
C MET C 452 5.24 -25.95 9.09
N TYR C 453 5.34 -24.77 9.67
CA TYR C 453 4.99 -23.54 8.99
C TYR C 453 6.27 -22.83 8.57
N ILE C 454 6.19 -22.12 7.44
CA ILE C 454 7.38 -21.48 6.87
C ILE C 454 7.02 -20.06 6.45
N GLY C 455 7.86 -19.10 6.84
CA GLY C 455 7.72 -17.74 6.38
C GLY C 455 9.05 -17.10 6.07
N PRO C 456 9.01 -15.88 5.52
CA PRO C 456 7.82 -15.08 5.22
C PRO C 456 7.20 -15.53 3.90
N ILE C 457 7.95 -16.28 3.09
CA ILE C 457 7.52 -16.71 1.77
C ILE C 457 8.14 -18.07 1.49
N LEU C 458 7.65 -18.73 0.45
CA LEU C 458 8.27 -19.94 -0.08
C LEU C 458 9.52 -19.58 -0.87
N PRO C 459 10.60 -20.38 -0.73
CA PRO C 459 11.86 -20.10 -1.44
C PRO C 459 11.69 -19.74 -2.91
N GLY C 460 12.44 -18.72 -3.35
CA GLY C 460 12.32 -18.24 -4.71
C GLY C 460 12.79 -19.21 -5.78
N TRP C 461 13.41 -20.32 -5.38
CA TRP C 461 13.89 -21.34 -6.31
C TRP C 461 13.00 -22.57 -6.35
N ALA C 462 11.89 -22.56 -5.62
CA ALA C 462 11.00 -23.71 -5.51
C ALA C 462 9.90 -23.61 -6.55
N ASN C 463 10.03 -24.38 -7.62
CA ASN C 463 8.98 -24.45 -8.63
C ASN C 463 7.76 -25.20 -8.07
N ASP C 464 6.69 -25.22 -8.87
CA ASP C 464 5.47 -25.92 -8.45
C ASP C 464 5.75 -27.38 -8.15
N ASP C 465 6.63 -28.01 -8.92
CA ASP C 465 6.99 -29.40 -8.66
C ASP C 465 7.58 -29.54 -7.26
N ILE C 466 8.54 -28.67 -6.94
CA ILE C 466 9.24 -28.73 -5.67
C ILE C 466 8.31 -28.40 -4.51
N ILE C 467 7.52 -27.32 -4.65
CA ILE C 467 6.57 -26.97 -3.60
C ILE C 467 5.58 -28.09 -3.37
N ASN C 468 5.14 -28.75 -4.43
CA ASN C 468 4.19 -29.85 -4.25
C ASN C 468 4.85 -31.01 -3.52
N VAL C 469 6.11 -31.33 -3.87
CA VAL C 469 6.83 -32.36 -3.11
C VAL C 469 6.84 -32.00 -1.63
N LEU C 470 7.16 -30.75 -1.33
CA LEU C 470 7.21 -30.29 0.06
C LEU C 470 5.87 -30.41 0.76
N VAL C 471 4.79 -30.00 0.09
CA VAL C 471 3.50 -29.92 0.76
C VAL C 471 2.80 -31.28 0.82
N ASP C 472 3.01 -32.16 -0.16
CA ASP C 472 2.32 -33.44 -0.10
C ASP C 472 3.11 -34.49 0.67
N LYS C 473 4.43 -34.46 0.57
CA LYS C 473 5.26 -35.48 1.19
C LYS C 473 5.71 -35.09 2.59
N TYR C 474 5.79 -33.80 2.87
CA TYR C 474 6.19 -33.32 4.18
C TYR C 474 5.21 -32.33 4.80
N GLU C 475 4.10 -32.04 4.12
CA GLU C 475 3.01 -31.25 4.68
C GLU C 475 3.47 -29.89 5.16
N LEU C 476 4.47 -29.33 4.48
CA LEU C 476 5.00 -28.01 4.81
C LEU C 476 3.94 -26.95 4.49
N THR C 477 3.44 -26.28 5.52
CA THR C 477 2.34 -25.35 5.38
C THR C 477 2.87 -23.92 5.41
N PRO C 478 2.65 -23.10 4.38
CA PRO C 478 3.07 -21.70 4.47
C PRO C 478 2.24 -20.91 5.47
N ILE C 479 2.88 -19.92 6.09
CA ILE C 479 2.18 -19.08 7.07
C ILE C 479 1.07 -18.29 6.39
N GLY C 480 -0.06 -18.16 7.09
CA GLY C 480 -1.19 -17.40 6.59
C GLY C 480 -1.58 -16.26 7.50
N ASP C 481 -2.64 -16.46 8.29
CA ASP C 481 -3.14 -15.47 9.24
C ASP C 481 -2.86 -15.94 10.65
N PRO C 482 -2.29 -15.07 11.50
CA PRO C 482 -1.93 -15.50 12.87
C PRO C 482 -3.05 -16.20 13.61
N GLU C 483 -4.24 -15.59 13.68
CA GLU C 483 -5.35 -16.18 14.43
C GLU C 483 -5.77 -17.53 13.84
N GLU C 484 -5.94 -17.59 12.51
CA GLU C 484 -6.31 -18.86 11.88
C GLU C 484 -5.21 -19.90 12.06
N ASP C 485 -3.95 -19.49 11.95
CA ASP C 485 -2.85 -20.43 12.13
C ASP C 485 -2.85 -21.01 13.53
N ILE C 486 -2.98 -20.15 14.55
CA ILE C 486 -3.03 -20.63 15.93
C ILE C 486 -4.21 -21.58 16.13
N LYS C 487 -5.37 -21.24 15.58
CA LYS C 487 -6.53 -22.12 15.74
C LYS C 487 -6.30 -23.48 15.09
N LYS C 488 -5.69 -23.49 13.91
CA LYS C 488 -5.46 -24.76 13.22
C LYS C 488 -4.42 -25.60 13.94
N MET C 489 -3.31 -24.98 14.39
CA MET C 489 -2.26 -25.75 15.04
C MET C 489 -2.64 -26.21 16.44
N MET C 490 -3.64 -25.60 17.06
CA MET C 490 -3.96 -25.85 18.46
C MET C 490 -5.11 -26.82 18.65
N GLU C 491 -5.63 -27.39 17.56
CA GLU C 491 -6.75 -28.32 17.65
C GLU C 491 -6.28 -29.72 17.32
N VAL C 492 -6.23 -30.59 18.34
CA VAL C 492 -6.07 -32.02 18.14
C VAL C 492 -7.42 -32.73 18.09
N ASP C 493 -8.51 -32.05 18.42
CA ASP C 493 -9.86 -32.60 18.28
C ASP C 493 -10.88 -31.49 18.06
N LYS D 2 12.25 11.22 -14.67
CA LYS D 2 11.78 9.96 -14.12
C LYS D 2 12.90 9.20 -13.41
N TYR D 3 12.52 8.33 -12.48
CA TYR D 3 13.48 7.54 -11.71
C TYR D 3 13.04 6.08 -11.69
N ARG D 4 13.98 5.18 -11.92
CA ARG D 4 13.71 3.75 -11.89
C ARG D 4 14.47 3.08 -10.75
N CYS D 5 13.80 2.14 -10.08
CA CYS D 5 14.44 1.34 -9.05
C CYS D 5 15.49 0.43 -9.67
N LYS D 6 16.70 0.45 -9.10
CA LYS D 6 17.78 -0.40 -9.60
C LYS D 6 17.47 -1.88 -9.39
N VAL D 7 16.70 -2.20 -8.35
CA VAL D 7 16.47 -3.58 -7.95
C VAL D 7 15.30 -4.20 -8.71
N CYS D 8 14.18 -3.48 -8.82
CA CYS D 8 12.97 -4.04 -9.39
C CYS D 8 12.40 -3.20 -10.52
N ASP D 9 13.11 -2.16 -10.96
CA ASP D 9 12.69 -1.34 -12.10
C ASP D 9 11.33 -0.68 -11.88
N TYR D 10 11.00 -0.41 -10.62
CA TYR D 10 9.83 0.39 -10.32
C TYR D 10 10.08 1.81 -10.78
N ILE D 11 9.20 2.33 -11.63
CA ILE D 11 9.37 3.67 -12.19
C ILE D 11 8.67 4.65 -11.26
N TYR D 12 9.47 5.51 -10.61
CA TYR D 12 8.92 6.66 -9.92
C TYR D 12 8.81 7.80 -10.91
N ASP D 13 7.58 8.25 -11.15
CA ASP D 13 7.34 9.33 -12.08
C ASP D 13 6.92 10.53 -11.24
N PRO D 14 7.71 11.62 -11.21
CA PRO D 14 7.40 12.73 -10.31
C PRO D 14 6.05 13.38 -10.56
N GLU D 15 5.34 13.01 -11.63
CA GLU D 15 3.97 13.47 -11.83
C GLU D 15 3.00 12.71 -10.94
N VAL D 16 3.31 11.45 -10.62
CA VAL D 16 2.41 10.60 -9.83
C VAL D 16 2.74 10.74 -8.35
N GLY D 17 3.74 9.98 -7.88
CA GLY D 17 4.02 9.94 -6.45
C GLY D 17 3.04 9.08 -5.68
N ASP D 18 2.80 9.46 -4.43
CA ASP D 18 1.83 8.79 -3.56
C ASP D 18 1.15 9.83 -2.69
N PRO D 19 0.03 10.40 -3.15
CA PRO D 19 -0.62 11.47 -2.37
C PRO D 19 -1.10 11.03 -1.00
N THR D 20 -1.49 9.77 -0.84
CA THR D 20 -2.06 9.31 0.43
C THR D 20 -1.03 9.28 1.55
N SER D 21 0.26 9.27 1.24
CA SER D 21 1.32 9.18 2.23
C SER D 21 1.92 10.54 2.55
N GLY D 22 1.69 11.53 1.70
CA GLY D 22 2.17 12.88 1.88
C GLY D 22 2.89 13.39 0.66
N ILE D 23 3.15 12.50 -0.30
CA ILE D 23 3.83 12.88 -1.53
C ILE D 23 2.72 13.20 -2.53
N LYS D 24 2.20 14.43 -2.44
CA LYS D 24 1.12 14.81 -3.33
C LYS D 24 1.61 14.89 -4.77
N PRO D 25 0.73 14.59 -5.72
CA PRO D 25 1.15 14.49 -7.14
C PRO D 25 1.72 15.79 -7.69
N GLY D 26 2.98 15.74 -8.08
CA GLY D 26 3.65 16.88 -8.68
C GLY D 26 5.01 17.14 -8.07
N THR D 27 5.35 16.38 -7.04
CA THR D 27 6.58 16.60 -6.26
C THR D 27 7.77 15.98 -6.96
N PRO D 28 8.87 16.72 -7.14
CA PRO D 28 10.08 16.15 -7.73
C PRO D 28 10.71 15.09 -6.82
N PHE D 29 11.57 14.27 -7.44
CA PHE D 29 12.18 13.16 -6.69
C PHE D 29 13.07 13.67 -5.57
N GLN D 30 13.64 14.87 -5.71
CA GLN D 30 14.55 15.37 -4.68
C GLN D 30 13.79 15.97 -3.50
N GLU D 31 12.46 16.10 -3.60
CA GLU D 31 11.60 16.52 -2.51
C GLU D 31 10.82 15.37 -1.83
N LEU D 32 11.41 14.14 -1.79
CA LEU D 32 10.97 12.91 -1.12
C LEU D 32 11.59 12.80 0.26
N PRO D 33 10.95 12.06 1.15
CA PRO D 33 11.46 11.92 2.51
C PRO D 33 12.84 11.28 2.46
N GLU D 34 13.64 11.57 3.49
CA GLU D 34 15.01 11.07 3.51
C GLU D 34 15.03 9.55 3.70
N ASP D 35 14.17 9.03 4.58
CA ASP D 35 14.10 7.60 4.88
C ASP D 35 13.06 6.86 4.04
N TRP D 36 12.77 7.34 2.83
CA TRP D 36 11.81 6.67 1.96
C TRP D 36 12.46 5.45 1.33
N LEU D 37 11.71 4.34 1.30
CA LEU D 37 12.19 3.08 0.74
C LEU D 37 11.30 2.66 -0.41
N CYS D 38 11.82 1.77 -1.25
CA CYS D 38 11.04 1.26 -2.36
C CYS D 38 9.88 0.42 -1.83
N PRO D 39 8.65 0.66 -2.28
CA PRO D 39 7.51 -0.11 -1.77
C PRO D 39 7.45 -1.55 -2.22
N VAL D 40 8.39 -2.01 -3.05
CA VAL D 40 8.38 -3.36 -3.61
C VAL D 40 9.51 -4.22 -3.03
N CYS D 41 10.73 -3.68 -3.02
CA CYS D 41 11.90 -4.45 -2.61
C CYS D 41 12.58 -3.93 -1.35
N ASN D 42 12.02 -2.92 -0.70
CA ASN D 42 12.47 -2.47 0.62
C ASN D 42 13.90 -1.93 0.61
N VAL D 43 14.32 -1.33 -0.51
CA VAL D 43 15.61 -0.65 -0.59
C VAL D 43 15.37 0.85 -0.54
N GLY D 44 16.35 1.57 -0.02
CA GLY D 44 16.19 2.98 0.25
C GLY D 44 16.10 3.82 -1.01
N LYS D 45 15.89 5.11 -0.78
CA LYS D 45 15.85 6.08 -1.86
C LYS D 45 17.18 6.16 -2.59
N ASP D 46 18.28 5.78 -1.93
CA ASP D 46 19.60 5.83 -2.53
C ASP D 46 19.68 4.96 -3.78
N GLN D 47 19.05 3.78 -3.75
CA GLN D 47 19.06 2.84 -4.86
C GLN D 47 18.01 3.14 -5.92
N PHE D 48 17.83 4.42 -6.28
CA PHE D 48 16.91 4.85 -7.32
C PHE D 48 17.66 5.74 -8.30
N GLU D 49 17.61 5.40 -9.60
CA GLU D 49 18.42 6.18 -10.52
C GLU D 49 17.59 7.05 -11.46
N PRO D 50 18.02 8.29 -11.72
CA PRO D 50 17.34 9.14 -12.71
C PRO D 50 17.64 8.69 -14.13
N LEU D 51 16.62 8.26 -14.85
CA LEU D 51 16.77 7.75 -16.22
C LEU D 51 15.65 8.27 -17.11
N PRO D 60 18.96 -15.48 -24.83
CA PRO D 60 18.83 -15.09 -23.42
C PRO D 60 19.12 -13.61 -23.21
N GLU D 61 19.31 -12.89 -24.33
CA GLU D 61 19.54 -11.45 -24.35
C GLU D 61 20.47 -10.96 -23.25
N ASP D 62 20.16 -9.80 -22.65
CA ASP D 62 20.99 -9.22 -21.59
C ASP D 62 20.23 -9.19 -20.27
N ILE D 63 20.24 -10.34 -19.57
CA ILE D 63 19.83 -10.36 -18.18
C ILE D 63 21.05 -9.94 -17.35
N ASP D 64 20.93 -8.82 -16.64
CA ASP D 64 22.09 -8.22 -15.98
C ASP D 64 22.76 -9.17 -15.00
N MET D 65 21.97 -9.94 -14.26
CA MET D 65 22.47 -10.84 -13.24
C MET D 65 21.33 -11.76 -12.82
N PHE D 66 21.64 -12.73 -11.96
CA PHE D 66 20.63 -13.64 -11.46
C PHE D 66 21.01 -14.09 -10.06
N CYS D 67 20.01 -14.09 -9.18
CA CYS D 67 20.21 -14.52 -7.79
C CYS D 67 18.87 -14.58 -7.06
N TYR D 68 18.55 -15.74 -6.51
CA TYR D 68 17.32 -15.92 -5.75
C TYR D 68 17.58 -16.73 -4.48
N GLN D 69 18.75 -16.55 -3.86
CA GLN D 69 19.18 -17.39 -2.75
C GLN D 69 18.58 -17.00 -1.41
N CYS D 70 17.97 -15.82 -1.31
CA CYS D 70 17.46 -15.33 -0.03
C CYS D 70 16.01 -14.88 -0.18
N SER D 71 15.35 -14.74 0.96
CA SER D 71 13.93 -14.38 0.97
C SER D 71 13.67 -12.96 0.51
N GLN D 72 14.68 -12.08 0.56
CA GLN D 72 14.50 -10.70 0.14
C GLN D 72 14.34 -10.55 -1.36
N THR D 73 14.66 -11.60 -2.14
CA THR D 73 14.67 -11.48 -3.59
C THR D 73 13.36 -10.90 -4.10
N VAL D 74 13.46 -10.11 -5.18
CA VAL D 74 12.31 -9.36 -5.65
C VAL D 74 11.16 -10.30 -5.97
N ARG D 75 9.99 -9.96 -5.44
CA ARG D 75 8.74 -10.67 -5.70
C ARG D 75 8.85 -12.15 -5.32
N GLY D 76 9.89 -12.51 -4.57
CA GLY D 76 10.11 -13.88 -4.21
C GLY D 76 10.44 -14.78 -5.38
N ARG D 77 10.99 -14.25 -6.46
CA ARG D 77 11.27 -15.07 -7.64
C ARG D 77 12.73 -15.05 -8.03
N ALA D 78 13.31 -13.88 -8.32
CA ALA D 78 14.72 -13.77 -8.69
C ALA D 78 15.12 -12.31 -8.78
N CYS D 79 16.29 -11.99 -8.21
CA CYS D 79 16.94 -10.71 -8.47
C CYS D 79 17.69 -10.75 -9.79
N THR D 80 17.44 -9.78 -10.66
CA THR D 80 17.95 -9.81 -12.02
C THR D 80 18.67 -8.55 -12.46
N VAL D 81 18.75 -7.51 -11.63
CA VAL D 81 19.46 -6.29 -11.99
C VAL D 81 20.40 -5.90 -10.86
N LYS D 82 19.83 -5.75 -9.65
CA LYS D 82 20.61 -5.49 -8.46
C LYS D 82 19.93 -6.16 -7.29
N GLY D 83 20.73 -6.56 -6.29
CA GLY D 83 20.20 -7.27 -5.14
C GLY D 83 19.47 -6.35 -4.17
N VAL D 84 18.35 -6.84 -3.66
CA VAL D 84 17.69 -6.20 -2.53
C VAL D 84 18.68 -6.03 -1.38
N CYS D 85 19.61 -6.98 -1.25
CA CYS D 85 20.65 -6.90 -0.24
C CYS D 85 21.68 -5.83 -0.55
N GLY D 86 21.72 -5.34 -1.78
CA GLY D 86 22.66 -4.29 -2.17
C GLY D 86 23.76 -4.76 -3.10
N LYS D 87 23.81 -6.05 -3.42
CA LYS D 87 24.85 -6.59 -4.26
C LYS D 87 24.59 -6.26 -5.74
N GLU D 88 25.64 -5.83 -6.42
CA GLU D 88 25.57 -5.38 -7.80
C GLU D 88 25.68 -6.59 -8.74
N ALA D 89 25.48 -6.34 -10.03
CA ALA D 89 25.48 -7.43 -11.01
C ALA D 89 26.87 -8.05 -11.15
N THR D 90 27.90 -7.20 -11.27
CA THR D 90 29.27 -7.68 -11.42
C THR D 90 29.71 -8.50 -10.22
N VAL D 91 29.33 -8.09 -9.01
CA VAL D 91 29.74 -8.81 -7.82
C VAL D 91 29.05 -10.17 -7.76
N ALA D 92 27.78 -10.23 -8.17
CA ALA D 92 27.08 -11.51 -8.24
C ALA D 92 27.73 -12.43 -9.26
N ARG D 93 28.13 -11.88 -10.40
CA ARG D 93 28.81 -12.69 -11.40
C ARG D 93 30.16 -13.19 -10.90
N LEU D 94 30.87 -12.38 -10.10
CA LEU D 94 32.13 -12.82 -9.51
C LEU D 94 31.90 -13.91 -8.46
N GLN D 95 30.82 -13.81 -7.69
CA GLN D 95 30.49 -14.88 -6.75
C GLN D 95 30.20 -16.18 -7.47
N ASP D 96 29.43 -16.12 -8.57
CA ASP D 96 29.17 -17.32 -9.36
C ASP D 96 30.46 -17.88 -9.97
N ASN D 97 31.36 -16.98 -10.40
CA ASN D 97 32.65 -17.41 -10.90
C ASN D 97 33.42 -18.22 -9.86
N LEU D 98 33.55 -17.65 -8.66
CA LEU D 98 34.25 -18.35 -7.58
C LEU D 98 33.58 -19.68 -7.27
N LEU D 99 32.24 -19.72 -7.31
CA LEU D 99 31.51 -20.96 -7.08
C LEU D 99 31.89 -22.02 -8.11
N PHE D 100 31.98 -21.64 -9.39
CA PHE D 100 32.34 -22.61 -10.43
C PHE D 100 33.77 -23.12 -10.24
N ALA D 101 34.70 -22.21 -9.94
CA ALA D 101 36.08 -22.64 -9.71
C ALA D 101 36.15 -23.63 -8.55
N ILE D 102 35.45 -23.33 -7.46
CA ILE D 102 35.46 -24.24 -6.33
C ILE D 102 34.78 -25.56 -6.68
N LYS D 103 33.80 -25.53 -7.59
CA LYS D 103 33.17 -26.77 -8.07
C LYS D 103 34.21 -27.67 -8.74
N GLY D 104 35.00 -27.10 -9.64
CA GLY D 104 36.05 -27.90 -10.25
C GLY D 104 37.01 -28.47 -9.23
N ILE D 105 37.41 -27.63 -8.27
CA ILE D 105 38.30 -28.10 -7.20
C ILE D 105 37.65 -29.27 -6.46
N SER D 106 36.36 -29.17 -6.17
CA SER D 106 35.66 -30.20 -5.42
C SER D 106 35.62 -31.51 -6.19
N ALA D 107 35.46 -31.43 -7.51
CA ALA D 107 35.51 -32.65 -8.32
C ALA D 107 36.86 -33.34 -8.19
N TYR D 108 37.95 -32.58 -8.41
CA TYR D 108 39.27 -33.19 -8.26
C TYR D 108 39.48 -33.70 -6.83
N LEU D 109 38.92 -33.01 -5.83
CA LEU D 109 39.06 -33.42 -4.44
C LEU D 109 38.39 -34.76 -4.21
N TYR D 110 37.17 -34.92 -4.71
CA TYR D 110 36.47 -36.20 -4.61
C TYR D 110 37.29 -37.31 -5.25
N HIS D 111 37.85 -37.04 -6.43
CA HIS D 111 38.62 -38.08 -7.10
C HIS D 111 39.88 -38.43 -6.32
N ALA D 112 40.50 -37.44 -5.67
CA ALA D 112 41.64 -37.75 -4.83
C ALA D 112 41.22 -38.57 -3.61
N ARG D 113 40.11 -38.19 -2.99
CA ARG D 113 39.65 -38.89 -1.78
C ARG D 113 39.25 -40.33 -2.10
N GLU D 114 38.81 -40.60 -3.34
CA GLU D 114 38.58 -41.97 -3.77
C GLU D 114 39.81 -42.85 -3.53
N LEU D 115 41.00 -42.26 -3.55
CA LEU D 115 42.25 -43.00 -3.39
C LEU D 115 42.86 -42.83 -2.00
N GLY D 116 42.12 -42.28 -1.04
CA GLY D 116 42.64 -42.00 0.27
C GLY D 116 43.54 -40.79 0.36
N TYR D 117 43.42 -39.84 -0.56
CA TYR D 117 44.26 -38.65 -0.59
C TYR D 117 43.42 -37.43 -0.26
N THR D 118 43.84 -36.67 0.75
CA THR D 118 43.08 -35.58 1.32
C THR D 118 43.99 -34.38 1.53
N ASP D 119 43.42 -33.18 1.43
CA ASP D 119 44.15 -31.95 1.73
C ASP D 119 43.27 -31.05 2.57
N GLU D 120 43.74 -30.70 3.76
CA GLU D 120 42.91 -29.99 4.72
C GLU D 120 42.75 -28.52 4.38
N VAL D 121 43.82 -27.87 3.91
CA VAL D 121 43.74 -26.43 3.63
C VAL D 121 42.77 -26.18 2.48
N VAL D 122 42.65 -27.14 1.55
CA VAL D 122 41.73 -26.96 0.43
C VAL D 122 40.29 -27.03 0.91
N ASP D 123 39.99 -27.93 1.86
CA ASP D 123 38.65 -27.97 2.42
C ASP D 123 38.34 -26.70 3.22
N ALA D 124 39.33 -26.21 3.96
CA ALA D 124 39.17 -24.94 4.65
C ALA D 124 38.85 -23.82 3.66
N PHE D 125 39.56 -23.78 2.53
CA PHE D 125 39.28 -22.77 1.52
C PHE D 125 37.91 -22.97 0.89
N LEU D 126 37.49 -24.23 0.73
CA LEU D 126 36.15 -24.52 0.25
C LEU D 126 35.12 -23.83 1.14
N GLU D 127 35.18 -24.12 2.44
CA GLU D 127 34.31 -23.46 3.40
C GLU D 127 34.39 -21.94 3.28
N ARG D 128 35.61 -21.40 3.20
CA ARG D 128 35.81 -19.96 3.15
C ARG D 128 35.12 -19.34 1.94
N GLY D 129 35.29 -19.96 0.76
CA GLY D 129 34.71 -19.43 -0.45
C GLY D 129 33.19 -19.47 -0.45
N PHE D 130 32.63 -20.62 -0.07
CA PHE D 130 31.16 -20.70 -0.02
C PHE D 130 30.57 -19.73 1.00
N TYR D 131 31.24 -19.54 2.13
CA TYR D 131 30.77 -18.55 3.09
C TYR D 131 30.91 -17.14 2.50
N SER D 132 31.95 -16.92 1.70
CA SER D 132 32.14 -15.61 1.09
C SER D 132 31.04 -15.25 0.12
N THR D 133 30.40 -16.26 -0.50
CA THR D 133 29.30 -16.04 -1.44
C THR D 133 27.95 -16.17 -0.77
N LEU D 134 27.89 -15.96 0.54
CA LEU D 134 26.61 -15.95 1.24
C LEU D 134 25.89 -14.64 0.91
N THR D 135 24.79 -14.36 1.62
CA THR D 135 23.93 -13.24 1.23
C THR D 135 24.60 -11.91 1.54
N ASN D 136 24.85 -11.63 2.81
CA ASN D 136 25.40 -10.34 3.20
C ASN D 136 26.74 -10.56 3.89
N VAL D 137 27.71 -11.08 3.14
CA VAL D 137 29.03 -11.37 3.66
C VAL D 137 30.08 -10.53 2.96
N ASN D 138 30.09 -10.57 1.63
CA ASN D 138 31.12 -9.91 0.82
C ASN D 138 30.47 -9.14 -0.30
N PHE D 139 30.82 -7.86 -0.42
CA PHE D 139 30.39 -7.00 -1.51
C PHE D 139 31.57 -6.37 -2.24
N ASP D 140 32.79 -6.82 -1.95
CA ASP D 140 34.00 -6.25 -2.51
C ASP D 140 34.41 -7.08 -3.73
N ALA D 141 34.36 -6.46 -4.91
CA ALA D 141 34.68 -7.18 -6.14
C ALA D 141 36.17 -7.51 -6.20
N GLU D 142 37.02 -6.56 -5.82
CA GLU D 142 38.47 -6.80 -5.83
C GLU D 142 38.83 -7.99 -4.95
N GLU D 143 38.15 -8.14 -3.81
CA GLU D 143 38.38 -9.31 -2.97
C GLU D 143 37.96 -10.59 -3.66
N PHE D 144 36.91 -10.53 -4.49
CA PHE D 144 36.53 -11.74 -5.22
C PHE D 144 37.52 -12.05 -6.33
N VAL D 145 38.18 -11.05 -6.90
CA VAL D 145 39.29 -11.31 -7.82
C VAL D 145 40.42 -12.02 -7.07
N SER D 146 40.78 -11.49 -5.89
CA SER D 146 41.78 -12.12 -5.04
C SER D 146 41.39 -13.56 -4.69
N LEU D 147 40.11 -13.80 -4.43
CA LEU D 147 39.67 -15.14 -4.07
C LEU D 147 39.65 -16.08 -5.28
N ALA D 148 39.35 -15.56 -6.47
CA ALA D 148 39.47 -16.39 -7.66
C ALA D 148 40.92 -16.80 -7.89
N LEU D 149 41.85 -15.88 -7.67
CA LEU D 149 43.26 -16.23 -7.81
C LEU D 149 43.70 -17.22 -6.74
N GLU D 150 43.22 -17.05 -5.51
CA GLU D 150 43.49 -18.03 -4.46
C GLU D 150 42.88 -19.38 -4.80
N ALA D 151 41.72 -19.38 -5.45
CA ALA D 151 41.10 -20.62 -5.89
C ALA D 151 41.96 -21.29 -6.96
N GLY D 152 42.53 -20.49 -7.86
CA GLY D 152 43.47 -21.05 -8.81
C GLY D 152 44.66 -21.71 -8.13
N GLU D 153 45.22 -21.05 -7.11
CA GLU D 153 46.36 -21.63 -6.40
C GLU D 153 45.96 -22.92 -5.68
N MET D 154 44.83 -22.89 -4.99
CA MET D 154 44.33 -24.09 -4.31
C MET D 154 44.04 -25.21 -5.31
N ASN D 155 43.60 -24.85 -6.52
CA ASN D 155 43.36 -25.85 -7.56
C ASN D 155 44.66 -26.44 -8.08
N LEU D 156 45.69 -25.60 -8.22
CA LEU D 156 47.03 -26.12 -8.48
C LEU D 156 47.40 -27.17 -7.44
N ARG D 157 47.18 -26.83 -6.18
CA ARG D 157 47.48 -27.76 -5.10
C ARG D 157 46.67 -29.04 -5.24
N THR D 158 45.39 -28.91 -5.57
CA THR D 158 44.50 -30.06 -5.65
C THR D 158 44.88 -30.98 -6.80
N MET D 159 45.20 -30.41 -7.96
CA MET D 159 45.65 -31.23 -9.06
C MET D 159 46.98 -31.90 -8.72
N LYS D 160 47.85 -31.20 -7.98
CA LYS D 160 49.08 -31.84 -7.51
C LYS D 160 48.77 -33.05 -6.63
N LEU D 161 47.81 -32.90 -5.73
CA LEU D 161 47.40 -34.00 -4.86
C LEU D 161 46.83 -35.15 -5.68
N LEU D 162 45.99 -34.85 -6.66
CA LEU D 162 45.39 -35.91 -7.46
C LEU D 162 46.44 -36.63 -8.31
N LYS D 163 47.40 -35.87 -8.85
CA LYS D 163 48.49 -36.47 -9.61
C LYS D 163 49.33 -37.38 -8.72
N LYS D 164 49.58 -36.96 -7.48
CA LYS D 164 50.34 -37.80 -6.55
C LYS D 164 49.56 -39.08 -6.23
N ALA D 165 48.25 -38.95 -6.04
CA ALA D 165 47.40 -40.12 -5.81
C ALA D 165 47.47 -41.10 -6.99
N HIS D 166 47.36 -40.57 -8.21
CA HIS D 166 47.41 -41.43 -9.38
C HIS D 166 48.75 -42.13 -9.51
N MET D 167 49.86 -41.40 -9.34
CA MET D 167 51.17 -42.02 -9.49
C MET D 167 51.47 -43.01 -8.36
N ASP D 168 50.97 -42.76 -7.15
CA ASP D 168 51.21 -43.72 -6.08
C ASP D 168 50.34 -44.97 -6.22
N THR D 169 49.14 -44.83 -6.80
CA THR D 169 48.25 -45.98 -6.92
C THR D 169 48.49 -46.79 -8.19
N TYR D 170 49.03 -46.17 -9.24
CA TYR D 170 49.16 -46.84 -10.53
C TYR D 170 50.50 -46.64 -11.20
N GLY D 171 51.39 -45.84 -10.63
CA GLY D 171 52.65 -45.53 -11.29
C GLY D 171 52.56 -44.31 -12.17
N GLU D 172 53.72 -43.88 -12.63
CA GLU D 172 53.76 -42.72 -13.53
C GLU D 172 53.41 -43.15 -14.95
N PRO D 173 52.50 -42.44 -15.62
CA PRO D 173 52.13 -42.82 -16.99
C PRO D 173 53.33 -42.76 -17.92
N GLU D 174 53.32 -43.66 -18.90
CA GLU D 174 54.38 -43.80 -19.90
C GLU D 174 53.73 -43.99 -21.26
N PRO D 175 54.41 -43.58 -22.34
CA PRO D 175 53.79 -43.63 -23.68
C PRO D 175 53.17 -44.99 -23.99
N ALA D 176 52.01 -44.95 -24.61
CA ALA D 176 51.28 -46.17 -24.98
C ALA D 176 50.51 -45.93 -26.26
N GLU D 177 50.56 -46.93 -27.15
CA GLU D 177 49.77 -46.96 -28.38
C GLU D 177 48.50 -47.74 -28.12
N VAL D 178 47.37 -47.05 -28.13
CA VAL D 178 46.09 -47.62 -27.76
C VAL D 178 45.30 -47.96 -29.02
N ARG D 179 44.79 -49.18 -29.08
CA ARG D 179 43.97 -49.64 -30.19
C ARG D 179 42.57 -49.04 -30.06
N VAL D 180 42.18 -48.22 -31.03
CA VAL D 180 40.81 -47.73 -31.14
C VAL D 180 40.10 -48.57 -32.18
N GLY D 181 39.18 -49.39 -31.72
CA GLY D 181 38.51 -50.38 -32.54
C GLY D 181 38.25 -51.61 -31.69
N ALA D 182 37.22 -52.35 -32.06
CA ALA D 182 36.72 -53.45 -31.23
C ALA D 182 37.47 -54.74 -31.48
N LEU D 183 37.41 -55.62 -30.48
CA LEU D 183 37.79 -57.01 -30.58
C LEU D 183 36.53 -57.88 -30.48
N ASP D 184 36.70 -59.17 -30.72
CA ASP D 184 35.61 -60.11 -30.47
C ASP D 184 35.46 -60.41 -28.99
N GLY D 185 34.22 -60.49 -28.55
CA GLY D 185 33.92 -60.84 -27.17
C GLY D 185 33.06 -59.79 -26.52
N PRO D 186 32.44 -60.16 -25.39
CA PRO D 186 31.66 -59.18 -24.63
C PRO D 186 32.51 -57.97 -24.28
N ALA D 187 31.84 -56.83 -24.16
CA ALA D 187 32.53 -55.56 -24.00
C ALA D 187 31.85 -54.67 -22.97
N ILE D 188 32.65 -53.95 -22.20
CA ILE D 188 32.20 -52.85 -21.37
C ILE D 188 32.99 -51.62 -21.74
N ILE D 189 32.29 -50.53 -22.08
CA ILE D 189 32.90 -49.24 -22.36
C ILE D 189 32.78 -48.38 -21.11
N ALA D 190 33.90 -47.83 -20.66
CA ALA D 190 33.92 -46.97 -19.48
C ALA D 190 34.20 -45.54 -19.92
N THR D 191 33.36 -44.61 -19.46
CA THR D 191 33.51 -43.20 -19.76
C THR D 191 33.69 -42.41 -18.46
N GLY D 192 34.43 -41.30 -18.57
CA GLY D 192 34.57 -40.37 -17.48
C GLY D 192 36.03 -40.16 -17.12
N HIS D 193 36.25 -39.79 -15.85
CA HIS D 193 37.58 -39.50 -15.34
C HIS D 193 38.03 -40.45 -14.25
N SER D 194 37.11 -41.10 -13.56
CA SER D 194 37.43 -41.93 -12.42
C SER D 194 38.29 -43.11 -12.81
N LEU D 195 39.59 -43.05 -12.48
CA LEU D 195 40.49 -44.17 -12.68
C LEU D 195 40.31 -45.25 -11.63
N LYS D 196 39.80 -44.91 -10.43
CA LYS D 196 39.59 -45.89 -9.39
C LYS D 196 38.48 -46.86 -9.76
N ALA D 197 37.39 -46.34 -10.33
CA ALA D 197 36.31 -47.19 -10.83
C ALA D 197 36.80 -48.11 -11.93
N LEU D 198 37.64 -47.59 -12.83
CA LEU D 198 38.18 -48.43 -13.89
C LEU D 198 39.07 -49.52 -13.31
N GLU D 199 39.91 -49.19 -12.32
CA GLU D 199 40.76 -50.22 -11.71
C GLU D 199 39.91 -51.29 -11.03
N GLU D 200 38.87 -50.89 -10.30
CA GLU D 200 38.03 -51.87 -9.64
C GLU D 200 37.32 -52.76 -10.65
N LEU D 201 36.85 -52.17 -11.76
CA LEU D 201 36.23 -52.97 -12.83
C LEU D 201 37.22 -53.95 -13.43
N LEU D 202 38.44 -53.49 -13.73
CA LEU D 202 39.45 -54.35 -14.31
C LEU D 202 39.82 -55.48 -13.36
N LYS D 203 39.86 -55.19 -12.07
CA LYS D 203 40.13 -56.20 -11.05
C LYS D 203 39.01 -57.22 -11.00
N GLN D 204 37.76 -56.77 -11.09
CA GLN D 204 36.60 -57.65 -11.06
C GLN D 204 36.39 -58.42 -12.36
N THR D 205 37.04 -58.03 -13.46
CA THR D 205 36.86 -58.66 -14.76
C THR D 205 38.02 -59.55 -15.17
N GLU D 206 39.03 -59.74 -14.31
CA GLU D 206 40.14 -60.62 -14.66
C GLU D 206 39.66 -62.06 -14.59
N GLY D 207 39.63 -62.73 -15.74
CA GLY D 207 39.13 -64.07 -15.86
C GLY D 207 37.72 -64.15 -16.41
N SER D 208 36.93 -63.08 -16.24
CA SER D 208 35.59 -63.06 -16.81
C SER D 208 35.60 -63.12 -18.32
N GLY D 209 36.71 -62.71 -18.95
CA GLY D 209 36.87 -62.78 -20.38
C GLY D 209 36.16 -61.70 -21.16
N VAL D 210 35.47 -60.78 -20.49
CA VAL D 210 34.87 -59.65 -21.18
C VAL D 210 35.93 -58.56 -21.32
N ASN D 211 35.94 -57.89 -22.48
CA ASN D 211 36.96 -56.89 -22.79
C ASN D 211 36.47 -55.51 -22.39
N VAL D 212 37.35 -54.73 -21.78
CA VAL D 212 37.04 -53.40 -21.29
C VAL D 212 37.73 -52.37 -22.17
N TYR D 213 36.95 -51.39 -22.64
CA TYR D 213 37.45 -50.33 -23.48
C TYR D 213 37.25 -48.97 -22.81
N THR D 214 38.20 -48.07 -23.04
CA THR D 214 38.09 -46.73 -22.48
C THR D 214 37.44 -45.77 -23.46
N HIS D 215 36.82 -44.73 -22.91
CA HIS D 215 36.17 -43.74 -23.74
C HIS D 215 36.42 -42.34 -23.17
N SER D 216 36.69 -41.40 -24.07
CA SER D 216 36.82 -39.98 -23.73
C SER D 216 37.99 -39.71 -22.81
N GLU D 217 37.72 -39.41 -21.55
CA GLU D 217 38.76 -39.01 -20.61
C GLU D 217 39.36 -40.18 -19.85
N LEU D 218 38.86 -41.40 -20.03
CA LEU D 218 39.52 -42.57 -19.45
C LEU D 218 40.57 -43.14 -20.40
N LEU D 219 40.79 -42.51 -21.56
CA LEU D 219 41.87 -42.91 -22.44
C LEU D 219 43.25 -42.84 -21.79
N PRO D 220 43.62 -41.78 -21.04
CA PRO D 220 44.97 -41.74 -20.45
C PRO D 220 45.31 -42.91 -19.55
N ALA D 221 44.32 -43.67 -19.10
CA ALA D 221 44.58 -44.81 -18.25
C ALA D 221 45.53 -45.80 -18.91
N HIS D 222 45.57 -45.84 -20.25
CA HIS D 222 46.44 -46.78 -20.93
C HIS D 222 47.92 -46.49 -20.70
N GLY D 223 48.25 -45.30 -20.18
CA GLY D 223 49.64 -44.97 -19.92
C GLY D 223 50.09 -45.41 -18.55
N TYR D 224 49.13 -45.54 -17.63
CA TYR D 224 49.46 -45.89 -16.26
C TYR D 224 49.88 -47.36 -16.16
N PRO D 225 51.07 -47.66 -15.67
CA PRO D 225 51.51 -49.07 -15.60
C PRO D 225 50.60 -49.97 -14.80
N GLY D 226 49.94 -49.47 -13.76
CA GLY D 226 49.06 -50.29 -12.98
C GLY D 226 47.74 -50.60 -13.63
N LEU D 227 47.40 -49.90 -14.72
CA LEU D 227 46.16 -50.09 -15.45
C LEU D 227 46.35 -50.80 -16.78
N ARG D 228 47.43 -50.50 -17.50
CA ARG D 228 47.72 -51.19 -18.75
C ARG D 228 48.17 -52.63 -18.53
N LYS D 229 48.52 -52.99 -17.29
CA LYS D 229 48.96 -54.35 -17.03
C LYS D 229 47.83 -55.36 -17.15
N TYR D 230 46.60 -54.88 -17.18
CA TYR D 230 45.47 -55.79 -17.28
C TYR D 230 45.26 -56.15 -18.75
N PRO D 231 45.38 -57.43 -19.13
CA PRO D 231 45.19 -57.79 -20.54
C PRO D 231 43.82 -57.45 -21.08
N HIS D 232 42.75 -57.69 -20.30
CA HIS D 232 41.39 -57.42 -20.76
C HIS D 232 41.09 -55.94 -20.91
N LEU D 233 42.09 -55.07 -20.76
CA LEU D 233 41.96 -53.67 -21.14
C LEU D 233 42.33 -53.57 -22.61
N ALA D 234 41.33 -53.75 -23.47
CA ALA D 234 41.58 -53.93 -24.90
C ALA D 234 42.11 -52.66 -25.55
N GLY D 235 41.38 -51.56 -25.43
CA GLY D 235 41.85 -50.31 -26.02
C GLY D 235 40.81 -49.22 -25.90
N GLN D 236 40.98 -48.20 -26.72
CA GLN D 236 40.01 -47.13 -26.78
C GLN D 236 38.83 -47.55 -27.65
N LEU D 237 37.71 -46.86 -27.46
CA LEU D 237 36.52 -47.14 -28.26
C LEU D 237 35.62 -45.91 -28.17
N GLY D 238 35.30 -45.34 -29.32
CA GLY D 238 34.72 -44.02 -29.36
C GLY D 238 35.79 -42.97 -29.15
N GLY D 239 35.35 -41.73 -29.09
CA GLY D 239 36.25 -40.60 -28.96
C GLY D 239 35.88 -39.73 -27.78
N PRO D 240 35.69 -38.43 -28.03
CA PRO D 240 35.40 -37.51 -26.92
C PRO D 240 34.06 -37.81 -26.28
N TRP D 241 33.65 -36.98 -25.32
CA TRP D 241 32.43 -37.32 -24.58
C TRP D 241 31.20 -37.20 -25.48
N PHE D 242 31.18 -36.20 -26.35
CA PHE D 242 29.94 -35.92 -27.07
C PHE D 242 29.68 -36.84 -28.26
N ASP D 243 30.57 -37.77 -28.60
CA ASP D 243 30.13 -38.82 -29.53
C ASP D 243 29.39 -39.94 -28.82
N GLN D 244 29.29 -39.87 -27.50
CA GLN D 244 28.66 -40.87 -26.66
C GLN D 244 27.45 -41.53 -27.33
N ARG D 245 26.41 -40.74 -27.63
CA ARG D 245 25.15 -41.33 -28.09
C ARG D 245 25.31 -42.20 -29.33
N GLU D 246 26.26 -41.88 -30.21
CA GLU D 246 26.43 -42.76 -31.36
C GLU D 246 27.30 -43.96 -31.01
N THR D 247 28.39 -43.72 -30.26
CA THR D 247 29.33 -44.78 -29.91
C THR D 247 28.61 -45.90 -29.18
N PHE D 248 27.98 -45.56 -28.06
CA PHE D 248 27.26 -46.56 -27.28
C PHE D 248 26.18 -47.24 -28.09
N SER D 249 25.67 -46.58 -29.14
CA SER D 249 24.67 -47.23 -29.97
C SER D 249 25.30 -48.26 -30.90
N ARG D 250 26.46 -47.93 -31.49
CA ARG D 250 26.96 -48.75 -32.58
C ARG D 250 27.70 -49.99 -32.07
N TYR D 251 28.28 -49.94 -30.88
CA TYR D 251 28.94 -51.10 -30.28
C TYR D 251 27.99 -51.77 -29.29
N SER D 252 27.79 -53.08 -29.46
CA SER D 252 26.86 -53.87 -28.65
C SER D 252 27.51 -54.23 -27.30
N ALA D 253 27.69 -53.20 -26.48
CA ALA D 253 28.45 -53.34 -25.24
C ALA D 253 27.66 -52.78 -24.06
N ALA D 254 28.04 -53.24 -22.87
CA ALA D 254 27.55 -52.63 -21.64
C ALA D 254 28.36 -51.38 -21.36
N VAL D 255 27.67 -50.29 -21.01
CA VAL D 255 28.30 -49.00 -20.80
C VAL D 255 28.26 -48.64 -19.32
N LEU D 256 29.37 -48.08 -18.83
CA LEU D 256 29.46 -47.59 -17.46
C LEU D 256 30.02 -46.18 -17.48
N GLY D 257 29.29 -45.24 -16.90
CA GLY D 257 29.72 -43.86 -16.78
C GLY D 257 30.22 -43.60 -15.38
N THR D 258 31.50 -43.22 -15.28
CA THR D 258 32.18 -43.11 -13.99
C THR D 258 32.21 -41.69 -13.43
N SER D 259 32.17 -40.67 -14.28
CA SER D 259 32.30 -39.30 -13.82
C SER D 259 31.43 -38.41 -14.69
N ASN D 260 31.76 -37.11 -14.73
CA ASN D 260 30.94 -36.17 -15.48
C ASN D 260 31.12 -36.38 -16.97
N CYS D 261 30.38 -35.58 -17.73
CA CYS D 261 30.14 -35.77 -19.16
C CYS D 261 29.58 -37.16 -19.41
N VAL D 262 28.38 -37.35 -18.86
CA VAL D 262 27.46 -38.42 -19.24
C VAL D 262 26.18 -37.73 -19.72
N LEU D 263 25.61 -38.22 -20.81
CA LEU D 263 24.44 -37.62 -21.42
C LEU D 263 23.21 -38.51 -21.27
N LEU D 264 22.04 -37.87 -21.34
CA LEU D 264 20.77 -38.58 -21.29
C LEU D 264 20.75 -39.67 -22.35
N PRO D 265 20.41 -40.91 -22.00
CA PRO D 265 20.57 -42.02 -22.93
C PRO D 265 19.45 -42.09 -23.96
N ARG D 266 19.76 -42.71 -25.09
CA ARG D 266 18.77 -43.05 -26.10
C ARG D 266 18.33 -44.49 -25.90
N ASP D 267 17.10 -44.78 -26.34
CA ASP D 267 16.46 -46.04 -26.03
C ASP D 267 17.24 -47.25 -26.50
N SER D 268 18.12 -47.09 -27.50
CA SER D 268 18.87 -48.23 -28.01
C SER D 268 19.78 -48.86 -26.96
N TYR D 269 20.34 -48.06 -26.05
CA TYR D 269 21.32 -48.56 -25.08
C TYR D 269 20.96 -48.20 -23.65
N ARG D 270 19.72 -47.83 -23.38
CA ARG D 270 19.35 -47.39 -22.04
C ARG D 270 19.39 -48.53 -21.04
N ASP D 271 18.85 -49.69 -21.41
CA ASP D 271 18.84 -50.85 -20.53
C ASP D 271 20.19 -51.57 -20.48
N ARG D 272 21.22 -51.00 -21.08
CA ARG D 272 22.56 -51.57 -21.05
C ARG D 272 23.58 -50.52 -20.62
N MET D 273 23.13 -49.47 -19.95
CA MET D 273 23.98 -48.44 -19.39
C MET D 273 23.92 -48.47 -17.87
N PHE D 274 25.05 -48.13 -17.25
CA PHE D 274 25.14 -48.07 -15.80
C PHE D 274 25.91 -46.83 -15.40
N THR D 275 25.56 -46.29 -14.23
CA THR D 275 26.24 -45.16 -13.64
C THR D 275 26.91 -45.59 -12.33
N CYS D 276 27.95 -44.85 -11.94
CA CYS D 276 28.61 -45.12 -10.67
C CYS D 276 29.28 -43.84 -10.19
N GLY D 277 29.67 -43.85 -8.93
CA GLY D 277 30.26 -42.66 -8.33
C GLY D 277 29.21 -41.57 -8.14
N VAL D 278 29.50 -40.38 -8.68
CA VAL D 278 28.54 -39.28 -8.62
C VAL D 278 27.62 -39.23 -9.83
N ALA D 279 27.95 -39.91 -10.93
CA ALA D 279 27.11 -39.86 -12.11
C ALA D 279 25.80 -40.59 -11.83
N ARG D 280 24.69 -40.00 -12.28
CA ARG D 280 23.38 -40.58 -12.07
C ARG D 280 22.44 -40.10 -13.18
N LEU D 281 21.77 -41.05 -13.82
CA LEU D 281 20.83 -40.78 -14.92
C LEU D 281 19.47 -41.39 -14.61
N PRO D 282 18.37 -40.73 -14.97
CA PRO D 282 17.04 -41.29 -14.70
C PRO D 282 16.80 -42.56 -15.50
N GLY D 283 16.27 -43.59 -14.84
CA GLY D 283 15.99 -44.83 -15.53
C GLY D 283 17.21 -45.64 -15.91
N VAL D 284 18.39 -45.27 -15.42
CA VAL D 284 19.63 -46.00 -15.63
C VAL D 284 20.04 -46.61 -14.30
N GLU D 285 20.40 -47.89 -14.32
CA GLU D 285 20.82 -48.58 -13.10
C GLU D 285 22.09 -47.95 -12.53
N HIS D 286 22.10 -47.73 -11.22
CA HIS D 286 23.27 -47.18 -10.56
C HIS D 286 24.06 -48.28 -9.84
N VAL D 287 25.37 -48.16 -9.87
CA VAL D 287 26.25 -49.15 -9.27
C VAL D 287 26.44 -48.85 -7.79
N ASP D 288 26.23 -49.86 -6.96
CA ASP D 288 26.33 -49.75 -5.50
C ASP D 288 27.81 -49.77 -5.16
N GLY D 289 28.37 -48.60 -4.84
CA GLY D 289 29.78 -48.46 -4.56
C GLY D 289 30.64 -48.87 -5.74
N TYR D 290 31.32 -50.01 -5.65
CA TYR D 290 32.13 -50.54 -6.75
C TYR D 290 31.72 -51.96 -7.10
N ASP D 291 30.45 -52.30 -6.89
CA ASP D 291 29.93 -53.64 -7.17
C ASP D 291 29.53 -53.68 -8.64
N PHE D 292 30.48 -54.05 -9.50
CA PHE D 292 30.25 -54.04 -10.95
C PHE D 292 29.70 -55.37 -11.45
N SER D 293 29.19 -56.21 -10.56
CA SER D 293 28.52 -57.44 -10.99
C SER D 293 27.40 -57.22 -12.01
N PRO D 294 26.52 -56.21 -11.88
CA PRO D 294 25.48 -56.04 -12.91
C PRO D 294 26.04 -55.72 -14.28
N VAL D 295 27.08 -54.89 -14.35
CA VAL D 295 27.64 -54.53 -15.65
C VAL D 295 28.24 -55.76 -16.32
N ILE D 296 28.96 -56.58 -15.55
CA ILE D 296 29.53 -57.80 -16.10
C ILE D 296 28.43 -58.75 -16.56
N GLU D 297 27.38 -58.86 -15.74
CA GLU D 297 26.21 -59.64 -16.12
C GLU D 297 25.65 -59.18 -17.46
N LYS D 298 25.48 -57.87 -17.62
CA LYS D 298 24.98 -57.31 -18.87
C LYS D 298 25.88 -57.66 -20.04
N ALA D 299 27.18 -57.37 -19.93
CA ALA D 299 28.12 -57.64 -21.01
C ALA D 299 28.08 -59.12 -21.40
N LEU D 300 27.95 -60.01 -20.42
CA LEU D 300 27.90 -61.44 -20.72
C LEU D 300 26.55 -61.88 -21.27
N GLU D 301 25.49 -61.11 -21.04
CA GLU D 301 24.19 -61.43 -21.64
C GLU D 301 24.05 -60.90 -23.05
N LEU D 302 24.84 -59.88 -23.41
CA LEU D 302 24.72 -59.18 -24.68
C LEU D 302 25.39 -59.95 -25.81
N PRO D 303 24.94 -59.75 -27.05
CA PRO D 303 25.69 -60.26 -28.19
C PRO D 303 27.09 -59.66 -28.20
N PRO D 304 28.12 -60.50 -28.32
CA PRO D 304 29.49 -59.99 -28.25
C PRO D 304 29.80 -59.03 -29.38
N LEU D 305 30.88 -58.27 -29.21
CA LEU D 305 31.37 -57.38 -30.25
C LEU D 305 32.07 -58.16 -31.36
N LYS D 306 32.30 -57.47 -32.47
CA LYS D 306 32.94 -58.04 -33.64
C LYS D 306 34.27 -57.32 -33.90
N GLU D 307 35.29 -58.08 -34.27
CA GLU D 307 36.59 -57.51 -34.58
C GLU D 307 36.47 -56.55 -35.74
N GLU D 308 37.28 -55.49 -35.71
CA GLU D 308 37.25 -54.49 -36.76
C GLU D 308 38.68 -54.01 -36.97
N ASP D 309 39.04 -53.72 -38.21
CA ASP D 309 40.33 -53.10 -38.49
C ASP D 309 40.45 -51.83 -37.67
N SER D 310 41.42 -51.82 -36.77
CA SER D 310 41.53 -50.77 -35.77
C SER D 310 42.51 -49.70 -36.21
N ALA D 311 42.45 -48.56 -35.52
CA ALA D 311 43.46 -47.52 -35.61
C ALA D 311 44.16 -47.41 -34.27
N THR D 312 45.00 -46.39 -34.11
CA THR D 312 45.78 -46.24 -32.90
C THR D 312 45.85 -44.77 -32.48
N LEU D 313 45.98 -44.57 -31.17
CA LEU D 313 46.23 -43.26 -30.58
C LEU D 313 47.41 -43.38 -29.63
N THR D 314 48.14 -42.30 -29.44
CA THR D 314 49.35 -42.31 -28.62
C THR D 314 49.14 -41.41 -27.39
N THR D 315 49.18 -42.00 -26.21
CA THR D 315 48.87 -41.25 -25.00
C THR D 315 49.84 -41.59 -23.89
N GLY D 316 49.81 -40.77 -22.84
CA GLY D 316 50.48 -41.09 -21.60
C GLY D 316 51.90 -40.58 -21.48
N PHE D 317 52.14 -39.32 -21.85
CA PHE D 317 53.47 -38.72 -21.69
C PHE D 317 53.56 -38.14 -20.28
N GLY D 318 54.07 -38.94 -19.36
CA GLY D 318 54.37 -38.43 -18.04
C GLY D 318 55.51 -37.43 -18.08
N LEU D 319 55.65 -36.68 -16.98
CA LEU D 319 56.69 -35.65 -16.93
C LEU D 319 58.07 -36.25 -17.19
N SER D 320 58.32 -37.46 -16.67
CA SER D 320 59.65 -38.04 -16.78
C SER D 320 59.99 -38.40 -18.22
N THR D 321 59.00 -38.92 -18.97
CA THR D 321 59.24 -39.21 -20.37
C THR D 321 59.62 -37.95 -21.14
N ILE D 322 58.94 -36.85 -20.83
CA ILE D 322 59.25 -35.58 -21.50
C ILE D 322 60.62 -35.07 -21.08
N LEU D 323 60.96 -35.21 -19.80
CA LEU D 323 62.24 -34.69 -19.32
C LEU D 323 63.42 -35.50 -19.84
N SER D 324 63.20 -36.78 -20.15
CA SER D 324 64.25 -37.56 -20.80
C SER D 324 64.56 -37.08 -22.21
N LEU D 325 63.83 -36.08 -22.71
CA LEU D 325 64.05 -35.52 -24.04
C LEU D 325 64.46 -34.06 -23.99
N ALA D 326 64.71 -33.53 -22.79
CA ALA D 326 64.94 -32.10 -22.62
C ALA D 326 66.19 -31.63 -23.35
N ASP D 327 67.28 -32.40 -23.28
CA ASP D 327 68.52 -31.95 -23.89
C ASP D 327 68.42 -31.96 -25.41
N LYS D 328 67.79 -32.98 -25.98
CA LYS D 328 67.55 -32.99 -27.41
C LYS D 328 66.62 -31.86 -27.84
N ILE D 329 65.63 -31.54 -27.01
CA ILE D 329 64.76 -30.40 -27.33
C ILE D 329 65.56 -29.10 -27.33
N LYS D 330 66.46 -28.94 -26.37
CA LYS D 330 67.34 -27.78 -26.37
C LYS D 330 68.16 -27.73 -27.65
N GLU D 331 68.78 -28.86 -28.01
CA GLU D 331 69.53 -28.97 -29.26
C GLU D 331 68.68 -28.52 -30.44
N LEU D 332 67.44 -29.00 -30.51
CA LEU D 332 66.60 -28.76 -31.68
C LEU D 332 66.15 -27.32 -31.74
N VAL D 333 65.82 -26.71 -30.59
CA VAL D 333 65.40 -25.32 -30.61
C VAL D 333 66.57 -24.41 -30.94
N GLU D 334 67.76 -24.71 -30.40
CA GLU D 334 68.92 -23.87 -30.67
C GLU D 334 69.40 -24.02 -32.12
N GLU D 335 69.20 -25.19 -32.72
CA GLU D 335 69.46 -25.36 -34.14
C GLU D 335 68.46 -24.59 -34.98
N GLY D 336 67.23 -24.46 -34.50
CA GLY D 336 66.14 -23.85 -35.22
C GLY D 336 65.16 -24.84 -35.83
N LYS D 337 65.41 -26.14 -35.69
CA LYS D 337 64.48 -27.14 -36.22
C LYS D 337 63.24 -27.30 -35.34
N ILE D 338 63.16 -26.58 -34.23
CA ILE D 338 61.91 -26.44 -33.48
C ILE D 338 61.76 -24.96 -33.16
N ARG D 339 60.64 -24.37 -33.57
CA ARG D 339 60.47 -22.93 -33.47
C ARG D 339 59.54 -22.51 -32.34
N ARG D 340 58.59 -23.36 -31.95
CA ARG D 340 57.73 -22.99 -30.82
C ARG D 340 56.92 -24.18 -30.31
N PHE D 341 56.61 -24.12 -29.02
CA PHE D 341 55.69 -25.02 -28.36
C PHE D 341 54.31 -24.39 -28.27
N PHE D 342 53.28 -25.21 -28.45
CA PHE D 342 51.89 -24.75 -28.35
C PHE D 342 51.19 -25.70 -27.40
N LEU D 343 50.56 -25.14 -26.36
CA LEU D 343 49.70 -25.90 -25.45
C LEU D 343 48.26 -25.74 -25.92
N VAL D 344 47.71 -26.80 -26.51
CA VAL D 344 46.39 -26.77 -27.13
C VAL D 344 45.59 -27.92 -26.56
N GLY D 345 44.58 -27.61 -25.76
CA GLY D 345 43.78 -28.66 -25.16
C GLY D 345 42.81 -28.07 -24.16
N GLY D 346 42.24 -28.96 -23.35
CA GLY D 346 41.19 -28.57 -22.44
C GLY D 346 39.86 -29.17 -22.82
N ASP D 348 36.18 -29.84 -24.09
CA ASP D 348 35.55 -29.49 -25.36
C ASP D 348 34.03 -29.61 -25.31
N SER D 349 33.40 -29.13 -26.38
CA SER D 349 31.95 -29.09 -26.53
C SER D 349 31.62 -29.33 -28.00
N PRO D 350 30.41 -29.83 -28.31
CA PRO D 350 30.04 -30.04 -29.71
C PRO D 350 29.65 -28.75 -30.42
N LEU D 351 30.14 -27.61 -29.95
CA LEU D 351 29.85 -26.35 -30.60
C LEU D 351 30.55 -26.28 -31.96
N PRO D 352 29.98 -25.54 -32.91
CA PRO D 352 30.68 -25.36 -34.19
C PRO D 352 31.91 -24.48 -34.08
N GLN D 353 31.90 -23.47 -33.19
CA GLN D 353 33.08 -22.63 -33.04
C GLN D 353 34.30 -23.40 -32.55
N ALA D 354 34.12 -24.65 -32.10
CA ALA D 354 35.24 -25.46 -31.66
C ALA D 354 35.95 -26.16 -32.82
N LYS D 355 35.36 -26.19 -34.01
CA LYS D 355 36.10 -26.66 -35.18
C LYS D 355 37.41 -25.91 -35.35
N TYR D 356 37.48 -24.68 -34.83
CA TYR D 356 38.69 -23.88 -34.82
C TYR D 356 39.90 -24.73 -34.44
N TYR D 357 39.76 -25.54 -33.37
CA TYR D 357 40.92 -26.28 -32.88
C TYR D 357 41.48 -27.19 -33.96
N THR D 358 40.62 -27.99 -34.60
CA THR D 358 41.10 -28.88 -35.65
C THR D 358 41.79 -28.09 -36.77
N GLU D 359 41.25 -26.92 -37.10
CA GLU D 359 41.90 -26.10 -38.11
C GLU D 359 43.23 -25.57 -37.59
N PHE D 360 43.24 -25.11 -36.34
CA PHE D 360 44.42 -24.47 -35.76
C PHE D 360 45.64 -25.38 -35.84
N VAL D 361 45.51 -26.61 -35.35
CA VAL D 361 46.62 -27.55 -35.39
C VAL D 361 46.94 -27.94 -36.82
N ARG D 362 45.92 -27.99 -37.69
CA ARG D 362 46.12 -28.45 -39.06
C ARG D 362 46.94 -27.46 -39.88
N LYS D 363 46.90 -26.18 -39.52
CA LYS D 363 47.67 -25.16 -40.22
C LYS D 363 48.95 -24.79 -39.50
N LEU D 364 49.25 -25.43 -38.36
CA LEU D 364 50.45 -25.10 -37.60
C LEU D 364 51.69 -25.50 -38.38
N PRO D 365 52.76 -24.69 -38.33
CA PRO D 365 53.99 -25.04 -39.04
C PRO D 365 54.58 -26.33 -38.51
N GLU D 366 55.35 -27.01 -39.36
CA GLU D 366 55.85 -28.35 -39.07
C GLU D 366 57.09 -28.35 -38.17
N ASP D 367 57.62 -27.17 -37.83
CA ASP D 367 58.71 -27.04 -36.87
C ASP D 367 58.21 -26.59 -35.50
N THR D 368 57.00 -27.02 -35.11
CA THR D 368 56.43 -26.70 -33.82
C THR D 368 55.90 -27.98 -33.19
N VAL D 369 55.81 -27.98 -31.86
CA VAL D 369 55.21 -29.16 -31.22
C VAL D 369 54.01 -28.75 -30.37
N VAL D 370 53.05 -29.66 -30.27
CA VAL D 370 51.78 -29.44 -29.57
C VAL D 370 51.72 -30.34 -28.35
N LEU D 371 51.31 -29.78 -27.22
CA LEU D 371 50.97 -30.53 -26.02
C LEU D 371 49.46 -30.41 -25.82
N THR D 372 48.79 -31.53 -25.66
CA THR D 372 47.33 -31.56 -25.61
C THR D 372 46.85 -32.14 -24.28
N LEU D 373 45.53 -32.13 -24.10
CA LEU D 373 44.94 -32.34 -22.79
C LEU D 373 43.44 -32.52 -22.92
N ALA D 374 42.85 -33.20 -21.94
CA ALA D 374 41.40 -33.37 -21.81
C ALA D 374 40.73 -33.85 -23.11
N CYS D 375 39.42 -33.62 -23.25
CA CYS D 375 38.72 -34.14 -24.42
C CYS D 375 39.02 -33.34 -25.68
N GLY D 376 39.48 -32.10 -25.53
CA GLY D 376 39.88 -31.29 -26.67
C GLY D 376 41.01 -31.90 -27.48
N LYS D 377 41.59 -32.99 -27.00
CA LYS D 377 42.59 -33.71 -27.79
C LYS D 377 41.94 -34.41 -28.98
N TYR D 378 40.69 -34.87 -28.83
CA TYR D 378 40.03 -35.65 -29.88
C TYR D 378 39.71 -34.83 -31.13
N ARG D 379 40.16 -33.58 -31.16
CA ARG D 379 40.08 -32.73 -32.34
C ARG D 379 41.26 -32.90 -33.29
N PHE D 380 42.34 -33.56 -32.86
CA PHE D 380 43.54 -33.63 -33.68
C PHE D 380 44.53 -34.70 -33.25
N ASN D 381 44.14 -35.60 -32.36
CA ASN D 381 45.07 -36.64 -31.95
C ASN D 381 45.21 -37.73 -33.00
N SER D 382 44.24 -37.87 -33.91
CA SER D 382 44.34 -38.84 -34.99
C SER D 382 45.14 -38.34 -36.20
N MET D 383 45.50 -37.06 -36.21
CA MET D 383 46.30 -36.53 -37.31
C MET D 383 47.72 -37.09 -37.28
N ASP D 384 48.24 -37.46 -38.44
CA ASP D 384 49.56 -38.07 -38.55
C ASP D 384 50.61 -36.97 -38.67
N LEU D 385 50.87 -36.32 -37.53
CA LEU D 385 51.76 -35.18 -37.47
C LEU D 385 53.23 -35.57 -37.46
N GLY D 386 53.54 -36.80 -37.07
CA GLY D 386 54.91 -37.28 -37.08
C GLY D 386 55.74 -36.73 -35.95
N ASP D 387 57.00 -36.38 -36.23
CA ASP D 387 57.92 -35.97 -35.19
C ASP D 387 58.93 -35.01 -35.78
N ILE D 388 59.75 -34.44 -34.89
CA ILE D 388 60.83 -33.53 -35.28
C ILE D 388 62.12 -34.17 -34.79
N ASP D 389 62.84 -34.82 -35.71
CA ASP D 389 64.14 -35.43 -35.41
C ASP D 389 64.04 -36.41 -34.24
N GLY D 390 62.92 -37.13 -34.16
CA GLY D 390 62.64 -38.06 -33.09
C GLY D 390 61.73 -37.54 -32.00
N ILE D 391 61.52 -36.23 -31.93
CA ILE D 391 60.68 -35.63 -30.90
C ILE D 391 59.26 -35.53 -31.45
N PRO D 392 58.26 -36.17 -30.85
CA PRO D 392 56.90 -36.12 -31.41
C PRO D 392 56.33 -34.71 -31.42
N ARG D 393 55.58 -34.40 -32.47
CA ARG D 393 54.97 -33.08 -32.55
C ARG D 393 53.71 -32.98 -31.71
N LEU D 394 53.10 -34.10 -31.36
CA LEU D 394 51.97 -34.15 -30.46
C LEU D 394 52.32 -34.95 -29.21
N ILE D 395 52.00 -34.39 -28.05
CA ILE D 395 52.30 -35.00 -26.76
C ILE D 395 51.05 -34.94 -25.88
N ASP D 396 50.54 -36.11 -25.50
CA ASP D 396 49.33 -36.21 -24.69
C ASP D 396 49.71 -36.30 -23.21
N LEU D 397 49.36 -35.28 -22.44
CA LEU D 397 49.70 -35.26 -21.03
C LEU D 397 48.71 -36.05 -20.19
N GLY D 398 47.49 -36.24 -20.68
CA GLY D 398 46.51 -37.07 -20.00
C GLY D 398 45.15 -36.44 -19.88
N GLN D 399 44.59 -36.40 -18.67
CA GLN D 399 43.27 -35.85 -18.46
C GLN D 399 43.33 -34.34 -18.31
N CYS D 400 42.17 -33.71 -18.08
CA CYS D 400 42.16 -32.29 -17.76
C CYS D 400 42.90 -32.04 -16.47
N ASN D 401 42.73 -32.92 -15.49
CA ASN D 401 43.46 -32.80 -14.23
C ASN D 401 44.97 -32.95 -14.42
N ASP D 402 45.42 -33.42 -15.58
CA ASP D 402 46.85 -33.43 -15.89
C ASP D 402 47.37 -32.09 -16.36
N SER D 403 46.53 -31.05 -16.39
CA SER D 403 47.00 -29.69 -16.59
C SER D 403 48.22 -29.41 -15.74
N ILE D 404 48.24 -29.96 -14.52
CA ILE D 404 49.32 -29.69 -13.58
C ILE D 404 50.67 -30.06 -14.17
N VAL D 405 50.76 -31.20 -14.85
CA VAL D 405 52.05 -31.58 -15.39
C VAL D 405 52.49 -30.56 -16.45
N ALA D 406 51.54 -30.07 -17.25
CA ALA D 406 51.87 -28.98 -18.17
C ALA D 406 52.53 -27.83 -17.42
N VAL D 407 51.92 -27.41 -16.30
CA VAL D 407 52.53 -26.40 -15.44
C VAL D 407 53.98 -26.77 -15.15
N GLU D 408 54.19 -27.96 -14.57
CA GLU D 408 55.54 -28.43 -14.29
C GLU D 408 56.43 -28.27 -15.52
N LEU D 409 55.92 -28.67 -16.68
CA LEU D 409 56.69 -28.63 -17.92
C LEU D 409 57.27 -27.24 -18.18
N VAL D 410 56.44 -26.20 -18.13
CA VAL D 410 56.98 -24.89 -18.49
C VAL D 410 58.05 -24.51 -17.48
N GLU D 411 57.85 -24.85 -16.21
CA GLU D 411 58.86 -24.53 -15.21
C GLU D 411 60.17 -25.21 -15.56
N ALA D 412 60.09 -26.49 -15.96
CA ALA D 412 61.30 -27.18 -16.40
C ALA D 412 61.88 -26.49 -17.62
N LEU D 413 61.02 -26.14 -18.57
CA LEU D 413 61.50 -25.44 -19.75
C LEU D 413 62.13 -24.13 -19.34
N SER D 414 61.51 -23.42 -18.40
CA SER D 414 62.10 -22.17 -17.93
C SER D 414 63.47 -22.41 -17.35
N ASN D 415 63.69 -23.57 -16.72
CA ASN D 415 65.03 -23.90 -16.23
C ASN D 415 65.91 -24.50 -17.32
N LEU D 416 65.29 -25.12 -18.33
CA LEU D 416 66.05 -25.73 -19.43
C LEU D 416 66.72 -24.65 -20.26
N PHE D 417 65.94 -23.72 -20.81
CA PHE D 417 66.47 -22.67 -21.66
C PHE D 417 66.95 -21.45 -20.87
N SER D 418 66.80 -21.45 -19.55
CA SER D 418 67.25 -20.35 -18.70
C SER D 418 66.55 -19.05 -19.05
N MET D 419 65.23 -19.13 -19.18
CA MET D 419 64.41 -17.96 -19.49
C MET D 419 63.21 -17.90 -18.56
N ASP D 420 62.73 -16.69 -18.33
CA ASP D 420 61.49 -16.52 -17.57
C ASP D 420 60.32 -17.15 -18.33
N VAL D 421 59.30 -17.56 -17.57
CA VAL D 421 58.14 -18.22 -18.18
C VAL D 421 57.55 -17.35 -19.29
N ASN D 422 57.43 -16.05 -19.04
CA ASN D 422 56.91 -15.11 -20.05
C ASN D 422 57.98 -14.63 -21.01
N GLU D 423 58.93 -15.50 -21.34
CA GLU D 423 59.88 -15.26 -22.41
C GLU D 423 60.16 -16.53 -23.21
N LEU D 424 59.53 -17.64 -22.85
CA LEU D 424 59.73 -18.90 -23.52
C LEU D 424 59.10 -18.86 -24.92
N PRO D 425 59.58 -19.72 -25.83
CA PRO D 425 58.88 -19.93 -27.11
C PRO D 425 57.68 -20.87 -26.92
N LEU D 426 56.66 -20.36 -26.25
CA LEU D 426 55.50 -21.14 -25.84
C LEU D 426 54.23 -20.31 -26.00
N SER D 427 53.21 -20.91 -26.61
CA SER D 427 51.89 -20.31 -26.67
C SER D 427 50.87 -21.26 -26.06
N ILE D 428 49.83 -20.70 -25.45
CA ILE D 428 48.83 -21.49 -24.74
C ILE D 428 47.46 -21.19 -25.34
N VAL D 429 46.74 -22.24 -25.72
CA VAL D 429 45.42 -22.13 -26.34
C VAL D 429 44.49 -23.07 -25.60
N LEU D 430 43.59 -22.50 -24.81
CA LEU D 430 42.67 -23.25 -23.97
C LEU D 430 41.39 -23.58 -24.70
N SER D 431 40.88 -24.77 -24.43
CA SER D 431 39.49 -25.12 -24.66
C SER D 431 38.84 -25.35 -23.31
N TRP D 432 37.69 -24.71 -23.08
CA TRP D 432 36.96 -24.89 -21.84
C TRP D 432 35.52 -25.29 -22.14
N MET D 433 34.89 -25.94 -21.17
CA MET D 433 33.49 -26.33 -21.29
C MET D 433 32.79 -26.26 -19.95
N GLU D 434 33.47 -26.63 -18.88
CA GLU D 434 32.81 -26.83 -17.59
C GLU D 434 33.53 -26.07 -16.47
N GLN D 435 33.19 -26.43 -15.23
CA GLN D 435 33.69 -25.74 -14.06
C GLN D 435 35.13 -26.13 -13.75
N LYS D 436 35.46 -27.42 -13.90
CA LYS D 436 36.86 -27.84 -13.79
C LYS D 436 37.76 -26.96 -14.65
N ALA D 437 37.29 -26.64 -15.86
CA ALA D 437 38.06 -25.74 -16.72
C ALA D 437 38.17 -24.35 -16.13
N ALA D 438 37.14 -23.88 -15.43
CA ALA D 438 37.24 -22.58 -14.78
C ALA D 438 38.31 -22.60 -13.70
N ALA D 439 38.33 -23.66 -12.89
CA ALA D 439 39.38 -23.80 -11.89
C ALA D 439 40.76 -23.86 -12.54
N ILE D 440 40.87 -24.58 -13.67
CA ILE D 440 42.15 -24.65 -14.37
C ILE D 440 42.57 -23.29 -14.89
N LEU D 441 41.62 -22.53 -15.44
CA LEU D 441 41.94 -21.20 -15.95
C LEU D 441 42.42 -20.29 -14.83
N TRP D 442 41.74 -20.32 -13.68
CA TRP D 442 42.19 -19.48 -12.58
C TRP D 442 43.50 -19.97 -11.99
N SER D 443 43.79 -21.27 -12.11
CA SER D 443 45.11 -21.78 -11.77
C SER D 443 46.17 -21.16 -12.66
N LEU D 444 45.91 -21.14 -13.97
CA LEU D 444 46.86 -20.54 -14.90
C LEU D 444 47.01 -19.04 -14.65
N LEU D 445 45.93 -18.37 -14.28
CA LEU D 445 45.99 -16.93 -14.02
C LEU D 445 46.73 -16.62 -12.73
N SER D 446 46.59 -17.48 -11.71
CA SER D 446 47.38 -17.30 -10.50
C SER D 446 48.87 -17.44 -10.76
N LEU D 447 49.23 -18.10 -11.86
CA LEU D 447 50.62 -18.22 -12.29
C LEU D 447 51.04 -17.09 -13.22
N ASN D 448 50.15 -16.13 -13.47
CA ASN D 448 50.46 -14.94 -14.27
C ASN D 448 50.91 -15.33 -15.68
N LEU D 449 50.12 -16.18 -16.34
CA LEU D 449 50.37 -16.60 -17.71
C LEU D 449 49.64 -15.63 -18.64
N ARG D 450 50.39 -14.70 -19.21
CA ARG D 450 49.82 -13.60 -19.98
C ARG D 450 49.83 -13.95 -21.47
N GLY D 451 48.77 -13.52 -22.17
CA GLY D 451 48.66 -13.81 -23.58
C GLY D 451 48.10 -15.17 -23.90
N MET D 452 47.33 -15.76 -22.99
CA MET D 452 46.69 -17.03 -23.26
C MET D 452 45.49 -16.84 -24.15
N TYR D 453 45.18 -17.85 -24.94
CA TYR D 453 44.03 -17.84 -25.82
C TYR D 453 42.96 -18.74 -25.22
N ILE D 454 41.70 -18.38 -25.43
CA ILE D 454 40.58 -19.06 -24.81
C ILE D 454 39.50 -19.32 -25.87
N GLY D 455 39.00 -20.55 -25.91
CA GLY D 455 37.87 -20.90 -26.74
C GLY D 455 36.97 -21.88 -26.00
N PRO D 456 35.82 -22.21 -26.59
CA PRO D 456 35.32 -21.77 -27.89
C PRO D 456 34.65 -20.40 -27.79
N ILE D 457 34.34 -19.99 -26.56
CA ILE D 457 33.62 -18.75 -26.29
C ILE D 457 34.09 -18.22 -24.95
N LEU D 458 33.82 -16.95 -24.70
CA LEU D 458 34.06 -16.38 -23.39
C LEU D 458 32.94 -16.82 -22.43
N PRO D 459 33.29 -17.15 -21.19
CA PRO D 459 32.28 -17.59 -20.21
C PRO D 459 31.02 -16.71 -20.18
N GLY D 460 29.86 -17.36 -20.10
CA GLY D 460 28.60 -16.64 -20.14
C GLY D 460 28.31 -15.80 -18.91
N TRP D 461 29.13 -15.89 -17.87
CA TRP D 461 28.94 -15.14 -16.64
C TRP D 461 29.84 -13.92 -16.52
N ALA D 462 30.63 -13.65 -17.54
CA ALA D 462 31.60 -12.54 -17.51
C ALA D 462 30.96 -11.33 -18.18
N ASN D 463 30.53 -10.35 -17.39
CA ASN D 463 30.09 -9.10 -17.98
C ASN D 463 31.30 -8.31 -18.50
N ASP D 464 31.01 -7.13 -19.08
CA ASP D 464 32.07 -6.28 -19.63
C ASP D 464 33.17 -5.97 -18.62
N ASP D 465 32.80 -5.76 -17.35
CA ASP D 465 33.81 -5.49 -16.32
C ASP D 465 34.79 -6.65 -16.18
N ILE D 466 34.28 -7.87 -16.09
CA ILE D 466 35.12 -9.04 -15.90
C ILE D 466 36.00 -9.27 -17.13
N ILE D 467 35.40 -9.17 -18.32
CA ILE D 467 36.17 -9.33 -19.55
C ILE D 467 37.29 -8.30 -19.61
N ASN D 468 37.01 -7.07 -19.20
CA ASN D 468 38.05 -6.04 -19.23
C ASN D 468 39.14 -6.33 -18.22
N VAL D 469 38.78 -6.81 -17.02
CA VAL D 469 39.80 -7.21 -16.06
C VAL D 469 40.72 -8.25 -16.68
N LEU D 470 40.12 -9.29 -17.28
CA LEU D 470 40.89 -10.37 -17.89
C LEU D 470 41.80 -9.84 -18.99
N VAL D 471 41.28 -8.93 -19.83
CA VAL D 471 42.03 -8.51 -21.01
C VAL D 471 43.10 -7.48 -20.66
N ASP D 472 42.87 -6.63 -19.67
CA ASP D 472 43.83 -5.59 -19.34
C ASP D 472 44.92 -6.08 -18.38
N LYS D 473 44.58 -6.91 -17.40
CA LYS D 473 45.59 -7.34 -16.46
C LYS D 473 46.23 -8.68 -16.82
N TYR D 474 45.54 -9.52 -17.59
CA TYR D 474 46.08 -10.83 -17.96
C TYR D 474 46.16 -11.05 -19.45
N GLU D 475 45.72 -10.09 -20.27
CA GLU D 475 45.87 -10.15 -21.73
C GLU D 475 45.31 -11.44 -22.30
N LEU D 476 44.23 -11.93 -21.68
CA LEU D 476 43.54 -13.11 -22.17
C LEU D 476 42.92 -12.81 -23.52
N THR D 477 43.40 -13.47 -24.57
CA THR D 477 42.97 -13.18 -25.93
C THR D 477 41.97 -14.23 -26.39
N PRO D 478 40.75 -13.84 -26.77
CA PRO D 478 39.81 -14.84 -27.30
C PRO D 478 40.24 -15.35 -28.66
N ILE D 479 39.90 -16.62 -28.92
CA ILE D 479 40.26 -17.22 -30.20
C ILE D 479 39.55 -16.49 -31.33
N GLY D 480 40.28 -16.28 -32.42
CA GLY D 480 39.73 -15.63 -33.59
C GLY D 480 39.82 -16.52 -34.81
N ASP D 481 40.80 -16.23 -35.66
CA ASP D 481 41.02 -17.00 -36.85
C ASP D 481 42.28 -17.82 -36.73
N PRO D 482 42.25 -19.12 -37.01
CA PRO D 482 43.45 -19.95 -36.82
C PRO D 482 44.71 -19.39 -37.46
N GLU D 483 44.67 -19.10 -38.76
CA GLU D 483 45.87 -18.63 -39.44
C GLU D 483 46.35 -17.30 -38.85
N GLU D 484 45.44 -16.35 -38.66
CA GLU D 484 45.84 -15.07 -38.09
C GLU D 484 46.38 -15.24 -36.67
N ASP D 485 45.76 -16.11 -35.87
CA ASP D 485 46.26 -16.35 -34.51
C ASP D 485 47.67 -16.90 -34.52
N ILE D 486 47.92 -17.94 -35.32
CA ILE D 486 49.25 -18.51 -35.43
C ILE D 486 50.24 -17.44 -35.88
N LYS D 487 49.84 -16.62 -36.85
CA LYS D 487 50.72 -15.56 -37.35
C LYS D 487 51.05 -14.57 -36.25
N LYS D 488 50.08 -14.22 -35.41
CA LYS D 488 50.36 -13.31 -34.30
C LYS D 488 51.32 -13.94 -33.30
N MET D 489 51.12 -15.22 -32.98
CA MET D 489 51.90 -15.85 -31.91
C MET D 489 53.35 -16.10 -32.30
N MET D 490 53.65 -16.25 -33.60
CA MET D 490 54.95 -16.72 -34.04
C MET D 490 55.83 -15.67 -34.69
N GLU D 491 55.48 -14.39 -34.60
CA GLU D 491 56.25 -13.39 -35.33
C GLU D 491 57.51 -12.96 -34.59
N VAL D 492 58.52 -12.54 -35.37
CA VAL D 492 59.85 -12.21 -34.87
C VAL D 492 60.28 -10.89 -35.50
N ASP D 493 59.31 -10.10 -35.94
CA ASP D 493 59.57 -8.79 -36.54
C ASP D 493 59.14 -7.66 -35.61
#